data_1DEE
#
_entry.id   1DEE
#
_cell.length_a   68.520
_cell.length_b   78.910
_cell.length_c   163.240
_cell.angle_alpha   90.00
_cell.angle_beta   100.71
_cell.angle_gamma   90.00
#
_symmetry.space_group_name_H-M   'P 1 21 1'
#
loop_
_entity.id
_entity.type
_entity.pdbx_description
1 polymer 'IGM RF 2A2'
2 polymer 'IGM RF 2A2'
3 polymer 'IMMUNOGLOBULIN G BINDING PROTEIN A'
4 water water
#
loop_
_entity_poly.entity_id
_entity_poly.type
_entity_poly.pdbx_seq_one_letter_code
_entity_poly.pdbx_strand_id
1 'polypeptide(L)'
;DIQMTQSPSSLSASVGDRVTITCRTSQSISSYLNWYQQKPGKAPKLLIYAASSLQSGVPSRFSGSGSGTDFTLTISSLQP
EDFATYYCQQSYSAPRTFGQGTKVEIKRTVAAPSVFIFPPSDEQLKSGTASVVCLLNNFYPREAKVQWKVDNALQSGNSQ
ESVTEQDSKDSTYSLSSTLTLSKADYEKHKVYACEVTHQGLSSPVTKSFNRGEC
;
A,C,E
2 'polypeptide(L)'
;QVQLVESGGGVVQPGKSLRLSCAASGFTFSGYGMHWVRQAPGKGLEWVALISYDESNKYYADSVKGRFTISRDNSKNTLY
LQMNSLRAEDTAVYYCAKVKFYDPTAPNDYWGQGTLVTVSSGSASAPTLFPLVSCENSNPSSTVAVGCLAQDFLPDSITF
SWKYKNNSDISSTRGFPSVLRGGKYAATSQVLLPSKDVAQGTNEHVVCKVQHPNGNKEKDVPL
;
B,D,F
3 'polypeptide(L)' FNKDQQSAFYEILNMPNLNEAQRNGFIQSLKDDPSQSTNVLGEAKKLNESQAPK G,H
#
# COMPACT_ATOMS: atom_id res chain seq x y z
N ASP A 1 -11.43 20.54 15.67
CA ASP A 1 -11.07 19.82 16.92
C ASP A 1 -9.56 19.89 16.99
N ILE A 2 -9.04 20.30 18.14
CA ILE A 2 -7.60 20.41 18.30
C ILE A 2 -7.05 19.05 18.73
N GLN A 3 -6.36 18.40 17.81
CA GLN A 3 -5.76 17.10 18.08
C GLN A 3 -4.57 17.23 19.02
N MET A 4 -4.59 16.47 20.11
CA MET A 4 -3.53 16.46 21.10
C MET A 4 -2.74 15.19 20.92
N THR A 5 -1.43 15.32 20.78
CA THR A 5 -0.55 14.19 20.60
C THR A 5 0.39 14.17 21.78
N GLN A 6 0.39 13.08 22.51
CA GLN A 6 1.21 12.96 23.69
C GLN A 6 2.28 11.90 23.47
N SER A 7 3.49 12.17 23.95
CA SER A 7 4.63 11.27 23.81
C SER A 7 5.45 11.36 25.07
N PRO A 8 5.94 10.23 25.57
CA PRO A 8 5.75 8.91 25.00
C PRO A 8 4.45 8.30 25.56
N SER A 9 4.01 7.18 24.98
CA SER A 9 2.79 6.48 25.40
C SER A 9 3.01 5.90 26.78
N SER A 10 4.24 5.48 27.03
CA SER A 10 4.61 4.90 28.30
C SER A 10 6.09 5.13 28.47
N LEU A 11 6.52 5.26 29.73
CA LEU A 11 7.92 5.46 30.01
C LEU A 11 8.27 4.80 31.32
N SER A 12 9.36 4.05 31.30
CA SER A 12 9.84 3.33 32.47
C SER A 12 10.83 4.22 33.15
N ALA A 13 10.71 4.36 34.47
CA ALA A 13 11.58 5.22 35.20
C ALA A 13 11.65 4.77 36.64
N SER A 14 12.68 5.24 37.34
CA SER A 14 12.91 4.89 38.74
C SER A 14 12.85 6.16 39.57
N VAL A 15 12.57 6.01 40.86
CA VAL A 15 12.50 7.13 41.76
C VAL A 15 13.82 7.89 41.68
N GLY A 16 13.72 9.20 41.56
CA GLY A 16 14.91 10.02 41.46
C GLY A 16 15.14 10.49 40.03
N ASP A 17 14.56 9.79 39.07
CA ASP A 17 14.72 10.15 37.68
C ASP A 17 13.95 11.40 37.32
N ARG A 18 14.48 12.17 36.39
CA ARG A 18 13.81 13.38 35.92
C ARG A 18 13.00 12.84 34.76
N VAL A 19 11.73 13.17 34.74
CA VAL A 19 10.86 12.69 33.68
C VAL A 19 10.40 13.88 32.87
N THR A 20 10.14 13.62 31.60
CA THR A 20 9.66 14.63 30.69
C THR A 20 8.68 14.02 29.71
N ILE A 21 7.45 14.49 29.80
CA ILE A 21 6.35 14.05 28.96
C ILE A 21 6.10 15.23 28.04
N THR A 22 5.74 14.96 26.80
CA THR A 22 5.50 15.98 25.81
C THR A 22 4.07 15.88 25.31
N CYS A 23 3.48 17.02 24.97
CA CYS A 23 2.14 17.09 24.45
C CYS A 23 2.22 18.13 23.33
N ARG A 24 1.71 17.79 22.17
CA ARG A 24 1.73 18.67 21.01
C ARG A 24 0.31 18.81 20.48
N THR A 25 -0.03 19.99 20.00
CA THR A 25 -1.36 20.23 19.49
C THR A 25 -1.33 20.46 17.99
N SER A 26 -2.42 20.11 17.30
CA SER A 26 -2.48 20.30 15.85
C SER A 26 -2.56 21.77 15.43
N GLN A 27 -2.92 22.65 16.38
CA GLN A 27 -2.99 24.07 16.11
C GLN A 27 -2.71 24.80 17.41
N SER A 28 -2.27 26.05 17.32
CA SER A 28 -1.94 26.81 18.51
C SER A 28 -3.09 26.93 19.48
N ILE A 29 -2.78 26.67 20.74
CA ILE A 29 -3.73 26.78 21.84
C ILE A 29 -3.17 27.80 22.82
N SER A 30 -2.16 28.54 22.36
CA SER A 30 -1.45 29.57 23.13
C SER A 30 -1.43 29.43 24.64
N SER A 31 -0.55 28.58 25.13
CA SER A 31 -0.38 28.35 26.55
C SER A 31 -1.57 27.84 27.38
N TYR A 32 -2.75 27.66 26.78
CA TYR A 32 -3.89 27.15 27.56
C TYR A 32 -3.95 25.64 27.54
N LEU A 33 -2.95 25.02 28.15
CA LEU A 33 -2.84 23.58 28.23
C LEU A 33 -2.75 23.20 29.70
N ASN A 34 -3.54 22.21 30.11
CA ASN A 34 -3.61 21.77 31.49
C ASN A 34 -3.08 20.33 31.62
N TRP A 35 -2.47 20.01 32.74
CA TRP A 35 -1.90 18.69 32.98
C TRP A 35 -2.58 18.04 34.15
N TYR A 36 -3.09 16.83 33.93
CA TYR A 36 -3.76 16.08 34.97
C TYR A 36 -3.01 14.77 35.20
N GLN A 37 -3.09 14.30 36.44
CA GLN A 37 -2.48 13.06 36.84
C GLN A 37 -3.64 12.16 37.26
N GLN A 38 -3.58 10.88 36.91
CA GLN A 38 -4.64 9.97 37.29
C GLN A 38 -4.06 8.63 37.65
N LYS A 39 -4.48 8.11 38.79
CA LYS A 39 -4.04 6.79 39.23
C LYS A 39 -5.18 5.81 38.98
N PRO A 40 -4.89 4.51 38.95
CA PRO A 40 -5.94 3.52 38.69
C PRO A 40 -7.10 3.59 39.67
N GLY A 41 -8.31 3.66 39.13
CA GLY A 41 -9.51 3.71 39.94
C GLY A 41 -9.85 5.01 40.61
N LYS A 42 -9.03 6.04 40.38
CA LYS A 42 -9.28 7.32 40.99
C LYS A 42 -9.55 8.36 39.92
N ALA A 43 -10.04 9.51 40.34
CA ALA A 43 -10.36 10.60 39.41
C ALA A 43 -9.09 11.39 39.07
N PRO A 44 -9.11 12.12 37.96
CA PRO A 44 -7.93 12.90 37.57
C PRO A 44 -7.73 14.03 38.58
N LYS A 45 -6.48 14.47 38.72
CA LYS A 45 -6.15 15.55 39.63
C LYS A 45 -5.49 16.63 38.78
N LEU A 46 -5.78 17.90 39.07
CA LEU A 46 -5.18 18.99 38.32
C LEU A 46 -3.80 19.26 38.88
N LEU A 47 -2.80 19.26 38.01
CA LEU A 47 -1.43 19.52 38.43
C LEU A 47 -0.95 20.89 37.98
N ILE A 48 -1.16 21.19 36.71
CA ILE A 48 -0.68 22.42 36.12
C ILE A 48 -1.69 22.96 35.12
N TYR A 49 -1.93 24.27 35.18
CA TYR A 49 -2.85 24.92 34.24
C TYR A 49 -2.11 26.05 33.55
N ALA A 50 -2.67 26.51 32.43
CA ALA A 50 -2.09 27.59 31.67
C ALA A 50 -0.63 27.27 31.36
N ALA A 51 -0.38 26.02 30.94
CA ALA A 51 0.94 25.51 30.58
C ALA A 51 2.01 25.48 31.66
N SER A 52 2.00 26.43 32.60
CA SER A 52 3.04 26.47 33.60
C SER A 52 2.67 26.83 35.02
N SER A 53 1.41 27.22 35.24
CA SER A 53 0.99 27.57 36.58
C SER A 53 0.68 26.31 37.36
N LEU A 54 1.27 26.18 38.54
CA LEU A 54 1.06 25.03 39.41
C LEU A 54 -0.22 25.20 40.21
N GLN A 55 -0.99 24.14 40.29
CA GLN A 55 -2.22 24.15 41.05
C GLN A 55 -1.83 24.17 42.52
N SER A 56 -2.70 24.70 43.37
CA SER A 56 -2.43 24.77 44.80
C SER A 56 -2.22 23.37 45.38
N GLY A 57 -1.13 23.17 46.10
CA GLY A 57 -0.85 21.87 46.69
C GLY A 57 0.03 20.93 45.88
N VAL A 58 0.13 21.16 44.57
CA VAL A 58 0.96 20.31 43.72
C VAL A 58 2.43 20.54 44.08
N PRO A 59 3.19 19.45 44.30
CA PRO A 59 4.60 19.54 44.65
C PRO A 59 5.40 20.29 43.60
N SER A 60 6.41 21.03 44.06
CA SER A 60 7.25 21.83 43.17
C SER A 60 8.10 21.04 42.20
N ARG A 61 8.17 19.73 42.36
CA ARG A 61 8.97 18.94 41.44
C ARG A 61 8.27 18.86 40.09
N PHE A 62 7.03 19.35 40.04
CA PHE A 62 6.27 19.36 38.80
C PHE A 62 6.38 20.73 38.18
N SER A 63 6.51 20.76 36.87
CA SER A 63 6.61 22.03 36.16
C SER A 63 6.27 21.82 34.71
N GLY A 64 5.74 22.85 34.08
CA GLY A 64 5.35 22.76 32.70
C GLY A 64 5.95 23.94 31.96
N SER A 65 5.83 23.90 30.65
CA SER A 65 6.36 24.97 29.84
C SER A 65 5.83 24.73 28.44
N GLY A 66 6.06 25.69 27.56
CA GLY A 66 5.62 25.54 26.19
C GLY A 66 4.54 26.54 25.85
N SER A 67 4.31 26.71 24.56
CA SER A 67 3.31 27.63 24.06
C SER A 67 2.96 27.29 22.63
N GLY A 68 1.76 27.67 22.22
CA GLY A 68 1.34 27.41 20.86
C GLY A 68 1.01 25.97 20.59
N THR A 69 2.02 25.19 20.23
CA THR A 69 1.81 23.79 19.89
C THR A 69 2.62 22.75 20.64
N ASP A 70 3.72 23.16 21.27
CA ASP A 70 4.54 22.21 21.99
C ASP A 70 4.66 22.52 23.45
N PHE A 71 4.20 21.59 24.28
CA PHE A 71 4.23 21.73 25.73
C PHE A 71 4.86 20.49 26.31
N THR A 72 5.48 20.62 27.48
CA THR A 72 6.10 19.50 28.13
C THR A 72 5.85 19.59 29.62
N LEU A 73 5.79 18.44 30.28
CA LEU A 73 5.61 18.35 31.72
C LEU A 73 6.90 17.72 32.18
N THR A 74 7.46 18.23 33.26
CA THR A 74 8.70 17.68 33.75
C THR A 74 8.54 17.39 35.22
N ILE A 75 9.01 16.23 35.63
CA ILE A 75 8.95 15.86 37.03
C ILE A 75 10.44 15.76 37.34
N SER A 76 10.96 16.81 37.97
CA SER A 76 12.36 16.91 38.31
C SER A 76 12.95 15.64 38.90
N SER A 77 12.20 14.98 39.77
CA SER A 77 12.68 13.74 40.37
C SER A 77 11.53 12.87 40.86
N LEU A 78 11.16 11.88 40.04
CA LEU A 78 10.08 10.96 40.36
C LEU A 78 10.13 10.49 41.80
N GLN A 79 8.97 10.44 42.41
CA GLN A 79 8.82 9.97 43.76
C GLN A 79 7.87 8.82 43.58
N PRO A 80 7.81 7.91 44.54
CA PRO A 80 6.92 6.74 44.48
C PRO A 80 5.46 7.06 44.11
N GLU A 81 4.96 8.20 44.54
CA GLU A 81 3.60 8.55 44.24
C GLU A 81 3.41 9.16 42.87
N ASP A 82 4.50 9.46 42.17
CA ASP A 82 4.35 10.09 40.87
C ASP A 82 4.07 9.12 39.76
N PHE A 83 4.20 7.83 40.04
CA PHE A 83 3.92 6.84 38.99
C PHE A 83 2.42 6.80 38.83
N ALA A 84 1.96 7.28 37.67
CA ALA A 84 0.55 7.35 37.35
C ALA A 84 0.47 7.62 35.88
N THR A 85 -0.72 7.96 35.41
CA THR A 85 -0.91 8.27 34.01
C THR A 85 -1.12 9.77 33.98
N TYR A 86 -0.59 10.43 32.96
CA TYR A 86 -0.70 11.88 32.86
C TYR A 86 -1.38 12.25 31.56
N TYR A 87 -2.26 13.23 31.62
CA TYR A 87 -2.97 13.69 30.44
C TYR A 87 -2.78 15.15 30.30
N CYS A 88 -2.78 15.62 29.08
CA CYS A 88 -2.67 17.02 28.84
C CYS A 88 -4.00 17.35 28.22
N GLN A 89 -4.47 18.57 28.48
CA GLN A 89 -5.75 19.02 27.95
C GLN A 89 -5.59 20.42 27.44
N GLN A 90 -6.34 20.71 26.39
CA GLN A 90 -6.36 21.99 25.71
C GLN A 90 -7.69 22.67 26.07
N SER A 91 -7.65 23.75 26.85
CA SER A 91 -8.87 24.46 27.24
C SER A 91 -8.97 25.80 26.50
N TYR A 92 -8.41 25.82 25.30
CA TYR A 92 -8.38 27.00 24.46
C TYR A 92 -9.67 27.14 23.64
N SER A 93 -10.21 26.00 23.18
CA SER A 93 -11.42 25.97 22.38
C SER A 93 -12.33 24.88 22.89
N ALA A 94 -13.60 24.96 22.51
CA ALA A 94 -14.59 23.95 22.85
C ALA A 94 -14.73 23.25 21.48
N PRO A 95 -14.72 21.90 21.45
CA PRO A 95 -14.60 20.95 22.56
C PRO A 95 -13.19 20.85 23.13
N ARG A 96 -13.12 20.69 24.44
CA ARG A 96 -11.86 20.54 25.13
C ARG A 96 -11.38 19.14 24.79
N THR A 97 -10.12 19.05 24.38
CA THR A 97 -9.53 17.79 24.00
C THR A 97 -8.44 17.38 24.96
N PHE A 98 -8.21 16.07 25.06
CA PHE A 98 -7.20 15.50 25.94
C PHE A 98 -6.19 14.69 25.15
N GLY A 99 -5.00 14.53 25.73
CA GLY A 99 -3.99 13.73 25.10
C GLY A 99 -4.34 12.31 25.48
N GLN A 100 -3.77 11.35 24.77
CA GLN A 100 -4.05 9.95 25.02
C GLN A 100 -3.49 9.43 26.33
N GLY A 101 -2.66 10.22 26.98
CA GLY A 101 -2.08 9.79 28.24
C GLY A 101 -0.67 9.22 28.11
N THR A 102 0.10 9.34 29.18
CA THR A 102 1.47 8.86 29.21
C THR A 102 1.59 8.10 30.52
N LYS A 103 1.74 6.79 30.44
CA LYS A 103 1.87 6.02 31.66
C LYS A 103 3.34 5.98 32.06
N VAL A 104 3.58 6.34 33.31
CA VAL A 104 4.91 6.38 33.87
C VAL A 104 4.98 5.20 34.80
N GLU A 105 5.61 4.14 34.32
CA GLU A 105 5.74 2.93 35.10
C GLU A 105 7.09 2.79 35.77
N ILE A 106 7.15 1.93 36.79
CA ILE A 106 8.36 1.67 37.54
C ILE A 106 9.32 0.83 36.74
N LYS A 107 10.56 1.32 36.60
CA LYS A 107 11.59 0.61 35.87
C LYS A 107 11.99 -0.59 36.69
N ARG A 108 12.01 -1.72 36.00
CA ARG A 108 12.33 -2.99 36.60
C ARG A 108 13.31 -3.75 35.71
N THR A 109 13.85 -4.84 36.24
CA THR A 109 14.78 -5.68 35.49
C THR A 109 13.94 -6.55 34.58
N VAL A 110 14.49 -6.96 33.45
CA VAL A 110 13.74 -7.81 32.53
C VAL A 110 13.37 -9.14 33.19
N ALA A 111 12.14 -9.59 32.93
CA ALA A 111 11.62 -10.83 33.47
C ALA A 111 10.92 -11.63 32.37
N ALA A 112 11.23 -12.92 32.31
CA ALA A 112 10.63 -13.82 31.34
C ALA A 112 9.29 -14.26 31.93
N PRO A 113 8.25 -14.31 31.10
CA PRO A 113 6.93 -14.73 31.54
C PRO A 113 6.78 -16.23 31.76
N SER A 114 6.05 -16.62 32.81
CA SER A 114 5.78 -18.02 33.06
C SER A 114 4.49 -18.28 32.29
N VAL A 115 4.57 -18.92 31.13
CA VAL A 115 3.37 -19.19 30.34
C VAL A 115 2.64 -20.47 30.82
N PHE A 116 1.31 -20.48 30.69
CA PHE A 116 0.47 -21.64 31.06
C PHE A 116 -0.67 -21.76 30.09
N ILE A 117 -1.06 -22.98 29.73
CA ILE A 117 -2.21 -23.17 28.85
C ILE A 117 -3.22 -24.07 29.55
N PHE A 118 -4.48 -23.68 29.46
CA PHE A 118 -5.58 -24.39 30.09
C PHE A 118 -6.59 -24.69 29.02
N PRO A 119 -7.04 -25.94 28.94
CA PRO A 119 -8.04 -26.31 27.96
C PRO A 119 -9.43 -26.08 28.59
N PRO A 120 -10.47 -25.90 27.77
CA PRO A 120 -11.82 -25.66 28.28
C PRO A 120 -12.38 -26.79 29.11
N SER A 121 -13.12 -26.45 30.15
CA SER A 121 -13.74 -27.45 31.01
C SER A 121 -14.80 -28.22 30.21
N ASP A 122 -15.00 -29.49 30.54
CA ASP A 122 -16.01 -30.29 29.84
C ASP A 122 -17.39 -29.64 29.98
N GLU A 123 -17.65 -29.09 31.16
CA GLU A 123 -18.89 -28.40 31.48
C GLU A 123 -19.16 -27.33 30.42
N GLN A 124 -18.12 -26.56 30.14
CA GLN A 124 -18.21 -25.51 29.15
C GLN A 124 -18.37 -26.08 27.75
N LEU A 125 -17.68 -27.17 27.48
CA LEU A 125 -17.76 -27.81 26.18
C LEU A 125 -19.18 -28.30 25.91
N LYS A 126 -19.77 -28.94 26.91
CA LYS A 126 -21.12 -29.46 26.80
C LYS A 126 -22.12 -28.35 26.51
N SER A 127 -21.86 -27.16 27.03
CA SER A 127 -22.74 -26.02 26.81
C SER A 127 -22.59 -25.27 25.49
N GLY A 128 -21.71 -25.75 24.61
CA GLY A 128 -21.55 -25.11 23.32
C GLY A 128 -20.34 -24.27 22.97
N THR A 129 -19.57 -23.84 23.96
CA THR A 129 -18.40 -23.02 23.67
C THR A 129 -17.09 -23.54 24.26
N ALA A 130 -15.98 -23.18 23.60
CA ALA A 130 -14.67 -23.61 24.05
C ALA A 130 -13.75 -22.42 24.25
N SER A 131 -13.26 -22.28 25.47
CA SER A 131 -12.35 -21.20 25.79
C SER A 131 -11.00 -21.73 26.17
N VAL A 132 -10.05 -21.63 25.25
CA VAL A 132 -8.68 -22.08 25.55
C VAL A 132 -8.00 -20.87 26.14
N VAL A 133 -7.49 -21.03 27.36
CA VAL A 133 -6.84 -19.93 28.07
C VAL A 133 -5.33 -20.07 28.21
N CYS A 134 -4.62 -18.97 27.93
CA CYS A 134 -3.16 -18.91 28.05
C CYS A 134 -2.81 -17.77 28.99
N LEU A 135 -2.22 -18.09 30.14
CA LEU A 135 -1.85 -17.08 31.12
C LEU A 135 -0.35 -16.91 31.19
N LEU A 136 0.14 -15.67 31.05
CA LEU A 136 1.56 -15.38 31.15
C LEU A 136 1.75 -14.67 32.48
N ASN A 137 2.63 -15.18 33.32
CA ASN A 137 2.86 -14.58 34.63
C ASN A 137 4.15 -13.80 34.78
N ASN A 138 4.13 -12.95 35.79
CA ASN A 138 5.25 -12.10 36.20
C ASN A 138 6.37 -11.76 35.21
N PHE A 139 6.01 -11.08 34.12
CA PHE A 139 7.01 -10.69 33.15
C PHE A 139 7.22 -9.19 33.12
N TYR A 140 8.27 -8.77 32.44
CA TYR A 140 8.59 -7.36 32.29
C TYR A 140 9.63 -7.29 31.20
N PRO A 141 9.52 -6.31 30.30
CA PRO A 141 8.50 -5.26 30.20
C PRO A 141 7.13 -5.75 29.74
N ARG A 142 6.16 -4.84 29.70
CA ARG A 142 4.78 -5.14 29.31
C ARG A 142 4.65 -5.73 27.91
N GLU A 143 5.59 -5.39 27.02
CA GLU A 143 5.55 -5.88 25.65
C GLU A 143 5.79 -7.38 25.52
N ALA A 144 4.68 -8.11 25.39
CA ALA A 144 4.65 -9.56 25.23
C ALA A 144 3.67 -9.85 24.11
N LYS A 145 4.04 -10.75 23.21
CA LYS A 145 3.18 -11.08 22.09
C LYS A 145 2.75 -12.54 22.10
N VAL A 146 1.48 -12.78 22.40
CA VAL A 146 0.95 -14.12 22.41
C VAL A 146 0.28 -14.36 21.07
N GLN A 147 0.47 -15.56 20.52
CA GLN A 147 -0.11 -15.90 19.24
C GLN A 147 -0.74 -17.29 19.35
N TRP A 148 -1.96 -17.42 18.85
CA TRP A 148 -2.65 -18.69 18.89
C TRP A 148 -2.44 -19.43 17.58
N LYS A 149 -2.15 -20.71 17.68
CA LYS A 149 -1.94 -21.56 16.53
C LYS A 149 -2.72 -22.83 16.73
N VAL A 150 -3.87 -22.93 16.07
CA VAL A 150 -4.70 -24.11 16.16
C VAL A 150 -4.31 -25.00 14.99
N ASP A 151 -3.63 -26.10 15.31
CA ASP A 151 -3.13 -27.02 14.30
C ASP A 151 -2.10 -26.27 13.47
N ASN A 152 -1.25 -25.53 14.16
CA ASN A 152 -0.19 -24.73 13.52
C ASN A 152 -0.69 -23.75 12.48
N ALA A 153 -1.93 -23.32 12.66
CA ALA A 153 -2.56 -22.33 11.79
C ALA A 153 -2.78 -21.09 12.66
N LEU A 154 -2.27 -19.95 12.19
CA LEU A 154 -2.40 -18.68 12.92
C LEU A 154 -3.83 -18.29 13.19
N GLN A 155 -4.11 -17.92 14.44
CA GLN A 155 -5.43 -17.50 14.84
C GLN A 155 -5.45 -16.00 15.05
N SER A 156 -6.49 -15.37 14.54
CA SER A 156 -6.65 -13.93 14.67
C SER A 156 -8.14 -13.58 14.66
N GLY A 157 -8.57 -12.76 15.61
CA GLY A 157 -9.97 -12.37 15.68
C GLY A 157 -10.79 -13.10 16.73
N ASN A 158 -10.27 -14.23 17.22
CA ASN A 158 -10.98 -15.01 18.24
C ASN A 158 -10.18 -15.17 19.54
N SER A 159 -9.27 -14.24 19.78
CA SER A 159 -8.44 -14.24 20.98
C SER A 159 -8.60 -12.87 21.63
N GLN A 160 -8.59 -12.84 22.95
CA GLN A 160 -8.76 -11.58 23.68
C GLN A 160 -7.78 -11.50 24.84
N GLU A 161 -6.97 -10.45 24.84
CA GLU A 161 -5.95 -10.25 25.86
C GLU A 161 -6.39 -9.33 26.97
N SER A 162 -5.73 -9.46 28.11
CA SER A 162 -6.03 -8.62 29.27
C SER A 162 -4.75 -8.55 30.11
N VAL A 163 -4.14 -7.36 30.16
CA VAL A 163 -2.91 -7.15 30.91
C VAL A 163 -3.20 -6.51 32.24
N THR A 164 -2.65 -7.07 33.31
CA THR A 164 -2.85 -6.51 34.64
C THR A 164 -2.09 -5.20 34.74
N GLU A 165 -2.25 -4.55 35.88
CA GLU A 165 -1.53 -3.32 36.14
C GLU A 165 -0.19 -3.79 36.71
N GLN A 166 0.81 -2.93 36.66
CA GLN A 166 2.12 -3.28 37.18
C GLN A 166 2.05 -3.69 38.65
N ASP A 167 2.37 -4.94 38.91
CA ASP A 167 2.33 -5.49 40.26
C ASP A 167 3.08 -4.63 41.27
N SER A 168 2.39 -4.30 42.35
CA SER A 168 2.90 -3.48 43.44
C SER A 168 4.12 -4.03 44.16
N LYS A 169 4.24 -5.35 44.20
CA LYS A 169 5.35 -5.99 44.89
C LYS A 169 6.62 -6.21 44.07
N ASP A 170 6.46 -6.55 42.79
CA ASP A 170 7.61 -6.84 41.93
C ASP A 170 7.68 -6.07 40.60
N SER A 171 6.78 -5.11 40.40
CA SER A 171 6.78 -4.32 39.18
C SER A 171 6.61 -5.13 37.90
N THR A 172 6.04 -6.32 38.01
CA THR A 172 5.83 -7.17 36.83
C THR A 172 4.38 -7.14 36.40
N TYR A 173 4.12 -7.64 35.20
CA TYR A 173 2.78 -7.69 34.68
C TYR A 173 2.42 -9.14 34.46
N SER A 174 1.16 -9.39 34.12
CA SER A 174 0.67 -10.73 33.81
C SER A 174 -0.38 -10.51 32.75
N LEU A 175 -0.48 -11.43 31.83
CA LEU A 175 -1.42 -11.32 30.74
C LEU A 175 -2.23 -12.60 30.62
N SER A 176 -3.44 -12.49 30.10
CA SER A 176 -4.26 -13.67 29.92
C SER A 176 -4.88 -13.52 28.56
N SER A 177 -4.61 -14.47 27.67
CA SER A 177 -5.19 -14.43 26.35
C SER A 177 -6.19 -15.58 26.29
N THR A 178 -7.36 -15.33 25.73
CA THR A 178 -8.41 -16.33 25.65
C THR A 178 -8.84 -16.53 24.21
N LEU A 179 -8.75 -17.77 23.75
CA LEU A 179 -9.16 -18.11 22.39
C LEU A 179 -10.50 -18.79 22.53
N THR A 180 -11.54 -18.16 21.98
CA THR A 180 -12.87 -18.71 22.07
C THR A 180 -13.38 -19.21 20.74
N LEU A 181 -13.75 -20.49 20.74
CA LEU A 181 -14.28 -21.17 19.56
C LEU A 181 -15.57 -21.86 20.00
N SER A 182 -16.39 -22.27 19.04
CA SER A 182 -17.63 -22.97 19.36
C SER A 182 -17.23 -24.41 19.53
N LYS A 183 -17.94 -25.13 20.40
CA LYS A 183 -17.67 -26.53 20.66
C LYS A 183 -17.34 -27.31 19.39
N ALA A 184 -18.13 -27.09 18.35
CA ALA A 184 -17.95 -27.77 17.08
C ALA A 184 -16.59 -27.49 16.43
N ASP A 185 -16.20 -26.22 16.38
CA ASP A 185 -14.91 -25.85 15.78
C ASP A 185 -13.76 -26.40 16.59
N TYR A 186 -13.93 -26.43 17.91
CA TYR A 186 -12.91 -26.94 18.80
C TYR A 186 -12.63 -28.40 18.50
N GLU A 187 -13.68 -29.19 18.46
CA GLU A 187 -13.56 -30.61 18.20
C GLU A 187 -12.93 -30.99 16.87
N LYS A 188 -12.91 -30.07 15.92
CA LYS A 188 -12.30 -30.38 14.64
C LYS A 188 -10.84 -29.90 14.57
N HIS A 189 -10.18 -29.84 15.73
CA HIS A 189 -8.78 -29.41 15.84
C HIS A 189 -8.11 -30.15 17.00
N LYS A 190 -6.86 -30.54 16.81
CA LYS A 190 -6.14 -31.27 17.83
C LYS A 190 -5.16 -30.42 18.62
N VAL A 191 -4.17 -29.85 17.94
CA VAL A 191 -3.16 -29.05 18.63
C VAL A 191 -3.55 -27.60 18.83
N TYR A 192 -3.56 -27.19 20.09
CA TYR A 192 -3.88 -25.82 20.43
C TYR A 192 -2.60 -25.26 20.99
N ALA A 193 -2.01 -24.34 20.25
CA ALA A 193 -0.75 -23.74 20.66
C ALA A 193 -0.78 -22.25 20.96
N CYS A 194 -0.13 -21.88 22.05
CA CYS A 194 -0.03 -20.50 22.49
C CYS A 194 1.45 -20.13 22.38
N GLU A 195 1.80 -19.43 21.30
CA GLU A 195 3.17 -18.99 21.09
C GLU A 195 3.40 -17.61 21.72
N VAL A 196 4.26 -17.59 22.72
CA VAL A 196 4.60 -16.38 23.44
C VAL A 196 6.00 -15.90 23.06
N THR A 197 6.09 -14.66 22.61
CA THR A 197 7.37 -14.08 22.26
C THR A 197 7.51 -12.87 23.19
N HIS A 198 8.59 -12.81 23.94
CA HIS A 198 8.81 -11.68 24.84
C HIS A 198 10.28 -11.28 24.84
N GLN A 199 10.53 -10.01 25.09
CA GLN A 199 11.87 -9.45 25.10
C GLN A 199 12.87 -10.13 26.05
N GLY A 200 12.40 -11.08 26.86
CA GLY A 200 13.28 -11.76 27.78
C GLY A 200 13.37 -13.24 27.47
N LEU A 201 13.01 -13.59 26.24
CA LEU A 201 13.05 -14.98 25.79
C LEU A 201 13.84 -15.01 24.50
N SER A 202 14.96 -15.70 24.54
CA SER A 202 15.84 -15.84 23.39
C SER A 202 15.04 -16.31 22.18
N SER A 203 14.11 -17.23 22.44
CA SER A 203 13.26 -17.81 21.42
C SER A 203 11.82 -17.92 21.93
N PRO A 204 10.83 -17.75 21.04
CA PRO A 204 9.40 -17.81 21.36
C PRO A 204 9.02 -19.14 22.02
N VAL A 205 8.56 -19.08 23.26
CA VAL A 205 8.16 -20.30 23.96
C VAL A 205 6.72 -20.60 23.57
N THR A 206 6.43 -21.85 23.29
CA THR A 206 5.09 -22.23 22.91
C THR A 206 4.56 -23.25 23.88
N LYS A 207 3.37 -23.00 24.39
CA LYS A 207 2.72 -23.94 25.30
C LYS A 207 1.53 -24.44 24.53
N SER A 208 1.33 -25.76 24.53
CA SER A 208 0.23 -26.35 23.80
C SER A 208 -0.22 -27.67 24.39
N PHE A 209 -1.30 -28.20 23.81
CA PHE A 209 -1.87 -29.48 24.21
C PHE A 209 -2.62 -30.03 23.01
N ASN A 210 -2.83 -31.34 23.02
CA ASN A 210 -3.56 -31.99 21.96
C ASN A 210 -4.92 -32.26 22.55
N ARG A 211 -5.97 -31.87 21.84
CA ARG A 211 -7.31 -32.06 22.33
C ARG A 211 -7.50 -33.51 22.70
N GLY A 212 -7.79 -33.74 23.97
CA GLY A 212 -8.04 -35.08 24.46
C GLY A 212 -6.89 -35.84 25.10
N GLU A 213 -5.73 -35.21 25.25
CA GLU A 213 -4.63 -35.91 25.88
C GLU A 213 -4.63 -35.74 27.38
N CYS A 214 -5.45 -34.82 27.87
CA CYS A 214 -5.55 -34.56 29.29
C CYS A 214 -6.81 -35.17 29.84
N GLN B 1 -14.55 19.69 52.70
CA GLN B 1 -13.81 20.03 51.45
C GLN B 1 -14.75 19.95 50.26
N VAL B 2 -14.27 20.34 49.09
CA VAL B 2 -15.08 20.31 47.88
C VAL B 2 -15.38 18.86 47.53
N GLN B 3 -16.67 18.52 47.49
CA GLN B 3 -17.06 17.17 47.17
C GLN B 3 -18.10 17.16 46.05
N LEU B 4 -17.86 16.32 45.07
CA LEU B 4 -18.75 16.15 43.94
C LEU B 4 -19.07 14.65 43.89
N VAL B 5 -20.35 14.31 43.83
CA VAL B 5 -20.77 12.93 43.81
C VAL B 5 -21.76 12.64 42.71
N GLU B 6 -21.33 11.84 41.74
CA GLU B 6 -22.19 11.51 40.62
C GLU B 6 -23.05 10.33 41.02
N SER B 7 -24.17 10.17 40.33
CA SER B 7 -25.10 9.05 40.57
C SER B 7 -25.99 8.98 39.35
N GLY B 8 -26.68 7.86 39.20
CA GLY B 8 -27.57 7.68 38.06
C GLY B 8 -27.03 6.67 37.06
N GLY B 9 -25.80 6.22 37.27
CA GLY B 9 -25.24 5.25 36.36
C GLY B 9 -25.95 3.93 36.48
N GLY B 10 -25.91 3.15 35.41
CA GLY B 10 -26.55 1.85 35.42
C GLY B 10 -26.33 1.11 34.12
N VAL B 11 -26.97 -0.05 33.99
CA VAL B 11 -26.87 -0.89 32.80
C VAL B 11 -28.10 -0.57 31.99
N VAL B 12 -27.92 -0.27 30.72
CA VAL B 12 -29.04 0.09 29.87
C VAL B 12 -28.77 -0.33 28.43
N GLN B 13 -29.82 -0.65 27.69
CA GLN B 13 -29.65 -1.06 26.32
C GLN B 13 -29.63 0.11 25.40
N PRO B 14 -29.06 -0.08 24.21
CA PRO B 14 -29.00 1.02 23.24
C PRO B 14 -30.40 1.57 22.98
N GLY B 15 -30.46 2.84 22.61
CA GLY B 15 -31.74 3.49 22.35
C GLY B 15 -32.36 4.06 23.61
N LYS B 16 -32.08 3.43 24.75
CA LYS B 16 -32.63 3.87 26.02
C LYS B 16 -32.01 5.18 26.53
N SER B 17 -32.54 5.67 27.65
CA SER B 17 -32.09 6.92 28.22
C SER B 17 -31.66 6.73 29.67
N LEU B 18 -30.87 7.68 30.19
CA LEU B 18 -30.38 7.65 31.56
C LEU B 18 -30.18 9.10 31.98
N ARG B 19 -30.19 9.37 33.29
CA ARG B 19 -30.05 10.73 33.79
C ARG B 19 -29.12 10.76 34.99
N LEU B 20 -27.96 11.39 34.81
CA LEU B 20 -26.95 11.47 35.87
C LEU B 20 -27.12 12.71 36.73
N SER B 21 -26.67 12.61 37.96
CA SER B 21 -26.73 13.68 38.94
C SER B 21 -25.33 13.83 39.52
N CYS B 22 -24.97 15.05 39.86
CA CYS B 22 -23.68 15.34 40.44
C CYS B 22 -24.01 16.31 41.54
N ALA B 23 -23.94 15.83 42.77
CA ALA B 23 -24.22 16.61 43.93
C ALA B 23 -22.96 17.30 44.39
N ALA B 24 -22.96 18.63 44.35
CA ALA B 24 -21.79 19.40 44.76
C ALA B 24 -21.95 19.86 46.19
N SER B 25 -20.83 20.05 46.86
CA SER B 25 -20.84 20.53 48.23
C SER B 25 -19.44 21.03 48.60
N GLY B 26 -19.37 21.90 49.59
CA GLY B 26 -18.09 22.42 50.01
C GLY B 26 -17.64 23.67 49.27
N PHE B 27 -18.45 24.15 48.32
CA PHE B 27 -18.10 25.33 47.55
C PHE B 27 -19.36 25.98 46.98
N THR B 28 -19.25 27.24 46.56
CA THR B 28 -20.38 27.95 46.00
C THR B 28 -20.70 27.44 44.61
N PHE B 29 -21.41 26.32 44.56
CA PHE B 29 -21.78 25.66 43.32
C PHE B 29 -22.23 26.66 42.23
N SER B 30 -23.09 27.59 42.62
CA SER B 30 -23.64 28.59 41.69
C SER B 30 -22.66 29.55 41.05
N GLY B 31 -21.48 29.68 41.67
CA GLY B 31 -20.49 30.60 41.14
C GLY B 31 -19.56 30.03 40.09
N TYR B 32 -19.63 28.72 39.86
CA TYR B 32 -18.74 28.10 38.89
C TYR B 32 -19.41 27.34 37.79
N GLY B 33 -18.69 27.16 36.70
CA GLY B 33 -19.23 26.40 35.59
C GLY B 33 -18.89 24.95 35.88
N MET B 34 -19.63 24.03 35.32
CA MET B 34 -19.36 22.62 35.55
C MET B 34 -19.24 21.88 34.23
N HIS B 35 -18.46 20.81 34.26
CA HIS B 35 -18.21 20.00 33.08
C HIS B 35 -18.48 18.53 33.34
N TRP B 36 -18.80 17.80 32.28
CA TRP B 36 -18.99 16.36 32.36
C TRP B 36 -17.91 15.80 31.43
N VAL B 37 -17.06 14.95 32.00
CA VAL B 37 -15.97 14.29 31.28
C VAL B 37 -16.14 12.78 31.47
N ARG B 38 -16.14 12.02 30.36
CA ARG B 38 -16.26 10.57 30.45
C ARG B 38 -14.95 9.88 30.10
N GLN B 39 -14.82 8.65 30.56
CA GLN B 39 -13.61 7.87 30.31
C GLN B 39 -14.01 6.46 29.98
N ALA B 40 -13.89 6.10 28.71
CA ALA B 40 -14.24 4.76 28.29
C ALA B 40 -13.36 3.75 29.01
N PRO B 41 -13.87 2.53 29.24
CA PRO B 41 -13.08 1.50 29.92
C PRO B 41 -11.71 1.28 29.28
N GLY B 42 -10.66 1.61 30.02
CA GLY B 42 -9.31 1.43 29.52
C GLY B 42 -8.86 2.39 28.44
N LYS B 43 -9.46 3.55 28.39
CA LYS B 43 -9.09 4.54 27.40
C LYS B 43 -8.88 5.88 28.06
N GLY B 44 -8.69 6.92 27.25
CA GLY B 44 -8.47 8.23 27.80
C GLY B 44 -9.72 8.98 28.21
N LEU B 45 -9.49 10.20 28.69
CA LEU B 45 -10.56 11.08 29.13
C LEU B 45 -11.16 11.73 27.88
N GLU B 46 -12.47 11.92 27.87
CA GLU B 46 -13.15 12.54 26.75
C GLU B 46 -14.14 13.55 27.31
N TRP B 47 -14.03 14.78 26.81
CA TRP B 47 -14.89 15.84 27.28
C TRP B 47 -16.31 15.69 26.70
N VAL B 48 -17.30 15.73 27.57
CA VAL B 48 -18.69 15.59 27.16
C VAL B 48 -19.45 16.90 27.04
N ALA B 49 -19.46 17.69 28.12
CA ALA B 49 -20.19 18.96 28.08
C ALA B 49 -19.85 19.89 29.21
N LEU B 50 -20.28 21.14 29.07
CA LEU B 50 -20.08 22.18 30.09
C LEU B 50 -21.30 23.08 30.18
N ILE B 51 -21.46 23.69 31.33
CA ILE B 51 -22.56 24.62 31.57
C ILE B 51 -22.02 25.75 32.45
N SER B 52 -22.27 26.99 32.04
CA SER B 52 -21.81 28.16 32.77
C SER B 52 -22.53 28.30 34.10
N TYR B 53 -21.94 29.02 35.04
CA TYR B 53 -22.52 29.20 36.36
C TYR B 53 -23.94 29.77 36.31
N ASP B 54 -24.19 30.65 35.35
CA ASP B 54 -25.50 31.29 35.19
C ASP B 54 -26.40 30.55 34.22
N GLU B 55 -25.99 29.34 33.85
CA GLU B 55 -26.75 28.49 32.93
C GLU B 55 -26.95 29.05 31.51
N SER B 56 -26.33 30.18 31.19
CA SER B 56 -26.49 30.75 29.85
C SER B 56 -25.80 29.92 28.79
N ASN B 57 -24.51 29.67 28.98
CA ASN B 57 -23.71 28.92 28.03
C ASN B 57 -23.61 27.44 28.34
N LYS B 58 -23.93 26.63 27.33
CA LYS B 58 -23.87 25.19 27.45
C LYS B 58 -23.35 24.64 26.14
N TYR B 59 -22.22 23.93 26.21
CA TYR B 59 -21.61 23.35 25.01
C TYR B 59 -21.47 21.85 25.19
N TYR B 60 -21.54 21.11 24.09
CA TYR B 60 -21.44 19.65 24.12
C TYR B 60 -20.41 19.15 23.12
N ALA B 61 -19.91 17.95 23.35
CA ALA B 61 -18.96 17.33 22.44
C ALA B 61 -19.80 16.88 21.24
N ASP B 62 -19.23 16.95 20.05
CA ASP B 62 -19.92 16.58 18.81
C ASP B 62 -20.64 15.23 18.86
N SER B 63 -20.03 14.26 19.52
CA SER B 63 -20.58 12.91 19.63
C SER B 63 -21.86 12.82 20.45
N VAL B 64 -22.04 13.76 21.38
CA VAL B 64 -23.22 13.76 22.25
C VAL B 64 -24.22 14.86 21.93
N LYS B 65 -23.84 15.76 21.03
CA LYS B 65 -24.70 16.87 20.63
C LYS B 65 -26.05 16.36 20.13
N GLY B 66 -27.12 16.78 20.79
CA GLY B 66 -28.46 16.37 20.40
C GLY B 66 -29.00 15.23 21.22
N ARG B 67 -28.12 14.36 21.71
CA ARG B 67 -28.52 13.23 22.52
C ARG B 67 -28.47 13.58 24.00
N PHE B 68 -27.35 14.15 24.43
CA PHE B 68 -27.20 14.53 25.83
C PHE B 68 -27.71 15.93 26.01
N THR B 69 -27.94 16.30 27.26
CA THR B 69 -28.44 17.62 27.59
C THR B 69 -27.94 17.94 29.00
N ILE B 70 -27.20 19.04 29.14
CA ILE B 70 -26.69 19.43 30.46
C ILE B 70 -27.55 20.52 31.13
N SER B 71 -27.59 20.49 32.46
CA SER B 71 -28.40 21.42 33.21
C SER B 71 -27.95 21.41 34.66
N ARG B 72 -28.40 22.38 35.43
CA ARG B 72 -28.03 22.46 36.84
C ARG B 72 -29.15 23.11 37.64
N ASP B 73 -29.20 22.78 38.92
CA ASP B 73 -30.20 23.32 39.84
C ASP B 73 -29.37 24.00 40.91
N ASN B 74 -29.07 25.27 40.69
CA ASN B 74 -28.26 26.03 41.63
C ASN B 74 -28.78 26.06 43.05
N SER B 75 -30.08 25.79 43.23
CA SER B 75 -30.67 25.78 44.56
C SER B 75 -30.38 24.46 45.26
N LYS B 76 -30.40 23.38 44.50
CA LYS B 76 -30.11 22.07 45.06
C LYS B 76 -28.63 21.74 44.96
N ASN B 77 -27.88 22.62 44.29
CA ASN B 77 -26.44 22.43 44.10
C ASN B 77 -26.17 21.11 43.41
N THR B 78 -26.94 20.86 42.36
CA THR B 78 -26.82 19.65 41.60
C THR B 78 -26.72 19.90 40.11
N LEU B 79 -25.80 19.18 39.47
CA LEU B 79 -25.59 19.27 38.04
C LEU B 79 -26.22 18.01 37.45
N TYR B 80 -26.78 18.10 36.25
CA TYR B 80 -27.43 16.96 35.61
C TYR B 80 -26.91 16.75 34.21
N LEU B 81 -27.10 15.54 33.70
CA LEU B 81 -26.74 15.18 32.34
C LEU B 81 -27.79 14.19 31.90
N GLN B 82 -28.62 14.61 30.96
CA GLN B 82 -29.68 13.78 30.43
C GLN B 82 -29.06 13.13 29.22
N MET B 83 -29.07 11.81 29.22
CA MET B 83 -28.48 11.02 28.15
C MET B 83 -29.57 10.27 27.43
N ASN B 84 -29.83 10.65 26.18
CA ASN B 84 -30.84 9.98 25.39
C ASN B 84 -30.17 9.29 24.21
N SER B 85 -30.87 8.33 23.63
CA SER B 85 -30.36 7.59 22.49
C SER B 85 -28.99 7.01 22.80
N LEU B 86 -28.85 6.43 23.99
CA LEU B 86 -27.58 5.85 24.38
C LEU B 86 -27.11 4.78 23.38
N ARG B 87 -25.86 4.89 22.97
CA ARG B 87 -25.29 3.93 22.04
C ARG B 87 -24.24 3.18 22.84
N ALA B 88 -23.79 2.04 22.34
CA ALA B 88 -22.79 1.24 23.06
C ALA B 88 -21.53 2.07 23.34
N GLU B 89 -21.24 2.97 22.40
CA GLU B 89 -20.10 3.88 22.45
C GLU B 89 -20.01 4.71 23.71
N ASP B 90 -21.15 5.00 24.32
CA ASP B 90 -21.22 5.82 25.53
C ASP B 90 -20.90 5.12 26.83
N THR B 91 -20.54 3.85 26.77
CA THR B 91 -20.20 3.12 27.96
C THR B 91 -18.93 3.75 28.49
N ALA B 92 -18.99 4.21 29.73
CA ALA B 92 -17.84 4.87 30.33
C ALA B 92 -18.16 5.34 31.71
N VAL B 93 -17.14 5.77 32.44
CA VAL B 93 -17.34 6.31 33.78
C VAL B 93 -17.50 7.81 33.54
N TYR B 94 -18.56 8.38 34.09
CA TYR B 94 -18.83 9.79 33.92
C TYR B 94 -18.44 10.56 35.16
N TYR B 95 -17.62 11.58 34.95
CA TYR B 95 -17.14 12.44 36.01
C TYR B 95 -17.70 13.82 35.78
N CYS B 96 -18.02 14.52 36.86
CA CYS B 96 -18.47 15.89 36.75
C CYS B 96 -17.30 16.64 37.34
N ALA B 97 -16.92 17.72 36.69
CA ALA B 97 -15.80 18.50 37.14
C ALA B 97 -16.12 19.97 37.26
N LYS B 98 -15.65 20.55 38.35
CA LYS B 98 -15.79 21.97 38.65
C LYS B 98 -14.61 22.68 37.98
N VAL B 99 -14.80 23.93 37.58
CA VAL B 99 -13.70 24.71 37.00
C VAL B 99 -13.08 25.52 38.13
N LYS B 100 -11.82 25.90 37.97
CA LYS B 100 -11.08 26.63 38.98
C LYS B 100 -11.47 28.08 39.21
N PHE B 101 -11.76 28.79 38.12
CA PHE B 101 -12.13 30.19 38.22
C PHE B 101 -13.03 30.64 37.08
N TYR B 102 -13.51 31.87 37.14
CA TYR B 102 -14.41 32.39 36.12
C TYR B 102 -13.69 32.76 34.85
N ASP B 103 -13.34 31.76 34.06
CA ASP B 103 -12.63 32.02 32.80
C ASP B 103 -12.93 30.82 31.92
N PRO B 104 -13.16 31.04 30.62
CA PRO B 104 -13.47 29.98 29.66
C PRO B 104 -12.43 28.87 29.63
N THR B 105 -11.18 29.25 29.85
CA THR B 105 -10.07 28.32 29.80
C THR B 105 -9.74 27.75 31.16
N ALA B 106 -10.58 28.00 32.15
CA ALA B 106 -10.27 27.53 33.49
C ALA B 106 -10.13 26.01 33.54
N PRO B 107 -9.13 25.52 34.27
CA PRO B 107 -8.90 24.10 34.40
C PRO B 107 -9.89 23.46 35.38
N ASN B 108 -10.19 22.19 35.18
CA ASN B 108 -11.10 21.46 36.05
C ASN B 108 -10.29 21.10 37.27
N ASP B 109 -10.46 21.87 38.33
CA ASP B 109 -9.72 21.66 39.57
C ASP B 109 -10.23 20.56 40.50
N TYR B 110 -11.53 20.28 40.46
CA TYR B 110 -12.09 19.24 41.32
C TYR B 110 -12.98 18.31 40.52
N TRP B 111 -12.69 17.01 40.64
CA TRP B 111 -13.41 15.97 39.92
C TRP B 111 -14.18 15.06 40.87
N GLY B 112 -15.26 14.46 40.36
CA GLY B 112 -16.05 13.56 41.17
C GLY B 112 -15.52 12.14 40.99
N GLN B 113 -16.08 11.20 41.75
CA GLN B 113 -15.71 9.78 41.70
C GLN B 113 -16.13 9.10 40.41
N GLY B 114 -17.25 9.53 39.84
CA GLY B 114 -17.75 8.98 38.59
C GLY B 114 -18.78 7.88 38.70
N THR B 115 -19.61 7.75 37.68
CA THR B 115 -20.60 6.68 37.63
C THR B 115 -20.40 5.89 36.36
N LEU B 116 -20.50 4.57 36.49
CA LEU B 116 -20.36 3.68 35.36
C LEU B 116 -21.69 3.65 34.62
N VAL B 117 -21.66 3.88 33.32
CA VAL B 117 -22.82 3.86 32.49
C VAL B 117 -22.49 2.79 31.47
N THR B 118 -23.06 1.61 31.64
CA THR B 118 -22.82 0.52 30.72
C THR B 118 -23.98 0.41 29.73
N VAL B 119 -23.72 0.68 28.46
CA VAL B 119 -24.76 0.58 27.45
C VAL B 119 -24.47 -0.67 26.61
N SER B 120 -25.29 -1.70 26.78
CA SER B 120 -25.15 -2.93 26.04
C SER B 120 -26.51 -3.46 25.70
N SER B 121 -26.57 -4.21 24.60
CA SER B 121 -27.81 -4.84 24.14
C SER B 121 -28.06 -6.13 24.91
N GLY B 122 -27.00 -6.64 25.49
CA GLY B 122 -27.16 -7.82 26.30
C GLY B 122 -27.87 -7.37 27.56
N SER B 123 -28.35 -8.33 28.33
CA SER B 123 -29.06 -8.04 29.55
C SER B 123 -28.07 -8.18 30.70
N ALA B 124 -28.26 -7.42 31.77
CA ALA B 124 -27.38 -7.56 32.91
C ALA B 124 -27.55 -8.98 33.43
N SER B 125 -26.45 -9.66 33.72
CA SER B 125 -26.50 -11.03 34.24
C SER B 125 -25.31 -11.33 35.12
N ALA B 126 -25.45 -12.34 35.96
CA ALA B 126 -24.36 -12.74 36.84
C ALA B 126 -23.49 -13.66 35.98
N PRO B 127 -22.21 -13.75 36.31
CA PRO B 127 -21.29 -14.59 35.54
C PRO B 127 -21.56 -16.09 35.59
N THR B 128 -21.11 -16.78 34.55
CA THR B 128 -21.20 -18.24 34.45
C THR B 128 -19.76 -18.73 34.69
N LEU B 129 -19.51 -19.32 35.86
CA LEU B 129 -18.18 -19.81 36.19
C LEU B 129 -17.82 -21.18 35.60
N PHE B 130 -16.57 -21.32 35.17
CA PHE B 130 -16.05 -22.56 34.60
C PHE B 130 -14.65 -22.72 35.16
N PRO B 131 -14.27 -23.94 35.54
CA PRO B 131 -12.92 -24.15 36.09
C PRO B 131 -11.88 -24.33 34.99
N LEU B 132 -10.67 -23.84 35.23
CA LEU B 132 -9.57 -23.96 34.29
C LEU B 132 -8.47 -24.82 34.92
N VAL B 133 -8.33 -26.05 34.44
CA VAL B 133 -7.33 -26.96 34.96
C VAL B 133 -6.26 -27.20 33.90
N SER B 134 -5.00 -27.07 34.30
CA SER B 134 -3.87 -27.27 33.39
C SER B 134 -3.89 -28.69 32.81
N CYS B 135 -3.69 -28.80 31.50
CA CYS B 135 -3.69 -30.09 30.83
C CYS B 135 -2.59 -30.99 31.41
N GLU B 136 -3.00 -32.10 32.03
CA GLU B 136 -2.09 -33.06 32.65
C GLU B 136 -1.38 -32.48 33.90
N ASN B 137 -1.90 -31.35 34.37
CA ASN B 137 -1.38 -30.63 35.54
C ASN B 137 0.01 -30.04 35.35
N SER B 138 0.33 -29.03 36.13
CA SER B 138 1.61 -28.35 36.05
C SER B 138 2.66 -29.07 36.89
N ASN B 139 3.21 -30.15 36.36
CA ASN B 139 4.25 -30.91 37.07
C ASN B 139 5.68 -30.36 37.00
N PRO B 140 6.09 -29.75 35.86
CA PRO B 140 7.45 -29.22 35.78
C PRO B 140 7.57 -27.78 36.31
N SER B 141 6.97 -27.53 37.47
CA SER B 141 7.01 -26.21 38.09
C SER B 141 6.73 -26.38 39.58
N SER B 142 7.31 -25.50 40.39
CA SER B 142 7.12 -25.57 41.84
C SER B 142 5.75 -25.12 42.27
N THR B 143 4.93 -24.69 41.31
CA THR B 143 3.58 -24.21 41.58
C THR B 143 2.58 -24.64 40.51
N VAL B 144 1.59 -25.44 40.90
CA VAL B 144 0.56 -25.88 39.98
C VAL B 144 -0.40 -24.70 39.84
N ALA B 145 -0.83 -24.43 38.62
CA ALA B 145 -1.72 -23.31 38.38
C ALA B 145 -3.11 -23.76 37.95
N VAL B 146 -4.10 -23.42 38.75
CA VAL B 146 -5.49 -23.71 38.46
C VAL B 146 -6.13 -22.34 38.28
N GLY B 147 -7.14 -22.27 37.41
CA GLY B 147 -7.78 -21.00 37.17
C GLY B 147 -9.28 -21.05 37.21
N CYS B 148 -9.90 -19.89 37.04
CA CYS B 148 -11.33 -19.76 37.06
C CYS B 148 -11.73 -18.80 35.97
N LEU B 149 -12.68 -19.22 35.14
CA LEU B 149 -13.17 -18.41 34.05
C LEU B 149 -14.58 -17.96 34.33
N ALA B 150 -14.77 -16.65 34.46
CA ALA B 150 -16.07 -16.06 34.71
C ALA B 150 -16.50 -15.48 33.38
N GLN B 151 -17.66 -15.89 32.85
CA GLN B 151 -18.10 -15.33 31.59
C GLN B 151 -19.58 -14.95 31.52
N ASP B 152 -19.93 -14.28 30.43
CA ASP B 152 -21.28 -13.79 30.17
C ASP B 152 -21.93 -12.98 31.27
N PHE B 153 -21.17 -12.04 31.84
CA PHE B 153 -21.70 -11.18 32.87
C PHE B 153 -21.76 -9.74 32.42
N LEU B 154 -22.63 -8.98 33.09
CA LEU B 154 -22.81 -7.58 32.76
C LEU B 154 -23.56 -6.96 33.92
N PRO B 155 -23.14 -5.78 34.37
CA PRO B 155 -22.01 -4.99 33.88
C PRO B 155 -20.65 -5.51 34.37
N ASP B 156 -19.59 -4.83 33.97
CA ASP B 156 -18.24 -5.22 34.36
C ASP B 156 -17.97 -4.86 35.82
N SER B 157 -18.51 -5.65 36.74
CA SER B 157 -18.30 -5.42 38.16
C SER B 157 -18.25 -6.75 38.87
N ILE B 158 -17.09 -7.42 38.77
CA ILE B 158 -16.92 -8.72 39.38
C ILE B 158 -15.69 -8.72 40.27
N THR B 159 -15.73 -9.50 41.35
CA THR B 159 -14.62 -9.59 42.27
C THR B 159 -14.36 -11.06 42.61
N PHE B 160 -13.19 -11.55 42.19
CA PHE B 160 -12.84 -12.94 42.46
C PHE B 160 -12.34 -13.12 43.88
N SER B 161 -12.61 -14.29 44.43
CA SER B 161 -12.23 -14.64 45.78
C SER B 161 -11.90 -16.12 45.72
N TRP B 162 -10.86 -16.55 46.42
CA TRP B 162 -10.50 -17.96 46.42
C TRP B 162 -10.35 -18.49 47.83
N LYS B 163 -10.88 -19.70 48.04
CA LYS B 163 -10.77 -20.33 49.34
C LYS B 163 -10.38 -21.80 49.18
N TYR B 164 -9.46 -22.26 50.02
CA TYR B 164 -9.00 -23.65 49.98
C TYR B 164 -10.18 -24.54 50.31
N LYS B 165 -10.00 -25.85 50.15
CA LYS B 165 -11.06 -26.79 50.47
C LYS B 165 -11.46 -26.64 51.94
N ASN B 166 -10.47 -26.33 52.78
CA ASN B 166 -10.70 -26.15 54.21
C ASN B 166 -11.33 -24.78 54.52
N ASN B 167 -11.86 -24.15 53.48
CA ASN B 167 -12.52 -22.85 53.55
C ASN B 167 -11.73 -21.71 54.23
N SER B 168 -10.58 -21.38 53.65
CA SER B 168 -9.75 -20.29 54.15
C SER B 168 -9.22 -19.61 52.90
N ASP B 169 -8.94 -18.32 53.00
CA ASP B 169 -8.48 -17.56 51.84
C ASP B 169 -7.13 -17.94 51.25
N ILE B 170 -7.07 -17.90 49.92
CA ILE B 170 -5.86 -18.19 49.16
C ILE B 170 -5.19 -16.87 48.83
N SER B 171 -3.90 -16.75 49.14
CA SER B 171 -3.15 -15.52 48.87
C SER B 171 -2.70 -15.43 47.42
N SER B 172 -2.12 -16.52 46.92
CA SER B 172 -1.62 -16.57 45.55
C SER B 172 -2.71 -16.55 44.48
N THR B 173 -3.32 -15.39 44.29
CA THR B 173 -4.37 -15.21 43.30
C THR B 173 -4.00 -14.09 42.31
N ARG B 174 -4.34 -14.28 41.05
CA ARG B 174 -4.04 -13.29 40.02
C ARG B 174 -5.37 -12.92 39.39
N GLY B 175 -5.64 -11.62 39.34
CA GLY B 175 -6.88 -11.15 38.76
C GLY B 175 -6.61 -10.41 37.47
N PHE B 176 -7.31 -10.80 36.41
CA PHE B 176 -7.14 -10.15 35.13
C PHE B 176 -8.34 -9.33 34.74
N PRO B 177 -8.09 -8.21 34.05
CA PRO B 177 -9.14 -7.30 33.59
C PRO B 177 -10.14 -8.04 32.69
N SER B 178 -11.36 -7.54 32.67
CA SER B 178 -12.40 -8.19 31.89
C SER B 178 -12.38 -7.80 30.43
N VAL B 179 -12.58 -8.80 29.57
CA VAL B 179 -12.61 -8.60 28.13
C VAL B 179 -14.06 -8.61 27.67
N LEU B 180 -14.38 -7.77 26.69
CA LEU B 180 -15.74 -7.66 26.17
C LEU B 180 -16.00 -8.66 25.07
N ARG B 181 -16.69 -9.74 25.42
CA ARG B 181 -17.02 -10.81 24.50
C ARG B 181 -18.45 -10.58 24.00
N GLY B 182 -18.57 -9.77 22.95
CA GLY B 182 -19.87 -9.48 22.37
C GLY B 182 -20.98 -9.05 23.32
N GLY B 183 -20.94 -7.79 23.74
CA GLY B 183 -21.95 -7.28 24.65
C GLY B 183 -21.77 -7.67 26.10
N LYS B 184 -21.23 -8.86 26.33
CA LYS B 184 -21.02 -9.32 27.69
C LYS B 184 -19.54 -9.35 28.00
N TYR B 185 -19.21 -9.40 29.28
CA TYR B 185 -17.82 -9.43 29.69
C TYR B 185 -17.42 -10.79 30.17
N ALA B 186 -16.12 -11.04 30.16
CA ALA B 186 -15.55 -12.29 30.61
C ALA B 186 -14.25 -11.93 31.33
N ALA B 187 -13.95 -12.59 32.44
CA ALA B 187 -12.75 -12.32 33.20
C ALA B 187 -12.15 -13.62 33.73
N THR B 188 -10.85 -13.61 33.99
CA THR B 188 -10.14 -14.78 34.49
C THR B 188 -9.44 -14.53 35.81
N SER B 189 -9.25 -15.58 36.58
CA SER B 189 -8.54 -15.47 37.83
C SER B 189 -7.65 -16.70 37.85
N GLN B 190 -6.54 -16.61 38.57
CA GLN B 190 -5.57 -17.68 38.62
C GLN B 190 -4.96 -17.84 39.99
N VAL B 191 -4.74 -19.07 40.42
CA VAL B 191 -4.13 -19.35 41.72
C VAL B 191 -2.90 -20.22 41.53
N LEU B 192 -1.80 -19.82 42.17
CA LEU B 192 -0.54 -20.56 42.10
C LEU B 192 -0.29 -21.31 43.39
N LEU B 193 -0.46 -22.63 43.35
CA LEU B 193 -0.28 -23.48 44.53
C LEU B 193 1.04 -24.24 44.49
N PRO B 194 1.78 -24.27 45.61
CA PRO B 194 3.06 -24.96 45.71
C PRO B 194 2.99 -26.46 45.37
N SER B 195 3.49 -26.82 44.19
CA SER B 195 3.48 -28.20 43.71
C SER B 195 4.29 -29.12 44.61
N LYS B 196 5.29 -28.55 45.29
CA LYS B 196 6.18 -29.30 46.18
C LYS B 196 5.42 -30.18 47.17
N ASP B 197 4.97 -31.33 46.66
CA ASP B 197 4.19 -32.33 47.40
C ASP B 197 2.82 -31.87 47.92
N VAL B 198 2.73 -30.61 48.36
CA VAL B 198 1.47 -30.04 48.86
C VAL B 198 0.59 -29.57 47.70
N ALA B 199 0.79 -30.20 46.53
CA ALA B 199 0.02 -29.88 45.33
C ALA B 199 -1.44 -30.28 45.47
N GLN B 200 -1.70 -31.27 46.32
CA GLN B 200 -3.06 -31.75 46.54
C GLN B 200 -3.14 -32.55 47.85
N GLY B 201 -2.85 -33.85 47.76
CA GLY B 201 -2.89 -34.71 48.93
C GLY B 201 -4.31 -34.86 49.47
N THR B 202 -4.67 -33.99 50.39
CA THR B 202 -6.00 -34.01 51.00
C THR B 202 -6.96 -33.05 50.28
N ASN B 203 -6.46 -31.87 49.94
CA ASN B 203 -7.26 -30.86 49.25
C ASN B 203 -7.54 -31.30 47.82
N GLU B 204 -8.67 -31.95 47.61
CA GLU B 204 -9.05 -32.42 46.29
C GLU B 204 -9.42 -31.27 45.35
N HIS B 205 -9.59 -30.07 45.91
CA HIS B 205 -9.97 -28.90 45.12
C HIS B 205 -9.95 -27.59 45.90
N VAL B 206 -10.14 -26.49 45.18
CA VAL B 206 -10.20 -25.15 45.75
C VAL B 206 -11.53 -24.53 45.32
N VAL B 207 -11.89 -23.42 45.93
CA VAL B 207 -13.16 -22.76 45.61
C VAL B 207 -12.97 -21.37 45.05
N CYS B 208 -13.53 -21.16 43.86
CA CYS B 208 -13.49 -19.89 43.16
C CYS B 208 -14.82 -19.19 43.37
N LYS B 209 -14.78 -17.97 43.88
CA LYS B 209 -16.00 -17.22 44.14
C LYS B 209 -15.96 -15.87 43.43
N VAL B 210 -17.10 -15.40 42.95
CA VAL B 210 -17.17 -14.11 42.29
C VAL B 210 -18.31 -13.27 42.80
N GLN B 211 -18.03 -11.99 43.00
CA GLN B 211 -19.03 -11.05 43.45
C GLN B 211 -19.58 -10.37 42.21
N HIS B 212 -20.87 -10.08 42.22
CA HIS B 212 -21.50 -9.39 41.11
C HIS B 212 -22.86 -8.90 41.56
N PRO B 213 -23.25 -7.68 41.16
CA PRO B 213 -24.53 -7.08 41.52
C PRO B 213 -25.71 -7.98 41.19
N ASN B 214 -25.63 -8.68 40.07
CA ASN B 214 -26.70 -9.57 39.65
C ASN B 214 -26.62 -10.99 40.21
N GLY B 215 -25.71 -11.22 41.14
CA GLY B 215 -25.59 -12.53 41.73
C GLY B 215 -24.18 -13.02 41.95
N ASN B 216 -23.88 -13.42 43.18
CA ASN B 216 -22.57 -13.96 43.53
C ASN B 216 -22.62 -15.45 43.27
N LYS B 217 -21.59 -15.99 42.65
CA LYS B 217 -21.55 -17.42 42.35
C LYS B 217 -20.19 -18.01 42.70
N GLU B 218 -20.14 -19.33 42.82
CA GLU B 218 -18.89 -20.00 43.12
C GLU B 218 -18.79 -21.33 42.38
N LYS B 219 -17.58 -21.84 42.30
CA LYS B 219 -17.30 -23.10 41.60
C LYS B 219 -16.11 -23.79 42.26
N ASP B 220 -16.03 -25.10 42.11
CA ASP B 220 -14.94 -25.88 42.68
C ASP B 220 -13.95 -26.15 41.56
N VAL B 221 -12.70 -25.81 41.80
CA VAL B 221 -11.66 -26.05 40.81
C VAL B 221 -10.81 -27.21 41.33
N PRO B 222 -10.80 -28.33 40.59
CA PRO B 222 -10.06 -29.56 40.89
C PRO B 222 -8.56 -29.34 40.88
N LEU B 223 -7.86 -30.02 41.78
CA LEU B 223 -6.42 -29.91 41.85
C LEU B 223 -5.78 -31.12 41.16
N ASP C 1 33.28 17.67 13.85
CA ASP C 1 33.16 16.20 13.60
C ASP C 1 34.24 15.57 14.43
N ILE C 2 33.89 14.62 15.28
CA ILE C 2 34.89 13.97 16.11
C ILE C 2 35.44 12.79 15.32
N GLN C 3 36.70 12.91 14.91
CA GLN C 3 37.37 11.87 14.15
C GLN C 3 37.71 10.70 15.05
N MET C 4 37.30 9.51 14.61
CA MET C 4 37.55 8.27 15.34
C MET C 4 38.66 7.52 14.61
N THR C 5 39.71 7.18 15.33
CA THR C 5 40.86 6.47 14.78
C THR C 5 40.98 5.14 15.52
N GLN C 6 40.90 4.05 14.78
CA GLN C 6 40.95 2.72 15.37
C GLN C 6 42.19 2.00 14.93
N SER C 7 42.76 1.22 15.83
CA SER C 7 43.95 0.45 15.55
C SER C 7 43.93 -0.78 16.42
N PRO C 8 44.37 -1.93 15.89
CA PRO C 8 44.85 -2.10 14.52
C PRO C 8 43.70 -2.20 13.56
N SER C 9 44.02 -2.14 12.27
CA SER C 9 43.02 -2.22 11.21
C SER C 9 42.59 -3.66 11.10
N SER C 10 43.55 -4.54 11.38
CA SER C 10 43.36 -5.97 11.31
C SER C 10 44.33 -6.64 12.24
N LEU C 11 43.91 -7.75 12.82
CA LEU C 11 44.77 -8.46 13.72
C LEU C 11 44.45 -9.93 13.62
N SER C 12 45.51 -10.75 13.57
CA SER C 12 45.35 -12.20 13.49
C SER C 12 45.59 -12.76 14.87
N ALA C 13 44.64 -13.58 15.32
CA ALA C 13 44.72 -14.16 16.62
C ALA C 13 44.09 -15.53 16.59
N SER C 14 44.31 -16.28 17.65
CA SER C 14 43.74 -17.61 17.75
C SER C 14 43.00 -17.70 19.07
N VAL C 15 42.04 -18.62 19.14
CA VAL C 15 41.25 -18.81 20.34
C VAL C 15 42.13 -18.90 21.57
N GLY C 16 41.71 -18.21 22.62
CA GLY C 16 42.44 -18.21 23.87
C GLY C 16 43.31 -16.97 24.00
N ASP C 17 43.53 -16.30 22.88
CA ASP C 17 44.35 -15.11 22.86
C ASP C 17 43.61 -13.91 23.41
N ARG C 18 44.36 -13.08 24.13
CA ARG C 18 43.81 -11.86 24.68
C ARG C 18 43.93 -10.84 23.57
N VAL C 19 42.84 -10.18 23.24
CA VAL C 19 42.84 -9.19 22.18
C VAL C 19 42.61 -7.79 22.77
N THR C 20 43.27 -6.81 22.17
CA THR C 20 43.15 -5.43 22.59
C THR C 20 43.05 -4.53 21.36
N ILE C 21 41.89 -3.90 21.18
CA ILE C 21 41.63 -2.98 20.07
C ILE C 21 41.58 -1.61 20.71
N THR C 22 42.08 -0.61 20.00
CA THR C 22 42.11 0.75 20.53
C THR C 22 41.38 1.67 19.60
N CYS C 23 40.76 2.68 20.19
CA CYS C 23 40.01 3.67 19.46
C CYS C 23 40.37 4.99 20.13
N ARG C 24 40.71 5.99 19.32
CA ARG C 24 41.10 7.28 19.82
C ARG C 24 40.31 8.37 19.09
N THR C 25 39.89 9.39 19.84
CA THR C 25 39.08 10.47 19.28
C THR C 25 39.87 11.76 19.07
N SER C 26 39.44 12.55 18.10
CA SER C 26 40.09 13.82 17.78
C SER C 26 39.92 14.83 18.91
N GLN C 27 38.88 14.64 19.72
CA GLN C 27 38.61 15.51 20.85
C GLN C 27 37.93 14.71 21.93
N SER C 28 37.94 15.21 23.16
CA SER C 28 37.33 14.50 24.27
C SER C 28 35.85 14.26 24.07
N ILE C 29 35.42 13.02 24.31
CA ILE C 29 34.02 12.64 24.20
C ILE C 29 33.61 12.11 25.57
N SER C 30 34.48 12.33 26.55
CA SER C 30 34.27 11.91 27.93
C SER C 30 33.50 10.59 28.12
N SER C 31 34.20 9.47 28.03
CA SER C 31 33.61 8.15 28.21
C SER C 31 32.37 7.73 27.41
N TYR C 32 31.83 8.63 26.58
CA TYR C 32 30.66 8.26 25.76
C TYR C 32 31.09 7.58 24.48
N LEU C 33 31.76 6.44 24.64
CA LEU C 33 32.23 5.65 23.50
C LEU C 33 31.58 4.28 23.57
N ASN C 34 31.01 3.82 22.47
CA ASN C 34 30.32 2.53 22.42
C ASN C 34 31.04 1.57 21.47
N TRP C 35 31.00 0.28 21.78
CA TRP C 35 31.65 -0.74 20.96
C TRP C 35 30.64 -1.67 20.36
N TYR C 36 30.71 -1.85 19.05
CA TYR C 36 29.83 -2.71 18.30
C TYR C 36 30.62 -3.83 17.60
N GLN C 37 30.02 -4.99 17.49
CA GLN C 37 30.63 -6.14 16.83
C GLN C 37 29.74 -6.40 15.64
N GLN C 38 30.34 -6.80 14.53
CA GLN C 38 29.56 -7.07 13.35
C GLN C 38 30.19 -8.21 12.57
N LYS C 39 29.37 -9.18 12.18
CA LYS C 39 29.83 -10.31 11.40
C LYS C 39 29.34 -10.12 9.97
N PRO C 40 29.99 -10.78 9.01
CA PRO C 40 29.57 -10.65 7.60
C PRO C 40 28.11 -10.93 7.38
N GLY C 41 27.45 -10.01 6.68
CA GLY C 41 26.04 -10.17 6.37
C GLY C 41 25.05 -9.97 7.51
N LYS C 42 25.55 -9.64 8.69
CA LYS C 42 24.69 -9.42 9.84
C LYS C 42 24.79 -7.98 10.32
N ALA C 43 23.82 -7.54 11.12
CA ALA C 43 23.82 -6.17 11.62
C ALA C 43 24.71 -6.05 12.87
N PRO C 44 25.13 -4.83 13.26
CA PRO C 44 25.99 -4.62 14.43
C PRO C 44 25.30 -4.99 15.73
N LYS C 45 26.08 -5.44 16.71
CA LYS C 45 25.57 -5.83 18.02
C LYS C 45 26.24 -4.88 18.97
N LEU C 46 25.51 -4.38 19.96
CA LEU C 46 26.14 -3.50 20.92
C LEU C 46 26.78 -4.37 21.97
N LEU C 47 28.05 -4.14 22.24
CA LEU C 47 28.77 -4.91 23.24
C LEU C 47 29.01 -4.10 24.50
N ILE C 48 29.51 -2.89 24.31
CA ILE C 48 29.85 -2.01 25.42
C ILE C 48 29.44 -0.58 25.15
N TYR C 49 28.92 0.08 26.17
CA TYR C 49 28.51 1.48 26.03
C TYR C 49 29.08 2.28 27.18
N ALA C 50 29.18 3.58 26.99
CA ALA C 50 29.73 4.48 28.00
C ALA C 50 31.11 4.00 28.40
N ALA C 51 31.90 3.66 27.39
CA ALA C 51 33.28 3.19 27.55
C ALA C 51 33.49 1.87 28.28
N SER C 52 32.71 1.58 29.30
CA SER C 52 32.93 0.34 30.05
C SER C 52 31.73 -0.45 30.52
N SER C 53 30.53 0.03 30.24
CA SER C 53 29.35 -0.70 30.68
C SER C 53 29.02 -1.77 29.67
N LEU C 54 28.92 -3.00 30.16
CA LEU C 54 28.57 -4.14 29.31
C LEU C 54 27.08 -4.24 29.04
N GLN C 55 26.73 -4.40 27.77
CA GLN C 55 25.35 -4.54 27.38
C GLN C 55 24.82 -5.86 27.94
N SER C 56 23.52 -5.94 28.17
CA SER C 56 22.88 -7.13 28.70
C SER C 56 23.10 -8.33 27.78
N GLY C 57 23.67 -9.40 28.32
CA GLY C 57 23.90 -10.60 27.51
C GLY C 57 25.29 -10.76 26.91
N VAL C 58 26.06 -9.68 26.81
CA VAL C 58 27.40 -9.77 26.27
C VAL C 58 28.29 -10.45 27.29
N PRO C 59 29.07 -11.44 26.83
CA PRO C 59 30.00 -12.22 27.62
C PRO C 59 30.96 -11.36 28.41
N SER C 60 31.28 -11.80 29.62
CA SER C 60 32.17 -11.06 30.50
C SER C 60 33.61 -10.98 30.01
N ARG C 61 33.94 -11.76 28.98
CA ARG C 61 35.29 -11.71 28.44
C ARG C 61 35.55 -10.38 27.74
N PHE C 62 34.48 -9.63 27.48
CA PHE C 62 34.61 -8.33 26.85
C PHE C 62 34.66 -7.28 27.93
N SER C 63 35.46 -6.25 27.71
CA SER C 63 35.54 -5.17 28.66
C SER C 63 36.12 -3.96 27.95
N GLY C 64 35.79 -2.79 28.45
CA GLY C 64 36.27 -1.57 27.84
C GLY C 64 36.79 -0.66 28.91
N SER C 65 37.52 0.37 28.51
CA SER C 65 38.05 1.33 29.45
C SER C 65 38.48 2.52 28.64
N GLY C 66 38.85 3.58 29.33
CA GLY C 66 39.29 4.78 28.65
C GLY C 66 38.39 5.95 28.92
N SER C 67 38.93 7.14 28.68
CA SER C 67 38.23 8.39 28.90
C SER C 67 38.81 9.48 28.03
N GLY C 68 37.99 10.47 27.72
CA GLY C 68 38.44 11.57 26.91
C GLY C 68 38.78 11.27 25.47
N THR C 69 40.00 10.82 25.21
CA THR C 69 40.41 10.55 23.85
C THR C 69 40.90 9.14 23.53
N ASP C 70 41.28 8.37 24.55
CA ASP C 70 41.76 7.03 24.27
C ASP C 70 40.99 5.96 24.99
N PHE C 71 40.40 5.08 24.20
CA PHE C 71 39.59 3.99 24.71
C PHE C 71 40.08 2.69 24.11
N THR C 72 39.90 1.59 24.84
CA THR C 72 40.32 0.27 24.37
C THR C 72 39.26 -0.78 24.66
N LEU C 73 39.20 -1.80 23.82
CA LEU C 73 38.29 -2.91 24.00
C LEU C 73 39.21 -4.08 24.22
N THR C 74 38.91 -4.91 25.20
CA THR C 74 39.74 -6.07 25.46
C THR C 74 38.88 -7.33 25.48
N ILE C 75 39.33 -8.38 24.79
CA ILE C 75 38.62 -9.64 24.79
C ILE C 75 39.61 -10.52 25.50
N SER C 76 39.41 -10.74 26.79
CA SER C 76 40.32 -11.53 27.61
C SER C 76 40.81 -12.84 27.01
N SER C 77 39.95 -13.50 26.24
CA SER C 77 40.31 -14.75 25.59
C SER C 77 39.40 -15.07 24.41
N LEU C 78 39.82 -14.71 23.21
CA LEU C 78 39.01 -14.96 22.04
C LEU C 78 38.39 -16.34 22.02
N GLN C 79 37.17 -16.40 21.52
CA GLN C 79 36.44 -17.64 21.40
C GLN C 79 36.12 -17.64 19.93
N PRO C 80 35.84 -18.81 19.35
CA PRO C 80 35.52 -18.85 17.93
C PRO C 80 34.44 -17.88 17.45
N GLU C 81 33.53 -17.50 18.33
CA GLU C 81 32.47 -16.57 17.94
C GLU C 81 32.91 -15.11 17.97
N ASP C 82 34.07 -14.84 18.58
CA ASP C 82 34.54 -13.48 18.69
C ASP C 82 35.22 -12.95 17.44
N PHE C 83 35.47 -13.81 16.47
CA PHE C 83 36.11 -13.36 15.25
C PHE C 83 35.09 -12.60 14.43
N ALA C 84 35.21 -11.27 14.41
CA ALA C 84 34.31 -10.40 13.66
C ALA C 84 35.00 -9.06 13.52
N THR C 85 34.29 -8.07 13.02
CA THR C 85 34.82 -6.73 12.89
C THR C 85 34.28 -5.95 14.09
N TYR C 86 35.10 -5.05 14.62
CA TYR C 86 34.71 -4.26 15.77
C TYR C 86 34.76 -2.78 15.42
N TYR C 87 33.76 -2.03 15.85
CA TYR C 87 33.69 -0.61 15.57
C TYR C 87 33.48 0.08 16.88
N CYS C 88 34.03 1.28 16.99
CA CYS C 88 33.86 2.10 18.17
C CYS C 88 33.07 3.25 17.66
N GLN C 89 32.21 3.81 18.50
CA GLN C 89 31.39 4.93 18.10
C GLN C 89 31.32 5.91 19.23
N GLN C 90 31.25 7.19 18.91
CA GLN C 90 31.14 8.20 19.95
C GLN C 90 29.73 8.76 19.90
N SER C 91 29.04 8.72 21.02
CA SER C 91 27.70 9.26 21.06
C SER C 91 27.66 10.51 21.93
N TYR C 92 28.78 11.23 21.98
CA TYR C 92 28.87 12.45 22.78
C TYR C 92 28.26 13.65 22.07
N SER C 93 28.40 13.68 20.75
CA SER C 93 27.89 14.78 19.94
C SER C 93 27.28 14.23 18.66
N ALA C 94 26.51 15.07 17.97
CA ALA C 94 25.91 14.70 16.70
C ALA C 94 26.71 15.55 15.71
N PRO C 95 27.12 14.97 14.57
CA PRO C 95 26.88 13.59 14.14
C PRO C 95 27.67 12.55 14.90
N ARG C 96 27.07 11.37 15.06
CA ARG C 96 27.72 10.26 15.73
C ARG C 96 28.69 9.72 14.71
N THR C 97 29.91 9.49 15.14
CA THR C 97 30.92 8.99 14.24
C THR C 97 31.39 7.63 14.72
N PHE C 98 31.83 6.82 13.75
CA PHE C 98 32.32 5.47 14.00
C PHE C 98 33.79 5.31 13.60
N GLY C 99 34.46 4.36 14.22
CA GLY C 99 35.82 4.09 13.86
C GLY C 99 35.72 3.30 12.58
N GLN C 100 36.83 3.20 11.86
CA GLN C 100 36.86 2.46 10.60
C GLN C 100 36.78 0.95 10.75
N GLY C 101 36.84 0.46 11.99
CA GLY C 101 36.74 -0.97 12.23
C GLY C 101 38.05 -1.72 12.37
N THR C 102 38.04 -2.76 13.18
CA THR C 102 39.21 -3.61 13.43
C THR C 102 38.77 -5.05 13.16
N LYS C 103 39.25 -5.64 12.08
CA LYS C 103 38.92 -7.02 11.75
C LYS C 103 39.81 -7.96 12.53
N VAL C 104 39.21 -8.86 13.28
CA VAL C 104 39.94 -9.84 14.06
C VAL C 104 39.82 -11.16 13.32
N GLU C 105 40.87 -11.57 12.62
CA GLU C 105 40.83 -12.83 11.87
C GLU C 105 41.54 -13.97 12.57
N ILE C 106 41.27 -15.19 12.11
CA ILE C 106 41.88 -16.39 12.71
C ILE C 106 43.32 -16.58 12.23
N LYS C 107 44.27 -16.71 13.16
CA LYS C 107 45.67 -16.95 12.78
C LYS C 107 45.73 -18.42 12.33
N ARG C 108 46.17 -18.67 11.10
CA ARG C 108 46.26 -20.00 10.50
C ARG C 108 47.71 -20.24 10.08
N THR C 109 48.00 -21.44 9.58
CA THR C 109 49.33 -21.80 9.11
C THR C 109 49.49 -21.14 7.73
N VAL C 110 50.73 -20.80 7.37
CA VAL C 110 51.01 -20.17 6.08
C VAL C 110 50.64 -21.15 4.97
N ALA C 111 49.98 -20.66 3.93
CA ALA C 111 49.57 -21.48 2.80
C ALA C 111 49.81 -20.73 1.49
N ALA C 112 50.42 -21.42 0.54
CA ALA C 112 50.69 -20.84 -0.76
C ALA C 112 49.43 -20.94 -1.60
N PRO C 113 49.13 -19.89 -2.38
CA PRO C 113 47.94 -19.90 -3.23
C PRO C 113 48.09 -20.74 -4.48
N SER C 114 46.99 -21.39 -4.86
CA SER C 114 46.99 -22.18 -6.08
C SER C 114 46.50 -21.22 -7.16
N VAL C 115 47.42 -20.65 -7.93
CA VAL C 115 47.08 -19.69 -8.98
C VAL C 115 46.50 -20.37 -10.22
N PHE C 116 45.59 -19.69 -10.90
CA PHE C 116 44.94 -20.20 -12.11
C PHE C 116 44.67 -19.03 -13.05
N ILE C 117 44.88 -19.22 -14.35
CA ILE C 117 44.62 -18.15 -15.30
C ILE C 117 43.64 -18.69 -16.36
N PHE C 118 42.63 -17.90 -16.68
CA PHE C 118 41.63 -18.31 -17.65
C PHE C 118 41.48 -17.20 -18.66
N PRO C 119 41.51 -17.55 -19.96
CA PRO C 119 41.35 -16.55 -21.02
C PRO C 119 39.85 -16.33 -21.30
N PRO C 120 39.49 -15.14 -21.83
CA PRO C 120 38.08 -14.81 -22.13
C PRO C 120 37.45 -15.77 -23.15
N SER C 121 36.19 -16.14 -22.90
CA SER C 121 35.48 -17.04 -23.81
C SER C 121 35.27 -16.36 -25.16
N ASP C 122 35.21 -17.16 -26.22
CA ASP C 122 35.00 -16.68 -27.58
C ASP C 122 33.74 -15.81 -27.68
N GLU C 123 32.68 -16.25 -27.01
CA GLU C 123 31.39 -15.54 -27.00
C GLU C 123 31.61 -14.10 -26.53
N GLN C 124 32.33 -13.99 -25.43
CA GLN C 124 32.68 -12.72 -24.78
C GLN C 124 33.50 -11.83 -25.72
N LEU C 125 34.51 -12.43 -26.36
CA LEU C 125 35.35 -11.69 -27.28
C LEU C 125 34.53 -11.20 -28.49
N LYS C 126 33.64 -12.04 -28.99
CA LYS C 126 32.79 -11.71 -30.13
C LYS C 126 31.90 -10.50 -29.79
N SER C 127 31.52 -10.39 -28.52
CA SER C 127 30.69 -9.29 -28.05
C SER C 127 31.44 -7.98 -27.77
N GLY C 128 32.75 -7.97 -28.00
CA GLY C 128 33.51 -6.75 -27.80
C GLY C 128 34.36 -6.55 -26.55
N THR C 129 34.26 -7.46 -25.58
CA THR C 129 35.04 -7.32 -24.34
C THR C 129 35.92 -8.54 -24.05
N ALA C 130 37.02 -8.29 -23.35
CA ALA C 130 37.96 -9.34 -23.00
C ALA C 130 38.25 -9.34 -21.50
N SER C 131 37.86 -10.42 -20.82
CA SER C 131 38.08 -10.54 -19.39
C SER C 131 39.06 -11.66 -19.04
N VAL C 132 40.29 -11.28 -18.76
CA VAL C 132 41.34 -12.21 -18.39
C VAL C 132 41.14 -12.46 -16.90
N VAL C 133 40.89 -13.71 -16.53
CA VAL C 133 40.63 -14.05 -15.14
C VAL C 133 41.74 -14.85 -14.46
N CYS C 134 42.21 -14.38 -13.31
CA CYS C 134 43.25 -15.06 -12.54
C CYS C 134 42.72 -15.35 -11.14
N LEU C 135 42.55 -16.62 -10.81
CA LEU C 135 42.03 -17.01 -9.50
C LEU C 135 43.11 -17.62 -8.60
N LEU C 136 43.25 -17.09 -7.39
CA LEU C 136 44.21 -17.65 -6.44
C LEU C 136 43.38 -18.38 -5.40
N ASN C 137 43.71 -19.63 -5.13
CA ASN C 137 42.94 -20.39 -4.16
C ASN C 137 43.67 -20.76 -2.88
N ASN C 138 42.87 -21.05 -1.87
CA ASN C 138 43.30 -21.46 -0.54
C ASN C 138 44.65 -21.00 0.01
N PHE C 139 44.85 -19.69 0.09
CA PHE C 139 46.10 -19.15 0.62
C PHE C 139 45.91 -18.46 1.96
N TYR C 140 47.02 -18.16 2.60
CA TYR C 140 46.99 -17.49 3.88
C TYR C 140 48.43 -17.09 4.17
N PRO C 141 48.65 -15.88 4.68
CA PRO C 141 47.70 -14.81 5.01
C PRO C 141 47.00 -14.17 3.81
N ARG C 142 46.04 -13.31 4.10
CA ARG C 142 45.27 -12.62 3.07
C ARG C 142 46.14 -11.75 2.15
N GLU C 143 47.27 -11.28 2.67
CA GLU C 143 48.17 -10.42 1.90
C GLU C 143 48.83 -11.13 0.71
N ALA C 144 48.22 -10.96 -0.45
CA ALA C 144 48.71 -11.55 -1.70
C ALA C 144 48.67 -10.42 -2.72
N LYS C 145 49.67 -10.36 -3.57
CA LYS C 145 49.74 -9.31 -4.57
C LYS C 145 49.78 -9.87 -5.99
N VAL C 146 48.68 -9.70 -6.72
CA VAL C 146 48.62 -10.16 -8.10
C VAL C 146 48.93 -8.96 -8.97
N GLN C 147 49.66 -9.18 -10.04
CA GLN C 147 50.04 -8.12 -10.96
C GLN C 147 49.83 -8.63 -12.37
N TRP C 148 49.23 -7.80 -13.23
CA TRP C 148 48.99 -8.20 -14.61
C TRP C 148 50.11 -7.65 -15.50
N LYS C 149 50.61 -8.50 -16.39
CA LYS C 149 51.67 -8.14 -17.31
C LYS C 149 51.25 -8.56 -18.70
N VAL C 150 50.76 -7.60 -19.48
CA VAL C 150 50.34 -7.89 -20.85
C VAL C 150 51.56 -7.64 -21.72
N ASP C 151 52.15 -8.73 -22.21
CA ASP C 151 53.34 -8.67 -23.04
C ASP C 151 54.45 -8.06 -22.18
N ASN C 152 54.52 -8.57 -20.95
CA ASN C 152 55.52 -8.15 -19.96
C ASN C 152 55.51 -6.65 -19.66
N ALA C 153 54.35 -6.04 -19.86
CA ALA C 153 54.14 -4.62 -19.58
C ALA C 153 53.16 -4.59 -18.41
N LEU C 154 53.54 -3.88 -17.34
CA LEU C 154 52.71 -3.79 -16.15
C LEU C 154 51.35 -3.15 -16.40
N GLN C 155 50.30 -3.80 -15.91
CA GLN C 155 48.95 -3.32 -16.08
C GLN C 155 48.43 -2.75 -14.77
N SER C 156 47.81 -1.59 -14.88
CA SER C 156 47.26 -0.90 -13.72
C SER C 156 46.01 -0.13 -14.13
N GLY C 157 44.95 -0.25 -13.34
CA GLY C 157 43.70 0.44 -13.63
C GLY C 157 42.66 -0.35 -14.38
N ASN C 158 43.07 -1.50 -14.93
CA ASN C 158 42.16 -2.35 -15.69
C ASN C 158 42.01 -3.74 -15.07
N SER C 159 42.36 -3.84 -13.79
CA SER C 159 42.27 -5.09 -13.05
C SER C 159 41.40 -4.85 -11.82
N GLN C 160 40.62 -5.86 -11.42
CA GLN C 160 39.73 -5.75 -10.28
C GLN C 160 39.81 -7.01 -9.42
N GLU C 161 40.18 -6.85 -8.15
CA GLU C 161 40.30 -7.96 -7.20
C GLU C 161 39.05 -8.18 -6.35
N SER C 162 38.90 -9.41 -5.86
CA SER C 162 37.78 -9.80 -5.01
C SER C 162 38.27 -10.89 -4.08
N VAL C 163 38.38 -10.59 -2.80
CA VAL C 163 38.85 -11.56 -1.83
C VAL C 163 37.68 -12.10 -1.05
N THR C 164 37.60 -13.43 -0.94
CA THR C 164 36.53 -14.06 -0.20
C THR C 164 36.74 -13.83 1.29
N GLU C 165 35.80 -14.33 2.08
CA GLU C 165 35.90 -14.21 3.52
C GLU C 165 36.70 -15.43 3.94
N GLN C 166 37.29 -15.37 5.12
CA GLN C 166 38.10 -16.46 5.63
C GLN C 166 37.27 -17.74 5.65
N ASP C 167 37.62 -18.69 4.79
CA ASP C 167 36.90 -19.96 4.71
C ASP C 167 36.74 -20.63 6.07
N SER C 168 35.50 -21.02 6.36
CA SER C 168 35.13 -21.65 7.63
C SER C 168 35.73 -23.03 7.90
N LYS C 169 36.16 -23.71 6.85
CA LYS C 169 36.75 -25.04 6.99
C LYS C 169 38.26 -25.06 7.25
N ASP C 170 39.02 -24.24 6.51
CA ASP C 170 40.47 -24.21 6.68
C ASP C 170 41.11 -22.83 6.87
N SER C 171 40.30 -21.84 7.26
CA SER C 171 40.77 -20.47 7.53
C SER C 171 41.56 -19.82 6.39
N THR C 172 41.32 -20.28 5.16
CA THR C 172 42.05 -19.76 4.01
C THR C 172 41.23 -18.76 3.23
N TYR C 173 41.89 -18.01 2.37
CA TYR C 173 41.24 -17.01 1.54
C TYR C 173 41.41 -17.43 0.09
N SER C 174 40.70 -16.76 -0.80
CA SER C 174 40.80 -17.01 -2.23
C SER C 174 40.56 -15.65 -2.85
N LEU C 175 41.18 -15.40 -3.99
CA LEU C 175 41.06 -14.11 -4.64
C LEU C 175 40.82 -14.32 -6.10
N SER C 176 40.21 -13.34 -6.74
CA SER C 176 39.95 -13.41 -8.16
C SER C 176 40.27 -12.03 -8.71
N SER C 177 41.27 -11.96 -9.57
CA SER C 177 41.64 -10.69 -10.18
C SER C 177 41.19 -10.79 -11.63
N THR C 178 40.58 -9.72 -12.13
CA THR C 178 40.09 -9.71 -13.49
C THR C 178 40.62 -8.52 -14.26
N LEU C 179 41.27 -8.83 -15.38
CA LEU C 179 41.84 -7.84 -16.28
C LEU C 179 40.86 -7.68 -17.43
N THR C 180 40.22 -6.53 -17.52
CA THR C 180 39.26 -6.31 -18.58
C THR C 180 39.78 -5.33 -19.61
N LEU C 181 39.80 -5.80 -20.85
CA LEU C 181 40.28 -5.04 -21.99
C LEU C 181 39.22 -5.14 -23.08
N SER C 182 39.25 -4.22 -24.03
CA SER C 182 38.32 -4.25 -25.14
C SER C 182 38.85 -5.31 -26.11
N LYS C 183 37.95 -6.04 -26.76
CA LYS C 183 38.35 -7.08 -27.72
C LYS C 183 39.51 -6.63 -28.61
N ALA C 184 39.45 -5.38 -29.06
CA ALA C 184 40.49 -4.79 -29.92
C ALA C 184 41.88 -4.73 -29.25
N ASP C 185 41.92 -4.20 -28.02
CA ASP C 185 43.17 -4.11 -27.29
C ASP C 185 43.70 -5.49 -26.93
N TYR C 186 42.78 -6.42 -26.69
CA TYR C 186 43.14 -7.79 -26.36
C TYR C 186 43.92 -8.40 -27.54
N GLU C 187 43.31 -8.32 -28.73
CA GLU C 187 43.89 -8.86 -29.95
C GLU C 187 45.28 -8.36 -30.32
N LYS C 188 45.65 -7.19 -29.82
CA LYS C 188 46.97 -6.64 -30.13
C LYS C 188 48.01 -6.98 -29.05
N HIS C 189 47.81 -8.11 -28.38
CA HIS C 189 48.72 -8.57 -27.34
C HIS C 189 48.71 -10.09 -27.30
N LYS C 190 49.89 -10.68 -27.09
CA LYS C 190 49.98 -12.13 -27.05
C LYS C 190 50.07 -12.73 -25.65
N VAL C 191 51.13 -12.40 -24.91
CA VAL C 191 51.31 -12.93 -23.56
C VAL C 191 50.55 -12.16 -22.49
N TYR C 192 49.68 -12.87 -21.78
CA TYR C 192 48.91 -12.28 -20.69
C TYR C 192 49.40 -12.96 -19.43
N ALA C 193 50.14 -12.22 -18.62
CA ALA C 193 50.71 -12.74 -17.40
C ALA C 193 50.09 -12.28 -16.09
N CYS C 194 49.90 -13.24 -15.17
CA CYS C 194 49.35 -12.98 -13.84
C CYS C 194 50.47 -13.31 -12.86
N GLU C 195 51.15 -12.28 -12.39
CA GLU C 195 52.24 -12.42 -11.43
C GLU C 195 51.74 -12.32 -10.00
N VAL C 196 51.80 -13.43 -9.28
CA VAL C 196 51.35 -13.46 -7.90
C VAL C 196 52.52 -13.59 -6.94
N THR C 197 52.61 -12.64 -6.01
CA THR C 197 53.65 -12.66 -5.01
C THR C 197 52.89 -12.86 -3.69
N HIS C 198 53.28 -13.85 -2.92
CA HIS C 198 52.61 -14.12 -1.65
C HIS C 198 53.66 -14.51 -0.63
N GLN C 199 53.42 -14.18 0.62
CA GLN C 199 54.35 -14.48 1.71
C GLN C 199 54.69 -15.98 1.89
N GLY C 200 54.06 -16.84 1.11
CA GLY C 200 54.32 -18.27 1.21
C GLY C 200 54.95 -18.82 -0.06
N LEU C 201 55.48 -17.92 -0.88
CA LEU C 201 56.13 -18.28 -2.14
C LEU C 201 57.52 -17.67 -2.09
N SER C 202 58.53 -18.52 -2.19
CA SER C 202 59.92 -18.06 -2.16
C SER C 202 60.11 -17.03 -3.26
N SER C 203 59.46 -17.26 -4.40
CA SER C 203 59.53 -16.37 -5.55
C SER C 203 58.16 -16.23 -6.20
N PRO C 204 57.85 -15.04 -6.75
CA PRO C 204 56.58 -14.72 -7.42
C PRO C 204 56.23 -15.69 -8.54
N VAL C 205 55.15 -16.44 -8.38
CA VAL C 205 54.74 -17.37 -9.42
C VAL C 205 53.93 -16.62 -10.46
N THR C 206 54.22 -16.86 -11.73
CA THR C 206 53.48 -16.19 -12.78
C THR C 206 52.76 -17.22 -13.62
N LYS C 207 51.47 -16.97 -13.81
CA LYS C 207 50.65 -17.84 -14.61
C LYS C 207 50.29 -17.01 -15.83
N SER C 208 50.50 -17.57 -17.01
CA SER C 208 50.20 -16.86 -18.24
C SER C 208 49.83 -17.77 -19.40
N PHE C 209 49.44 -17.17 -20.50
CA PHE C 209 49.08 -17.88 -21.72
C PHE C 209 49.32 -16.94 -22.90
N ASN C 210 49.52 -17.53 -24.07
CA ASN C 210 49.74 -16.78 -25.29
C ASN C 210 48.38 -16.72 -25.97
N ARG C 211 47.99 -15.52 -26.40
CA ARG C 211 46.72 -15.34 -27.09
C ARG C 211 46.65 -16.32 -28.26
N GLY C 212 45.72 -17.27 -28.19
CA GLY C 212 45.56 -18.23 -29.27
C GLY C 212 46.27 -19.57 -29.15
N GLU C 213 46.91 -19.85 -28.02
CA GLU C 213 47.61 -21.13 -27.82
C GLU C 213 46.64 -22.19 -27.32
N CYS C 214 45.51 -21.73 -26.80
CA CYS C 214 44.47 -22.58 -26.26
C CYS C 214 43.34 -22.80 -27.27
N GLN D 1 10.77 -10.35 21.50
CA GLN D 1 12.08 -9.61 21.59
C GLN D 1 11.93 -8.31 20.83
N VAL D 2 12.89 -7.41 21.01
CA VAL D 2 12.88 -6.14 20.28
C VAL D 2 13.18 -6.51 18.83
N GLN D 3 12.30 -6.09 17.94
CA GLN D 3 12.45 -6.40 16.53
C GLN D 3 12.28 -5.16 15.71
N LEU D 4 13.24 -4.92 14.82
CA LEU D 4 13.23 -3.78 13.93
C LEU D 4 13.38 -4.36 12.53
N VAL D 5 12.51 -3.96 11.61
CA VAL D 5 12.53 -4.49 10.27
C VAL D 5 12.45 -3.38 9.26
N GLU D 6 13.49 -3.23 8.47
CA GLU D 6 13.52 -2.19 7.46
C GLU D 6 12.92 -2.76 6.21
N SER D 7 12.49 -1.88 5.32
CA SER D 7 11.91 -2.26 4.04
C SER D 7 11.90 -1.02 3.18
N GLY D 8 11.68 -1.21 1.88
CA GLY D 8 11.66 -0.08 0.97
C GLY D 8 12.90 -0.01 0.11
N GLY D 9 13.87 -0.86 0.42
CA GLY D 9 15.10 -0.90 -0.35
C GLY D 9 14.85 -1.38 -1.76
N GLY D 10 15.69 -0.96 -2.70
CA GLY D 10 15.52 -1.38 -4.08
C GLY D 10 16.58 -0.78 -4.97
N VAL D 11 16.45 -1.00 -6.27
CA VAL D 11 17.40 -0.47 -7.24
C VAL D 11 16.73 0.77 -7.79
N VAL D 12 17.48 1.85 -7.84
CA VAL D 12 16.95 3.11 -8.34
C VAL D 12 18.05 3.95 -8.99
N GLN D 13 17.67 4.69 -10.04
CA GLN D 13 18.61 5.54 -10.77
C GLN D 13 18.93 6.81 -10.00
N PRO D 14 20.05 7.47 -10.33
CA PRO D 14 20.44 8.72 -9.66
C PRO D 14 19.34 9.75 -9.87
N GLY D 15 19.18 10.68 -8.94
CA GLY D 15 18.15 11.70 -9.05
C GLY D 15 16.80 11.26 -8.52
N LYS D 16 16.53 9.96 -8.57
CA LYS D 16 15.26 9.44 -8.09
C LYS D 16 15.14 9.45 -6.57
N SER D 17 13.99 9.04 -6.08
CA SER D 17 13.73 9.03 -4.65
C SER D 17 13.26 7.67 -4.18
N LEU D 18 13.32 7.44 -2.87
CA LEU D 18 12.93 6.18 -2.27
C LEU D 18 12.55 6.49 -0.84
N ARG D 19 11.75 5.62 -0.22
CA ARG D 19 11.33 5.83 1.16
C ARG D 19 11.35 4.54 1.92
N LEU D 20 12.19 4.51 2.96
CA LEU D 20 12.37 3.33 3.79
C LEU D 20 11.45 3.36 4.99
N SER D 21 11.09 2.18 5.47
CA SER D 21 10.24 2.01 6.65
C SER D 21 11.00 1.10 7.60
N CYS D 22 10.75 1.28 8.88
CA CYS D 22 11.40 0.47 9.90
C CYS D 22 10.29 0.19 10.87
N ALA D 23 9.78 -1.02 10.84
CA ALA D 23 8.70 -1.38 11.72
C ALA D 23 9.27 -1.91 13.03
N ALA D 24 8.96 -1.24 14.12
CA ALA D 24 9.47 -1.64 15.42
C ALA D 24 8.44 -2.44 16.16
N SER D 25 8.90 -3.29 17.06
CA SER D 25 8.01 -4.11 17.86
C SER D 25 8.81 -4.66 19.03
N GLY D 26 8.12 -4.97 20.11
CA GLY D 26 8.79 -5.54 21.27
C GLY D 26 9.23 -4.54 22.32
N PHE D 27 8.99 -3.26 22.06
CA PHE D 27 9.35 -2.20 23.01
C PHE D 27 8.51 -0.96 22.74
N THR D 28 8.48 -0.05 23.71
CA THR D 28 7.74 1.22 23.60
C THR D 28 8.36 2.14 22.56
N PHE D 29 8.09 1.90 21.28
CA PHE D 29 8.64 2.72 20.20
C PHE D 29 8.62 4.20 20.51
N SER D 30 7.46 4.69 20.93
CA SER D 30 7.26 6.10 21.23
C SER D 30 8.15 6.67 22.31
N GLY D 31 8.74 5.81 23.14
CA GLY D 31 9.60 6.31 24.21
C GLY D 31 11.07 6.50 23.90
N TYR D 32 11.50 6.09 22.72
CA TYR D 32 12.90 6.19 22.35
C TYR D 32 13.16 6.91 21.06
N GLY D 33 14.40 7.39 20.94
CA GLY D 33 14.83 8.07 19.74
C GLY D 33 15.28 7.00 18.77
N MET D 34 15.21 7.30 17.49
CA MET D 34 15.59 6.32 16.49
C MET D 34 16.64 6.90 15.57
N HIS D 35 17.55 6.05 15.09
CA HIS D 35 18.63 6.45 14.20
C HIS D 35 18.62 5.63 12.93
N TRP D 36 19.17 6.19 11.86
CA TRP D 36 19.34 5.49 10.60
C TRP D 36 20.85 5.48 10.40
N VAL D 37 21.41 4.30 10.23
CA VAL D 37 22.84 4.12 10.00
C VAL D 37 23.01 3.31 8.74
N ARG D 38 23.81 3.79 7.80
CA ARG D 38 24.05 3.07 6.55
C ARG D 38 25.46 2.49 6.50
N GLN D 39 25.64 1.47 5.69
CA GLN D 39 26.94 0.85 5.53
C GLN D 39 27.16 0.55 4.06
N ALA D 40 28.08 1.28 3.46
CA ALA D 40 28.40 1.09 2.04
C ALA D 40 28.96 -0.30 1.85
N PRO D 41 28.77 -0.88 0.67
CA PRO D 41 29.29 -2.22 0.41
C PRO D 41 30.78 -2.33 0.70
N GLY D 42 31.12 -3.16 1.67
CA GLY D 42 32.52 -3.36 2.02
C GLY D 42 33.18 -2.20 2.72
N LYS D 43 32.39 -1.36 3.36
CA LYS D 43 32.93 -0.21 4.07
C LYS D 43 32.39 -0.17 5.49
N GLY D 44 32.74 0.88 6.20
CA GLY D 44 32.30 1.00 7.57
C GLY D 44 30.91 1.58 7.70
N LEU D 45 30.51 1.72 8.95
CA LEU D 45 29.22 2.23 9.31
C LEU D 45 29.25 3.74 9.22
N GLU D 46 28.17 4.33 8.71
CA GLU D 46 28.05 5.77 8.59
C GLU D 46 26.67 6.21 9.10
N TRP D 47 26.65 7.12 10.06
CA TRP D 47 25.41 7.60 10.64
C TRP D 47 24.69 8.53 9.68
N VAL D 48 23.40 8.26 9.43
CA VAL D 48 22.62 9.08 8.53
C VAL D 48 21.69 10.07 9.22
N ALA D 49 20.95 9.63 10.23
CA ALA D 49 20.01 10.54 10.88
C ALA D 49 19.50 10.03 12.21
N LEU D 50 18.84 10.90 12.95
CA LEU D 50 18.25 10.56 14.23
C LEU D 50 16.99 11.39 14.43
N ILE D 51 16.06 10.87 15.21
CA ILE D 51 14.81 11.55 15.52
C ILE D 51 14.43 11.23 16.95
N SER D 52 14.13 12.26 17.73
CA SER D 52 13.77 12.12 19.13
C SER D 52 12.43 11.42 19.29
N TYR D 53 12.18 10.90 20.47
CA TYR D 53 10.94 10.19 20.75
C TYR D 53 9.72 11.03 20.41
N ASP D 54 9.78 12.29 20.83
CA ASP D 54 8.69 13.22 20.63
C ASP D 54 8.74 13.93 19.30
N GLU D 55 9.57 13.44 18.38
CA GLU D 55 9.70 14.03 17.05
C GLU D 55 10.18 15.46 16.98
N SER D 56 10.51 16.09 18.11
CA SER D 56 10.95 17.47 18.03
C SER D 56 12.33 17.64 17.43
N ASN D 57 13.29 16.85 17.88
CA ASN D 57 14.66 16.92 17.38
C ASN D 57 14.96 15.92 16.29
N LYS D 58 15.42 16.44 15.15
CA LYS D 58 15.76 15.62 14.00
C LYS D 58 17.08 16.12 13.43
N TYR D 59 18.11 15.28 13.48
CA TYR D 59 19.44 15.63 12.99
C TYR D 59 19.83 14.75 11.82
N TYR D 60 20.62 15.30 10.91
CA TYR D 60 21.05 14.56 9.72
C TYR D 60 22.55 14.66 9.48
N ALA D 61 23.10 13.70 8.76
CA ALA D 61 24.52 13.72 8.41
C ALA D 61 24.61 14.79 7.34
N ASP D 62 25.71 15.54 7.32
CA ASP D 62 25.87 16.59 6.31
C ASP D 62 25.73 16.12 4.87
N SER D 63 26.12 14.89 4.61
CA SER D 63 26.04 14.32 3.28
C SER D 63 24.60 14.12 2.80
N VAL D 64 23.69 13.95 3.75
CA VAL D 64 22.28 13.73 3.42
C VAL D 64 21.36 14.90 3.74
N LYS D 65 21.90 15.92 4.40
CA LYS D 65 21.12 17.09 4.78
C LYS D 65 20.41 17.72 3.58
N GLY D 66 19.09 17.80 3.66
CA GLY D 66 18.32 18.41 2.59
C GLY D 66 17.76 17.41 1.59
N ARG D 67 18.42 16.27 1.42
CA ARG D 67 17.96 15.25 0.49
C ARG D 67 17.14 14.22 1.24
N PHE D 68 17.64 13.82 2.40
CA PHE D 68 16.97 12.84 3.22
C PHE D 68 16.16 13.55 4.27
N THR D 69 15.16 12.88 4.80
CA THR D 69 14.32 13.44 5.84
C THR D 69 13.80 12.30 6.68
N ILE D 70 13.88 12.45 7.99
CA ILE D 70 13.44 11.40 8.90
C ILE D 70 12.11 11.77 9.56
N SER D 71 11.32 10.76 9.91
CA SER D 71 10.03 10.96 10.56
C SER D 71 9.60 9.65 11.16
N ARG D 72 8.61 9.71 12.04
CA ARG D 72 8.09 8.52 12.68
C ARG D 72 6.60 8.63 12.88
N ASP D 73 5.96 7.48 12.99
CA ASP D 73 4.52 7.41 13.19
C ASP D 73 4.35 6.60 14.45
N ASN D 74 4.46 7.28 15.59
CA ASN D 74 4.36 6.61 16.87
C ASN D 74 3.13 5.71 17.05
N SER D 75 2.10 5.96 16.23
CA SER D 75 0.86 5.18 16.28
C SER D 75 1.10 3.82 15.60
N LYS D 76 1.76 3.89 14.44
CA LYS D 76 2.07 2.71 13.65
C LYS D 76 3.33 2.02 14.15
N ASN D 77 4.06 2.66 15.05
CA ASN D 77 5.33 2.10 15.55
C ASN D 77 6.32 1.91 14.38
N THR D 78 6.33 2.87 13.47
CA THR D 78 7.17 2.84 12.29
C THR D 78 8.02 4.10 12.17
N LEU D 79 9.27 3.91 11.78
CA LEU D 79 10.23 5.00 11.55
C LEU D 79 10.38 5.07 10.04
N TYR D 80 10.55 6.26 9.47
CA TYR D 80 10.68 6.39 8.03
C TYR D 80 11.91 7.19 7.68
N LEU D 81 12.32 7.07 6.42
CA LEU D 81 13.46 7.79 5.91
C LEU D 81 13.13 8.09 4.46
N GLN D 82 12.97 9.36 4.15
CA GLN D 82 12.66 9.80 2.80
C GLN D 82 14.00 10.14 2.17
N MET D 83 14.33 9.45 1.10
CA MET D 83 15.58 9.69 0.43
C MET D 83 15.30 10.29 -0.94
N ASN D 84 15.70 11.54 -1.12
CA ASN D 84 15.50 12.23 -2.39
C ASN D 84 16.85 12.53 -2.98
N SER D 85 16.88 12.80 -4.28
CA SER D 85 18.13 13.13 -4.97
C SER D 85 19.19 12.06 -4.72
N LEU D 86 18.78 10.80 -4.81
CA LEU D 86 19.70 9.72 -4.57
C LEU D 86 20.87 9.76 -5.54
N ARG D 87 22.07 9.68 -4.98
CA ARG D 87 23.30 9.68 -5.77
C ARG D 87 23.85 8.26 -5.64
N ALA D 88 24.79 7.91 -6.50
CA ALA D 88 25.40 6.57 -6.46
C ALA D 88 26.06 6.32 -5.10
N GLU D 89 26.58 7.38 -4.51
CA GLU D 89 27.23 7.34 -3.22
C GLU D 89 26.35 6.82 -2.09
N ASP D 90 25.02 6.88 -2.27
CA ASP D 90 24.10 6.42 -1.24
C ASP D 90 23.78 4.95 -1.29
N THR D 91 24.45 4.22 -2.17
CA THR D 91 24.25 2.79 -2.27
C THR D 91 24.79 2.21 -0.97
N ALA D 92 23.94 1.50 -0.22
CA ALA D 92 24.36 0.91 1.04
C ALA D 92 23.23 0.17 1.68
N VAL D 93 23.55 -0.50 2.78
CA VAL D 93 22.57 -1.23 3.53
C VAL D 93 22.14 -0.27 4.65
N TYR D 94 20.86 0.06 4.70
CA TYR D 94 20.36 0.97 5.71
C TYR D 94 19.79 0.25 6.90
N TYR D 95 20.32 0.58 8.07
CA TYR D 95 19.91 0.01 9.34
C TYR D 95 19.21 1.07 10.14
N CYS D 96 18.14 0.70 10.83
CA CYS D 96 17.48 1.66 11.70
C CYS D 96 17.85 1.12 13.08
N ALA D 97 18.21 2.00 13.99
CA ALA D 97 18.61 1.56 15.31
C ALA D 97 17.90 2.32 16.40
N LYS D 98 17.61 1.60 17.46
CA LYS D 98 16.95 2.17 18.61
C LYS D 98 18.07 2.57 19.57
N VAL D 99 17.80 3.55 20.42
CA VAL D 99 18.80 3.98 21.40
C VAL D 99 18.45 3.24 22.67
N LYS D 100 19.40 3.16 23.58
CA LYS D 100 19.18 2.42 24.82
C LYS D 100 18.45 3.15 25.94
N PHE D 101 18.62 4.48 26.04
CA PHE D 101 17.97 5.25 27.09
C PHE D 101 17.49 6.57 26.54
N TYR D 102 16.96 7.40 27.43
CA TYR D 102 16.52 8.72 27.04
C TYR D 102 17.68 9.69 27.34
N ASP D 103 18.71 9.68 26.51
CA ASP D 103 19.85 10.56 26.67
C ASP D 103 20.43 10.67 25.28
N PRO D 104 20.75 11.89 24.84
CA PRO D 104 21.32 12.07 23.50
C PRO D 104 22.61 11.29 23.24
N THR D 105 23.23 10.84 24.34
CA THR D 105 24.46 10.11 24.35
C THR D 105 24.24 8.59 24.28
N ALA D 106 23.00 8.19 24.47
CA ALA D 106 22.63 6.77 24.48
C ALA D 106 23.11 5.97 23.28
N PRO D 107 23.60 4.76 23.52
CA PRO D 107 24.10 3.84 22.51
C PRO D 107 22.96 3.19 21.76
N ASN D 108 23.22 2.80 20.52
CA ASN D 108 22.22 2.15 19.71
C ASN D 108 22.24 0.69 20.11
N ASP D 109 21.32 0.31 21.00
CA ASP D 109 21.29 -1.06 21.50
C ASP D 109 20.67 -2.14 20.61
N TYR D 110 19.73 -1.76 19.75
CA TYR D 110 19.10 -2.72 18.85
C TYR D 110 19.10 -2.23 17.42
N TRP D 111 19.64 -3.05 16.52
CA TRP D 111 19.72 -2.71 15.11
C TRP D 111 18.81 -3.60 14.30
N GLY D 112 18.35 -3.09 13.15
CA GLY D 112 17.50 -3.88 12.28
C GLY D 112 18.39 -4.66 11.34
N GLN D 113 17.81 -5.51 10.50
CA GLN D 113 18.63 -6.29 9.58
C GLN D 113 19.12 -5.50 8.37
N GLY D 114 18.41 -4.43 8.03
CA GLY D 114 18.81 -3.57 6.93
C GLY D 114 18.21 -3.77 5.56
N THR D 115 18.19 -2.69 4.77
CA THR D 115 17.67 -2.73 3.41
C THR D 115 18.73 -2.22 2.46
N LEU D 116 18.96 -2.98 1.40
CA LEU D 116 19.95 -2.62 0.41
C LEU D 116 19.31 -1.58 -0.50
N VAL D 117 20.00 -0.47 -0.69
CA VAL D 117 19.50 0.57 -1.57
C VAL D 117 20.62 0.70 -2.58
N THR D 118 20.38 0.21 -3.78
CA THR D 118 21.37 0.26 -4.83
C THR D 118 21.03 1.40 -5.77
N VAL D 119 21.88 2.43 -5.80
CA VAL D 119 21.64 3.56 -6.68
C VAL D 119 22.62 3.45 -7.84
N SER D 120 22.10 3.09 -9.00
CA SER D 120 22.94 2.97 -10.18
C SER D 120 22.17 3.44 -11.40
N SER D 121 22.91 3.91 -12.40
CA SER D 121 22.27 4.38 -13.61
C SER D 121 21.86 3.24 -14.55
N GLY D 122 22.12 1.98 -14.16
CA GLY D 122 21.75 0.83 -15.00
C GLY D 122 20.44 0.19 -14.57
N SER D 123 19.89 -0.71 -15.38
CA SER D 123 18.63 -1.36 -15.02
C SER D 123 18.84 -2.77 -14.49
N ALA D 124 17.93 -3.21 -13.64
CA ALA D 124 17.99 -4.55 -13.06
C ALA D 124 18.02 -5.56 -14.19
N SER D 125 18.96 -6.51 -14.12
CA SER D 125 19.11 -7.53 -15.16
C SER D 125 19.64 -8.83 -14.60
N ALA D 126 19.39 -9.92 -15.32
CA ALA D 126 19.88 -11.23 -14.94
C ALA D 126 21.31 -11.29 -15.48
N PRO D 127 22.18 -12.08 -14.84
CA PRO D 127 23.57 -12.17 -15.31
C PRO D 127 23.77 -12.86 -16.66
N THR D 128 24.86 -12.50 -17.33
CA THR D 128 25.25 -13.08 -18.62
C THR D 128 26.40 -14.03 -18.28
N LEU D 129 26.14 -15.34 -18.32
CA LEU D 129 27.15 -16.34 -18.00
C LEU D 129 28.17 -16.61 -19.11
N PHE D 130 29.41 -16.81 -18.71
CA PHE D 130 30.53 -17.09 -19.63
C PHE D 130 31.38 -18.17 -18.97
N PRO D 131 31.81 -19.17 -19.76
CA PRO D 131 32.65 -20.25 -19.22
C PRO D 131 34.11 -19.82 -19.10
N LEU D 132 34.78 -20.26 -18.04
CA LEU D 132 36.18 -19.94 -17.84
C LEU D 132 36.97 -21.24 -17.82
N VAL D 133 37.71 -21.53 -18.88
CA VAL D 133 38.51 -22.75 -18.90
C VAL D 133 39.98 -22.39 -18.99
N SER D 134 40.77 -23.08 -18.17
CA SER D 134 42.21 -22.86 -18.11
C SER D 134 42.89 -23.09 -19.46
N CYS D 135 43.78 -22.16 -19.83
CA CYS D 135 44.52 -22.23 -21.07
C CYS D 135 45.32 -23.53 -21.12
N GLU D 136 44.97 -24.41 -22.07
CA GLU D 136 45.60 -25.73 -22.26
C GLU D 136 45.31 -26.68 -21.08
N ASN D 137 44.33 -26.31 -20.26
CA ASN D 137 43.91 -27.08 -19.09
C ASN D 137 44.98 -27.17 -17.99
N SER D 138 44.54 -27.42 -16.77
CA SER D 138 45.44 -27.53 -15.63
C SER D 138 46.02 -28.94 -15.48
N ASN D 139 47.05 -29.25 -16.27
CA ASN D 139 47.68 -30.57 -16.21
C ASN D 139 48.72 -30.76 -15.09
N PRO D 140 49.49 -29.70 -14.72
CA PRO D 140 50.47 -29.89 -13.64
C PRO D 140 49.85 -29.65 -12.24
N SER D 141 48.68 -30.23 -12.02
CA SER D 141 47.96 -30.08 -10.75
C SER D 141 47.02 -31.28 -10.61
N SER D 142 46.81 -31.73 -9.37
CA SER D 142 45.93 -32.87 -9.10
C SER D 142 44.45 -32.51 -9.28
N THR D 143 44.18 -31.24 -9.58
CA THR D 143 42.82 -30.76 -9.77
C THR D 143 42.72 -29.72 -10.90
N VAL D 144 41.95 -30.07 -11.93
CA VAL D 144 41.72 -29.16 -13.04
C VAL D 144 40.73 -28.12 -12.56
N ALA D 145 41.00 -26.85 -12.85
CA ALA D 145 40.12 -25.78 -12.42
C ALA D 145 39.34 -25.15 -13.56
N VAL D 146 38.03 -25.29 -13.50
CA VAL D 146 37.14 -24.70 -14.50
C VAL D 146 36.36 -23.63 -13.74
N GLY D 147 36.01 -22.56 -14.43
CA GLY D 147 35.29 -21.47 -13.78
C GLY D 147 34.01 -21.02 -14.48
N CYS D 148 33.33 -20.10 -13.83
CA CYS D 148 32.07 -19.55 -14.29
C CYS D 148 32.10 -18.05 -14.03
N LEU D 149 31.88 -17.27 -15.08
CA LEU D 149 31.88 -15.81 -14.96
C LEU D 149 30.47 -15.28 -15.21
N ALA D 150 29.85 -14.77 -14.16
CA ALA D 150 28.51 -14.18 -14.28
C ALA D 150 28.72 -12.67 -14.30
N GLN D 151 28.22 -11.99 -15.33
CA GLN D 151 28.39 -10.53 -15.40
C GLN D 151 27.15 -9.75 -15.81
N ASP D 152 27.28 -8.42 -15.75
CA ASP D 152 26.21 -7.49 -16.09
C ASP D 152 24.87 -7.76 -15.43
N PHE D 153 24.92 -8.06 -14.13
CA PHE D 153 23.70 -8.32 -13.38
C PHE D 153 23.49 -7.25 -12.32
N LEU D 154 22.23 -7.08 -11.92
CA LEU D 154 21.85 -6.11 -10.91
C LEU D 154 20.47 -6.51 -10.46
N PRO D 155 20.21 -6.48 -9.16
CA PRO D 155 21.11 -6.10 -8.07
C PRO D 155 22.13 -7.19 -7.75
N ASP D 156 22.99 -6.94 -6.77
CA ASP D 156 23.99 -7.92 -6.35
C ASP D 156 23.31 -9.00 -5.50
N SER D 157 22.62 -9.92 -6.17
CA SER D 157 21.93 -11.04 -5.49
C SER D 157 21.96 -12.26 -6.40
N ILE D 158 23.11 -12.93 -6.44
CA ILE D 158 23.29 -14.11 -7.27
C ILE D 158 23.80 -15.26 -6.41
N THR D 159 23.42 -16.47 -6.80
CA THR D 159 23.82 -17.68 -6.08
C THR D 159 24.29 -18.72 -7.09
N PHE D 160 25.58 -19.03 -7.05
CA PHE D 160 26.14 -20.02 -7.96
C PHE D 160 25.79 -21.44 -7.51
N SER D 161 25.64 -22.33 -8.48
CA SER D 161 25.30 -23.73 -8.23
C SER D 161 26.02 -24.53 -9.32
N TRP D 162 26.60 -25.67 -8.96
CA TRP D 162 27.29 -26.49 -9.94
C TRP D 162 26.79 -27.92 -9.95
N LYS D 163 26.58 -28.45 -11.15
CA LYS D 163 26.07 -29.81 -11.36
C LYS D 163 26.99 -30.50 -12.35
N TYR D 164 27.36 -31.75 -12.06
CA TYR D 164 28.20 -32.52 -12.98
C TYR D 164 27.35 -32.82 -14.21
N LYS D 165 27.97 -33.37 -15.26
CA LYS D 165 27.23 -33.70 -16.48
C LYS D 165 26.07 -34.65 -16.14
N ASN D 166 26.30 -35.54 -15.19
CA ASN D 166 25.29 -36.52 -14.75
C ASN D 166 24.24 -35.88 -13.82
N ASN D 167 24.18 -34.54 -13.85
CA ASN D 167 23.25 -33.73 -13.06
C ASN D 167 23.18 -34.05 -11.56
N SER D 168 24.32 -33.84 -10.90
CA SER D 168 24.45 -34.03 -9.46
C SER D 168 25.33 -32.88 -8.95
N ASP D 169 25.11 -32.47 -7.71
CA ASP D 169 25.85 -31.36 -7.11
C ASP D 169 27.37 -31.56 -7.00
N ILE D 170 28.11 -30.50 -7.30
CA ILE D 170 29.57 -30.50 -7.20
C ILE D 170 29.91 -29.84 -5.88
N SER D 171 30.73 -30.50 -5.07
CA SER D 171 31.12 -29.98 -3.76
C SER D 171 32.26 -28.96 -3.84
N SER D 172 33.30 -29.28 -4.61
CA SER D 172 34.45 -28.40 -4.77
C SER D 172 34.12 -27.14 -5.56
N THR D 173 33.42 -26.21 -4.91
CA THR D 173 33.01 -24.94 -5.50
C THR D 173 33.57 -23.76 -4.70
N ARG D 174 34.01 -22.71 -5.40
CA ARG D 174 34.55 -21.53 -4.78
C ARG D 174 33.72 -20.34 -5.25
N GLY D 175 33.16 -19.60 -4.29
CA GLY D 175 32.34 -18.45 -4.62
C GLY D 175 33.03 -17.15 -4.24
N PHE D 176 33.18 -16.27 -5.22
CA PHE D 176 33.84 -14.98 -5.00
C PHE D 176 32.84 -13.83 -4.95
N PRO D 177 33.11 -12.84 -4.08
CA PRO D 177 32.26 -11.65 -3.92
C PRO D 177 32.10 -10.91 -5.25
N SER D 178 30.99 -10.21 -5.42
CA SER D 178 30.75 -9.48 -6.67
C SER D 178 31.47 -8.15 -6.75
N VAL D 179 32.04 -7.87 -7.91
CA VAL D 179 32.74 -6.61 -8.14
C VAL D 179 31.83 -5.70 -8.97
N LEU D 180 31.85 -4.40 -8.66
CA LEU D 180 31.03 -3.43 -9.39
C LEU D 180 31.70 -2.95 -10.67
N ARG D 181 31.24 -3.51 -11.79
CA ARG D 181 31.76 -3.17 -13.10
C ARG D 181 30.83 -2.13 -13.75
N GLY D 182 31.05 -0.86 -13.40
CA GLY D 182 30.26 0.24 -13.93
C GLY D 182 28.76 0.08 -13.85
N GLY D 183 28.19 0.34 -12.67
CA GLY D 183 26.75 0.24 -12.49
C GLY D 183 26.22 -1.18 -12.33
N LYS D 184 26.82 -2.13 -13.02
CA LYS D 184 26.40 -3.53 -12.94
C LYS D 184 27.41 -4.36 -12.16
N TYR D 185 26.98 -5.52 -11.68
CA TYR D 185 27.84 -6.40 -10.90
C TYR D 185 28.39 -7.54 -11.73
N ALA D 186 29.52 -8.09 -11.29
CA ALA D 186 30.18 -9.21 -11.96
C ALA D 186 30.69 -10.13 -10.85
N ALA D 187 30.53 -11.44 -11.00
CA ALA D 187 30.98 -12.38 -9.98
C ALA D 187 31.56 -13.63 -10.62
N THR D 188 32.39 -14.34 -9.87
CA THR D 188 33.02 -15.54 -10.39
C THR D 188 32.78 -16.74 -9.49
N SER D 189 32.80 -17.92 -10.08
CA SER D 189 32.62 -19.17 -9.36
C SER D 189 33.72 -20.09 -9.89
N GLN D 190 34.18 -21.01 -9.07
CA GLN D 190 35.26 -21.89 -9.50
C GLN D 190 35.09 -23.30 -8.95
N VAL D 191 35.39 -24.30 -9.76
CA VAL D 191 35.28 -25.68 -9.33
C VAL D 191 36.60 -26.43 -9.56
N LEU D 192 37.04 -27.16 -8.52
CA LEU D 192 38.28 -27.93 -8.55
C LEU D 192 37.99 -29.42 -8.70
N LEU D 193 38.22 -29.95 -9.90
CA LEU D 193 37.99 -31.37 -10.19
C LEU D 193 39.29 -32.17 -10.19
N PRO D 194 39.29 -33.35 -9.55
CA PRO D 194 40.49 -34.20 -9.49
C PRO D 194 41.03 -34.62 -10.86
N SER D 195 42.13 -34.01 -11.27
CA SER D 195 42.75 -34.30 -12.56
C SER D 195 43.19 -35.75 -12.68
N LYS D 196 43.43 -36.38 -11.54
CA LYS D 196 43.88 -37.77 -11.46
C LYS D 196 43.02 -38.71 -12.32
N ASP D 197 43.26 -38.68 -13.62
CA ASP D 197 42.54 -39.49 -14.61
C ASP D 197 41.05 -39.16 -14.75
N VAL D 198 40.39 -38.88 -13.63
CA VAL D 198 38.97 -38.53 -13.60
C VAL D 198 38.76 -37.06 -13.96
N ALA D 199 39.70 -36.50 -14.72
CA ALA D 199 39.65 -35.11 -15.15
C ALA D 199 38.53 -34.86 -16.16
N GLN D 200 38.13 -35.92 -16.87
CA GLN D 200 37.09 -35.81 -17.88
C GLN D 200 36.54 -37.20 -18.23
N GLY D 201 37.17 -37.87 -19.20
CA GLY D 201 36.73 -39.19 -19.60
C GLY D 201 35.38 -39.17 -20.28
N THR D 202 34.33 -39.38 -19.48
CA THR D 202 32.97 -39.39 -19.99
C THR D 202 32.31 -38.01 -19.83
N ASN D 203 32.58 -37.37 -18.69
CA ASN D 203 32.01 -36.06 -18.40
C ASN D 203 32.69 -35.01 -19.28
N GLU D 204 32.07 -34.71 -20.43
CA GLU D 204 32.61 -33.73 -21.36
C GLU D 204 32.47 -32.30 -20.85
N HIS D 205 31.73 -32.10 -19.77
CA HIS D 205 31.54 -30.77 -19.18
C HIS D 205 30.74 -30.80 -17.89
N VAL D 206 30.67 -29.64 -17.25
CA VAL D 206 29.91 -29.46 -16.02
C VAL D 206 28.91 -28.32 -16.24
N VAL D 207 27.99 -28.16 -15.31
CA VAL D 207 26.94 -27.15 -15.42
C VAL D 207 27.01 -26.08 -14.34
N CYS D 208 27.15 -24.82 -14.73
CA CYS D 208 27.15 -23.73 -13.77
C CYS D 208 25.80 -23.04 -13.84
N LYS D 209 25.14 -22.92 -12.69
CA LYS D 209 23.83 -22.28 -12.62
C LYS D 209 23.89 -21.08 -11.68
N VAL D 210 23.08 -20.07 -11.97
CA VAL D 210 23.04 -18.85 -11.16
C VAL D 210 21.61 -18.47 -10.81
N GLN D 211 21.40 -18.14 -9.55
CA GLN D 211 20.09 -17.72 -9.06
C GLN D 211 20.12 -16.19 -9.10
N HIS D 212 18.99 -15.59 -9.45
CA HIS D 212 18.92 -14.14 -9.53
C HIS D 212 17.46 -13.73 -9.65
N PRO D 213 17.06 -12.67 -8.91
CA PRO D 213 15.68 -12.17 -8.93
C PRO D 213 15.16 -11.91 -10.35
N ASN D 214 16.04 -11.40 -11.20
CA ASN D 214 15.69 -11.08 -12.59
C ASN D 214 15.82 -12.26 -13.55
N GLY D 215 16.05 -13.46 -13.04
CA GLY D 215 16.16 -14.61 -13.90
C GLY D 215 17.34 -15.53 -13.61
N ASN D 216 17.04 -16.83 -13.46
CA ASN D 216 18.05 -17.85 -13.19
C ASN D 216 18.59 -18.33 -14.54
N LYS D 217 19.91 -18.42 -14.66
CA LYS D 217 20.52 -18.87 -15.91
C LYS D 217 21.56 -19.96 -15.68
N GLU D 218 21.87 -20.71 -16.74
CA GLU D 218 22.86 -21.79 -16.66
C GLU D 218 23.78 -21.77 -17.88
N LYS D 219 24.95 -22.40 -17.72
CA LYS D 219 25.97 -22.47 -18.75
C LYS D 219 26.71 -23.81 -18.60
N ASP D 220 27.23 -24.32 -19.70
CA ASP D 220 27.98 -25.56 -19.63
C ASP D 220 29.45 -25.20 -19.77
N VAL D 221 30.23 -25.64 -18.79
CA VAL D 221 31.66 -25.37 -18.76
C VAL D 221 32.40 -26.64 -19.20
N PRO D 222 33.11 -26.55 -20.34
CA PRO D 222 33.88 -27.66 -20.93
C PRO D 222 35.03 -28.11 -20.03
N LEU D 223 35.30 -29.41 -20.03
CA LEU D 223 36.38 -29.98 -19.23
C LEU D 223 37.62 -30.17 -20.12
N ASP E 1 -31.57 20.34 -12.82
CA ASP E 1 -31.11 19.96 -14.19
C ASP E 1 -32.29 20.23 -15.12
N ILE E 2 -32.04 20.95 -16.20
CA ILE E 2 -33.12 21.26 -17.15
C ILE E 2 -33.28 20.10 -18.12
N GLN E 3 -34.41 19.40 -17.99
CA GLN E 3 -34.74 18.27 -18.86
C GLN E 3 -35.11 18.75 -20.25
N MET E 4 -34.42 18.23 -21.25
CA MET E 4 -34.68 18.58 -22.64
C MET E 4 -35.37 17.41 -23.30
N THR E 5 -36.54 17.62 -23.86
CA THR E 5 -37.25 16.55 -24.54
C THR E 5 -37.42 16.97 -26.00
N GLN E 6 -36.89 16.15 -26.89
CA GLN E 6 -36.92 16.44 -28.31
C GLN E 6 -37.88 15.50 -29.01
N SER E 7 -38.53 16.00 -30.04
CA SER E 7 -39.48 15.20 -30.80
C SER E 7 -39.52 15.72 -32.21
N PRO E 8 -39.64 14.84 -33.21
CA PRO E 8 -39.73 13.39 -33.02
C PRO E 8 -38.36 12.81 -32.76
N SER E 9 -38.31 11.53 -32.41
CA SER E 9 -37.05 10.86 -32.15
C SER E 9 -36.41 10.48 -33.47
N SER E 10 -37.24 10.42 -34.51
CA SER E 10 -36.78 10.07 -35.84
C SER E 10 -37.86 10.53 -36.80
N LEU E 11 -37.47 10.97 -37.99
CA LEU E 11 -38.44 11.38 -38.98
C LEU E 11 -37.90 11.10 -40.36
N SER E 12 -38.77 10.54 -41.18
CA SER E 12 -38.41 10.19 -42.54
C SER E 12 -38.88 11.32 -43.43
N ALA E 13 -37.99 11.80 -44.28
CA ALA E 13 -38.36 12.87 -45.18
C ALA E 13 -37.52 12.76 -46.42
N SER E 14 -37.93 13.46 -47.47
CA SER E 14 -37.22 13.45 -48.72
C SER E 14 -36.81 14.88 -49.02
N VAL E 15 -35.79 15.00 -49.85
CA VAL E 15 -35.28 16.31 -50.24
C VAL E 15 -36.42 17.18 -50.76
N GLY E 16 -36.44 18.44 -50.33
CA GLY E 16 -37.48 19.35 -50.74
C GLY E 16 -38.52 19.48 -49.64
N ASP E 17 -38.53 18.51 -48.73
CA ASP E 17 -39.47 18.50 -47.61
C ASP E 17 -39.16 19.57 -46.57
N ARG E 18 -40.20 20.13 -45.96
CA ARG E 18 -40.07 21.12 -44.91
C ARG E 18 -40.02 20.29 -43.64
N VAL E 19 -38.96 20.44 -42.86
CA VAL E 19 -38.82 19.67 -41.63
C VAL E 19 -38.98 20.56 -40.41
N THR E 20 -39.56 20.01 -39.36
CA THR E 20 -39.76 20.72 -38.11
C THR E 20 -39.47 19.77 -36.94
N ILE E 21 -38.44 20.12 -36.19
CA ILE E 21 -38.00 19.35 -35.04
C ILE E 21 -38.34 20.24 -33.87
N THR E 22 -38.80 19.64 -32.79
CA THR E 22 -39.18 20.39 -31.61
C THR E 22 -38.36 19.96 -30.42
N CYS E 23 -38.14 20.90 -29.52
CA CYS E 23 -37.37 20.68 -28.32
C CYS E 23 -38.10 21.45 -27.24
N ARG E 24 -38.37 20.80 -26.12
CA ARG E 24 -39.07 21.41 -25.00
C ARG E 24 -38.23 21.24 -23.74
N THR E 25 -38.23 22.27 -22.89
CA THR E 25 -37.45 22.25 -21.67
C THR E 25 -38.33 22.09 -20.43
N SER E 26 -37.79 21.47 -19.38
CA SER E 26 -38.55 21.27 -18.15
C SER E 26 -38.85 22.58 -17.44
N GLN E 27 -38.03 23.59 -17.72
CA GLN E 27 -38.20 24.90 -17.12
C GLN E 27 -37.74 25.93 -18.14
N SER E 28 -38.16 27.17 -17.95
CA SER E 28 -37.79 28.25 -18.85
C SER E 28 -36.27 28.44 -18.94
N ILE E 29 -35.78 28.48 -20.18
CA ILE E 29 -34.37 28.69 -20.46
C ILE E 29 -34.27 29.99 -21.27
N SER E 30 -35.39 30.71 -21.32
CA SER E 30 -35.51 31.98 -22.02
C SER E 30 -34.63 32.16 -23.25
N SER E 31 -35.07 31.58 -24.35
CA SER E 31 -34.36 31.67 -25.64
C SER E 31 -32.90 31.21 -25.74
N TYR E 32 -32.30 30.80 -24.62
CA TYR E 32 -30.90 30.34 -24.67
C TYR E 32 -30.83 28.84 -25.03
N LEU E 33 -31.24 28.54 -26.26
CA LEU E 33 -31.25 27.18 -26.76
C LEU E 33 -30.47 27.17 -28.06
N ASN E 34 -29.57 26.20 -28.20
CA ASN E 34 -28.72 26.10 -29.38
C ASN E 34 -28.97 24.79 -30.11
N TRP E 35 -28.87 24.83 -31.44
CA TRP E 35 -29.11 23.67 -32.26
C TRP E 35 -27.86 23.20 -32.96
N TYR E 36 -27.57 21.92 -32.83
CA TYR E 36 -26.41 21.28 -33.41
C TYR E 36 -26.79 20.18 -34.37
N GLN E 37 -25.99 20.01 -35.41
CA GLN E 37 -26.20 18.98 -36.40
C GLN E 37 -25.00 18.05 -36.31
N GLN E 38 -25.23 16.74 -36.36
CA GLN E 38 -24.13 15.80 -36.29
C GLN E 38 -24.38 14.66 -37.24
N LYS E 39 -23.37 14.31 -38.01
CA LYS E 39 -23.46 13.21 -38.93
C LYS E 39 -22.60 12.08 -38.35
N PRO E 40 -22.83 10.83 -38.80
CA PRO E 40 -22.06 9.70 -38.29
C PRO E 40 -20.55 9.87 -38.39
N GLY E 41 -19.87 9.64 -37.27
CA GLY E 41 -18.42 9.74 -37.23
C GLY E 41 -17.82 11.14 -37.23
N LYS E 42 -18.66 12.15 -37.26
CA LYS E 42 -18.21 13.54 -37.24
C LYS E 42 -18.63 14.25 -35.96
N ALA E 43 -17.95 15.35 -35.65
CA ALA E 43 -18.28 16.13 -34.47
C ALA E 43 -19.47 17.02 -34.75
N PRO E 44 -20.18 17.46 -33.71
CA PRO E 44 -21.35 18.32 -33.90
C PRO E 44 -20.98 19.66 -34.54
N LYS E 45 -21.95 20.23 -35.27
CA LYS E 45 -21.83 21.51 -35.96
C LYS E 45 -22.83 22.45 -35.32
N LEU E 46 -22.43 23.70 -35.04
CA LEU E 46 -23.36 24.66 -34.47
C LEU E 46 -24.17 25.25 -35.63
N LEU E 47 -25.49 25.18 -35.52
CA LEU E 47 -26.37 25.69 -36.56
C LEU E 47 -27.06 26.98 -36.14
N ILE E 48 -27.65 26.94 -34.95
CA ILE E 48 -28.41 28.07 -34.42
C ILE E 48 -28.13 28.24 -32.93
N TYR E 49 -28.01 29.49 -32.50
CA TYR E 49 -27.79 29.80 -31.09
C TYR E 49 -28.80 30.85 -30.64
N ALA E 50 -29.02 30.94 -29.33
CA ALA E 50 -29.98 31.89 -28.77
C ALA E 50 -31.32 31.72 -29.45
N ALA E 51 -31.71 30.46 -29.60
CA ALA E 51 -32.97 30.03 -30.22
C ALA E 51 -33.23 30.38 -31.67
N SER E 52 -32.69 31.48 -32.17
CA SER E 52 -32.95 31.88 -33.55
C SER E 52 -31.81 32.51 -34.37
N SER E 53 -30.69 32.80 -33.73
CA SER E 53 -29.54 33.39 -34.42
C SER E 53 -28.78 32.33 -35.19
N LEU E 54 -28.66 32.50 -36.51
CA LEU E 54 -27.94 31.54 -37.33
C LEU E 54 -26.45 31.75 -37.18
N GLN E 55 -25.70 30.64 -37.11
CA GLN E 55 -24.26 30.72 -36.99
C GLN E 55 -23.69 31.04 -38.36
N SER E 56 -22.53 31.68 -38.37
CA SER E 56 -21.87 32.06 -39.63
C SER E 56 -21.70 30.85 -40.54
N GLY E 57 -22.20 30.96 -41.77
CA GLY E 57 -22.04 29.86 -42.72
C GLY E 57 -23.21 28.92 -42.83
N VAL E 58 -24.04 28.85 -41.79
CA VAL E 58 -25.20 27.97 -41.79
C VAL E 58 -26.19 28.45 -42.85
N PRO E 59 -26.62 27.55 -43.75
CA PRO E 59 -27.57 27.88 -44.82
C PRO E 59 -28.87 28.48 -44.28
N SER E 60 -29.41 29.43 -45.04
CA SER E 60 -30.64 30.13 -44.67
C SER E 60 -31.86 29.24 -44.56
N ARG E 61 -31.76 28.01 -45.05
CA ARG E 61 -32.90 27.10 -44.97
C ARG E 61 -33.15 26.67 -43.54
N PHE E 62 -32.17 26.94 -42.68
CA PHE E 62 -32.26 26.60 -41.26
C PHE E 62 -32.80 27.82 -40.52
N SER E 63 -33.70 27.57 -39.58
CA SER E 63 -34.29 28.64 -38.79
C SER E 63 -34.82 28.08 -37.48
N GLY E 64 -34.77 28.89 -36.43
CA GLY E 64 -35.26 28.45 -35.14
C GLY E 64 -36.17 29.51 -34.58
N SER E 65 -36.92 29.14 -33.56
CA SER E 65 -37.83 30.07 -32.92
C SER E 65 -38.21 29.46 -31.57
N GLY E 66 -38.97 30.21 -30.80
CA GLY E 66 -39.41 29.74 -29.51
C GLY E 66 -38.73 30.44 -28.36
N SER E 67 -39.32 30.30 -27.19
CA SER E 67 -38.79 30.91 -25.99
C SER E 67 -39.33 30.22 -24.76
N GLY E 68 -38.60 30.37 -23.67
CA GLY E 68 -39.01 29.76 -22.42
C GLY E 68 -38.91 28.26 -22.38
N THR E 69 -39.92 27.57 -22.89
CA THR E 69 -39.94 26.12 -22.86
C THR E 69 -40.13 25.40 -24.19
N ASP E 70 -40.63 26.08 -25.20
CA ASP E 70 -40.86 25.44 -26.48
C ASP E 70 -40.07 26.07 -27.60
N PHE E 71 -39.21 25.27 -28.22
CA PHE E 71 -38.38 25.74 -29.32
C PHE E 71 -38.50 24.76 -30.46
N THR E 72 -38.32 25.25 -31.69
CA THR E 72 -38.42 24.41 -32.87
C THR E 72 -37.36 24.78 -33.90
N LEU E 73 -36.87 23.78 -34.62
CA LEU E 73 -35.91 24.01 -35.68
C LEU E 73 -36.69 23.65 -36.94
N THR E 74 -36.54 24.47 -37.97
CA THR E 74 -37.24 24.21 -39.21
C THR E 74 -36.25 24.23 -40.34
N ILE E 75 -36.36 23.23 -41.20
CA ILE E 75 -35.49 23.14 -42.34
C ILE E 75 -36.49 23.31 -43.49
N SER E 76 -36.56 24.54 -43.99
CA SER E 76 -37.47 24.91 -45.07
C SER E 76 -37.59 23.87 -46.17
N SER E 77 -36.46 23.31 -46.60
CA SER E 77 -36.46 22.30 -47.65
C SER E 77 -35.21 21.45 -47.55
N LEU E 78 -35.35 20.24 -46.99
CA LEU E 78 -34.21 19.35 -46.84
C LEU E 78 -33.42 19.23 -48.11
N GLN E 79 -32.12 19.14 -47.93
CA GLN E 79 -31.17 18.98 -49.02
C GLN E 79 -30.49 17.69 -48.63
N PRO E 80 -29.89 16.99 -49.59
CA PRO E 80 -29.22 15.72 -49.26
C PRO E 80 -28.25 15.80 -48.09
N GLU E 81 -27.62 16.96 -47.91
CA GLU E 81 -26.66 17.13 -46.82
C GLU E 81 -27.33 17.36 -45.48
N ASP E 82 -28.63 17.63 -45.49
CA ASP E 82 -29.36 17.89 -44.25
C ASP E 82 -29.74 16.66 -43.46
N PHE E 83 -29.60 15.49 -44.06
CA PHE E 83 -29.93 14.26 -43.36
C PHE E 83 -28.85 13.94 -42.35
N ALA E 84 -29.15 14.19 -41.08
CA ALA E 84 -28.23 13.93 -39.99
C ALA E 84 -29.05 13.90 -38.72
N THR E 85 -28.36 13.91 -37.58
CA THR E 85 -29.04 13.92 -36.30
C THR E 85 -28.97 15.34 -35.77
N TYR E 86 -30.04 15.80 -35.14
CA TYR E 86 -30.06 17.15 -34.59
C TYR E 86 -30.23 17.08 -33.11
N TYR E 87 -29.53 17.98 -32.40
CA TYR E 87 -29.62 18.03 -30.96
C TYR E 87 -29.89 19.45 -30.58
N CYS E 88 -30.60 19.64 -29.47
CA CYS E 88 -30.88 20.97 -28.98
C CYS E 88 -30.16 21.00 -27.66
N GLN E 89 -29.61 22.15 -27.31
CA GLN E 89 -28.86 22.33 -26.08
C GLN E 89 -29.35 23.57 -25.37
N GLN E 90 -29.33 23.54 -24.05
CA GLN E 90 -29.77 24.65 -23.24
C GLN E 90 -28.53 25.22 -22.60
N SER E 91 -28.18 26.46 -22.92
CA SER E 91 -26.99 27.09 -22.34
C SER E 91 -27.36 28.19 -21.35
N TYR E 92 -28.53 28.04 -20.75
CA TYR E 92 -29.05 28.99 -19.79
C TYR E 92 -28.49 28.76 -18.39
N SER E 93 -28.22 27.50 -18.05
CA SER E 93 -27.70 27.12 -16.74
C SER E 93 -26.70 26.00 -16.89
N ALA E 94 -25.90 25.81 -15.85
CA ALA E 94 -24.93 24.74 -15.83
C ALA E 94 -25.54 23.75 -14.83
N PRO E 95 -25.48 22.44 -15.13
CA PRO E 95 -24.89 21.85 -16.33
C PRO E 95 -25.72 22.06 -17.59
N ARG E 96 -25.04 22.18 -18.72
CA ARG E 96 -25.73 22.36 -19.98
C ARG E 96 -26.26 20.99 -20.35
N THR E 97 -27.52 20.94 -20.73
CA THR E 97 -28.15 19.68 -21.10
C THR E 97 -28.49 19.66 -22.58
N PHE E 98 -28.52 18.46 -23.15
CA PHE E 98 -28.83 18.28 -24.56
C PHE E 98 -30.11 17.48 -24.75
N GLY E 99 -30.70 17.61 -25.93
CA GLY E 99 -31.88 16.85 -26.25
C GLY E 99 -31.34 15.51 -26.68
N GLN E 100 -32.17 14.47 -26.68
CA GLN E 100 -31.69 13.17 -27.07
C GLN E 100 -31.43 12.97 -28.55
N GLY E 101 -31.68 14.00 -29.35
CA GLY E 101 -31.44 13.89 -30.77
C GLY E 101 -32.65 13.52 -31.58
N THR E 102 -32.68 14.00 -32.82
CA THR E 102 -33.76 13.74 -33.75
C THR E 102 -33.09 13.35 -35.06
N LYS E 103 -33.22 12.07 -35.43
CA LYS E 103 -32.62 11.52 -36.63
C LYS E 103 -33.54 11.80 -37.82
N VAL E 104 -33.01 12.48 -38.83
CA VAL E 104 -33.78 12.80 -40.02
C VAL E 104 -33.27 11.86 -41.09
N GLU E 105 -34.03 10.82 -41.39
CA GLU E 105 -33.62 9.83 -42.37
C GLU E 105 -34.31 10.03 -43.71
N ILE E 106 -33.71 9.47 -44.76
CA ILE E 106 -34.24 9.56 -46.11
C ILE E 106 -35.47 8.68 -46.24
N LYS E 107 -36.58 9.27 -46.66
CA LYS E 107 -37.77 8.49 -46.81
C LYS E 107 -37.62 7.64 -48.05
N ARG E 108 -37.86 6.36 -47.84
CA ARG E 108 -37.76 5.36 -48.88
C ARG E 108 -39.06 4.57 -48.90
N THR E 109 -39.22 3.71 -49.89
CA THR E 109 -40.42 2.88 -49.99
C THR E 109 -40.25 1.73 -48.99
N VAL E 110 -41.36 1.17 -48.52
CA VAL E 110 -41.28 0.07 -47.57
C VAL E 110 -40.63 -1.14 -48.21
N ALA E 111 -39.77 -1.80 -47.43
CA ALA E 111 -39.07 -2.97 -47.88
C ALA E 111 -39.10 -4.04 -46.80
N ALA E 112 -39.37 -5.27 -47.23
CA ALA E 112 -39.42 -6.40 -46.33
C ALA E 112 -38.01 -6.90 -46.16
N PRO E 113 -37.61 -7.25 -44.92
CA PRO E 113 -36.26 -7.75 -44.64
C PRO E 113 -36.05 -9.19 -45.08
N SER E 114 -34.84 -9.48 -45.55
CA SER E 114 -34.47 -10.84 -45.94
C SER E 114 -33.85 -11.43 -44.68
N VAL E 115 -34.60 -12.24 -43.95
CA VAL E 115 -34.11 -12.85 -42.72
C VAL E 115 -33.18 -14.04 -43.02
N PHE E 116 -32.24 -14.28 -42.13
CA PHE E 116 -31.30 -15.39 -42.26
C PHE E 116 -30.91 -15.85 -40.87
N ILE E 117 -30.85 -17.16 -40.66
CA ILE E 117 -30.44 -17.67 -39.36
C ILE E 117 -29.25 -18.59 -39.56
N PHE E 118 -28.24 -18.42 -38.72
CA PHE E 118 -27.03 -19.20 -38.79
C PHE E 118 -26.77 -19.81 -37.42
N PRO E 119 -26.49 -21.12 -37.38
CA PRO E 119 -26.21 -21.78 -36.10
C PRO E 119 -24.72 -21.59 -35.77
N PRO E 120 -24.34 -21.76 -34.50
CA PRO E 120 -22.94 -21.61 -34.06
C PRO E 120 -21.99 -22.61 -34.68
N SER E 121 -20.77 -22.16 -34.99
CA SER E 121 -19.76 -23.02 -35.58
C SER E 121 -19.36 -24.08 -34.54
N ASP E 122 -19.00 -25.27 -35.01
CA ASP E 122 -18.61 -26.33 -34.09
C ASP E 122 -17.40 -25.93 -33.27
N GLU E 123 -16.49 -25.18 -33.89
CA GLU E 123 -15.31 -24.73 -33.16
C GLU E 123 -15.70 -23.81 -32.01
N GLN E 124 -16.73 -23.00 -32.23
CA GLN E 124 -17.21 -22.13 -31.17
C GLN E 124 -17.89 -22.98 -30.09
N LEU E 125 -18.65 -23.99 -30.51
CA LEU E 125 -19.34 -24.88 -29.59
C LEU E 125 -18.34 -25.60 -28.70
N LYS E 126 -17.29 -26.13 -29.31
CA LYS E 126 -16.25 -26.86 -28.59
C LYS E 126 -15.59 -25.98 -27.54
N SER E 127 -15.54 -24.68 -27.80
CA SER E 127 -14.92 -23.72 -26.89
C SER E 127 -15.80 -23.26 -25.75
N GLY E 128 -17.05 -23.74 -25.70
CA GLY E 128 -17.92 -23.38 -24.60
C GLY E 128 -19.10 -22.45 -24.79
N THR E 129 -19.15 -21.71 -25.90
CA THR E 129 -20.27 -20.79 -26.14
C THR E 129 -21.00 -21.03 -27.45
N ALA E 130 -22.27 -20.66 -27.47
CA ALA E 130 -23.10 -20.83 -28.65
C ALA E 130 -23.76 -19.52 -29.08
N SER E 131 -23.40 -19.02 -30.24
CA SER E 131 -23.99 -17.79 -30.73
C SER E 131 -24.86 -18.06 -31.94
N VAL E 132 -26.17 -17.99 -31.74
CA VAL E 132 -27.09 -18.19 -32.83
C VAL E 132 -27.28 -16.80 -33.43
N VAL E 133 -27.01 -16.69 -34.72
CA VAL E 133 -27.09 -15.41 -35.39
C VAL E 133 -28.23 -15.28 -36.39
N CYS E 134 -28.98 -14.19 -36.30
CA CYS E 134 -30.08 -13.94 -37.22
C CYS E 134 -29.84 -12.60 -37.89
N LEU E 135 -29.67 -12.59 -39.21
CA LEU E 135 -29.41 -11.37 -39.94
C LEU E 135 -30.60 -10.95 -40.79
N LEU E 136 -31.03 -9.70 -40.63
CA LEU E 136 -32.14 -9.14 -41.42
C LEU E 136 -31.50 -8.19 -42.42
N ASN E 137 -31.76 -8.41 -43.71
CA ASN E 137 -31.19 -7.58 -44.74
C ASN E 137 -32.12 -6.62 -45.43
N ASN E 138 -31.52 -5.56 -45.99
CA ASN E 138 -32.17 -4.50 -46.74
C ASN E 138 -33.66 -4.22 -46.52
N PHE E 139 -34.01 -3.82 -45.30
CA PHE E 139 -35.40 -3.49 -45.01
C PHE E 139 -35.60 -2.01 -44.74
N TYR E 140 -36.86 -1.59 -44.70
CA TYR E 140 -37.22 -0.20 -44.44
C TYR E 140 -38.71 -0.19 -44.12
N PRO E 141 -39.13 0.55 -43.09
CA PRO E 141 -38.35 1.41 -42.18
C PRO E 141 -37.47 0.64 -41.18
N ARG E 142 -36.73 1.39 -40.38
CA ARG E 142 -35.83 0.83 -39.38
C ARG E 142 -36.53 -0.02 -38.33
N GLU E 143 -37.80 0.27 -38.06
CA GLU E 143 -38.54 -0.47 -37.04
C GLU E 143 -38.82 -1.91 -37.43
N ALA E 144 -38.02 -2.81 -36.88
CA ALA E 144 -38.14 -4.24 -37.11
C ALA E 144 -37.96 -4.87 -35.74
N LYS E 145 -38.76 -5.88 -35.44
CA LYS E 145 -38.69 -6.55 -34.15
C LYS E 145 -38.33 -8.02 -34.28
N VAL E 146 -37.13 -8.38 -33.86
CA VAL E 146 -36.70 -9.77 -33.89
C VAL E 146 -36.92 -10.33 -32.50
N GLN E 147 -37.41 -11.55 -32.42
CA GLN E 147 -37.67 -12.21 -31.14
C GLN E 147 -37.10 -13.60 -31.25
N TRP E 148 -36.40 -14.03 -30.20
CA TRP E 148 -35.82 -15.36 -30.22
C TRP E 148 -36.74 -16.29 -29.44
N LYS E 149 -36.94 -17.48 -29.99
CA LYS E 149 -37.78 -18.48 -29.38
C LYS E 149 -37.01 -19.80 -29.39
N VAL E 150 -36.48 -20.15 -28.24
CA VAL E 150 -35.74 -21.40 -28.09
C VAL E 150 -36.76 -22.42 -27.63
N ASP E 151 -37.10 -23.35 -28.52
CA ASP E 151 -38.09 -24.38 -28.25
C ASP E 151 -39.41 -23.69 -27.96
N ASN E 152 -39.71 -22.71 -28.81
CA ASN E 152 -40.94 -21.93 -28.73
C ASN E 152 -41.15 -21.23 -27.39
N ALA E 153 -40.04 -20.96 -26.72
CA ALA E 153 -40.05 -20.25 -25.45
C ALA E 153 -39.36 -18.92 -25.73
N LEU E 154 -40.01 -17.82 -25.38
CA LEU E 154 -39.45 -16.51 -25.63
C LEU E 154 -38.14 -16.24 -24.91
N GLN E 155 -37.20 -15.66 -25.66
CA GLN E 155 -35.88 -15.32 -25.17
C GLN E 155 -35.74 -13.83 -24.96
N SER E 156 -35.21 -13.48 -23.79
CA SER E 156 -35.02 -12.09 -23.42
C SER E 156 -33.79 -11.99 -22.52
N GLY E 157 -32.90 -11.05 -22.82
CA GLY E 157 -31.72 -10.87 -22.01
C GLY E 157 -30.45 -11.51 -22.54
N ASN E 158 -30.57 -12.41 -23.50
CA ASN E 158 -29.41 -13.07 -24.06
C ASN E 158 -29.31 -12.84 -25.57
N SER E 159 -29.93 -11.79 -26.04
CA SER E 159 -29.90 -11.42 -27.45
C SER E 159 -29.37 -10.00 -27.57
N GLN E 160 -28.60 -9.73 -28.61
CA GLN E 160 -28.03 -8.40 -28.81
C GLN E 160 -28.13 -7.97 -30.28
N GLU E 161 -28.79 -6.85 -30.52
CA GLU E 161 -28.98 -6.36 -31.88
C GLU E 161 -28.05 -5.24 -32.28
N SER E 162 -27.88 -5.08 -33.58
CA SER E 162 -27.03 -4.05 -34.14
C SER E 162 -27.62 -3.67 -35.48
N VAL E 163 -28.04 -2.42 -35.60
CA VAL E 163 -28.61 -1.93 -36.84
C VAL E 163 -27.58 -1.07 -37.56
N THR E 164 -27.42 -1.31 -38.86
CA THR E 164 -26.47 -0.54 -39.65
C THR E 164 -27.04 0.84 -39.87
N GLU E 165 -26.26 1.70 -40.50
CA GLU E 165 -26.75 3.03 -40.80
C GLU E 165 -27.47 2.88 -42.13
N GLN E 166 -28.34 3.84 -42.44
CA GLN E 166 -29.11 3.81 -43.66
C GLN E 166 -28.21 3.70 -44.89
N ASP E 167 -28.30 2.57 -45.57
CA ASP E 167 -27.52 2.28 -46.77
C ASP E 167 -27.53 3.44 -47.77
N SER E 168 -26.35 3.86 -48.16
CA SER E 168 -26.15 4.95 -49.10
C SER E 168 -26.69 4.70 -50.50
N LYS E 169 -26.79 3.43 -50.90
CA LYS E 169 -27.28 3.09 -52.22
C LYS E 169 -28.77 2.91 -52.34
N ASP E 170 -29.41 2.32 -51.34
CA ASP E 170 -30.85 2.11 -51.41
C ASP E 170 -31.64 2.54 -50.19
N SER E 171 -31.02 3.34 -49.32
CA SER E 171 -31.69 3.85 -48.13
C SER E 171 -32.28 2.80 -47.19
N THR E 172 -31.79 1.56 -47.26
CA THR E 172 -32.30 0.50 -46.42
C THR E 172 -31.39 0.22 -45.25
N TYR E 173 -31.89 -0.55 -44.29
CA TYR E 173 -31.13 -0.91 -43.11
C TYR E 173 -30.95 -2.43 -43.09
N SER E 174 -30.09 -2.88 -42.18
CA SER E 174 -29.84 -4.29 -42.00
C SER E 174 -29.62 -4.41 -40.50
N LEU E 175 -29.99 -5.54 -39.95
CA LEU E 175 -29.88 -5.73 -38.52
C LEU E 175 -29.29 -7.11 -38.27
N SER E 176 -28.61 -7.26 -37.13
CA SER E 176 -28.05 -8.55 -36.77
C SER E 176 -28.39 -8.75 -35.31
N SER E 177 -29.09 -9.83 -35.01
CA SER E 177 -29.42 -10.14 -33.63
C SER E 177 -28.64 -11.40 -33.31
N THR E 178 -28.04 -11.44 -32.14
CA THR E 178 -27.24 -12.58 -31.71
C THR E 178 -27.70 -13.11 -30.36
N LEU E 179 -28.09 -14.38 -30.37
CA LEU E 179 -28.53 -15.09 -29.18
C LEU E 179 -27.32 -15.85 -28.67
N THR E 180 -26.83 -15.48 -27.49
CA THR E 180 -25.66 -16.12 -26.93
C THR E 180 -26.04 -16.98 -25.73
N LEU E 181 -25.72 -18.27 -25.82
CA LEU E 181 -26.00 -19.24 -24.78
C LEU E 181 -24.72 -20.03 -24.54
N SER E 182 -24.60 -20.68 -23.39
CA SER E 182 -23.42 -21.49 -23.11
C SER E 182 -23.65 -22.80 -23.84
N LYS E 183 -22.56 -23.43 -24.30
CA LYS E 183 -22.66 -24.69 -25.02
C LYS E 183 -23.66 -25.65 -24.36
N ALA E 184 -23.58 -25.76 -23.04
CA ALA E 184 -24.45 -26.63 -22.27
C ALA E 184 -25.93 -26.29 -22.47
N ASP E 185 -26.28 -25.02 -22.32
CA ASP E 185 -27.66 -24.56 -22.49
C ASP E 185 -28.13 -24.80 -23.92
N TYR E 186 -27.22 -24.59 -24.86
CA TYR E 186 -27.53 -24.78 -26.27
C TYR E 186 -27.95 -26.21 -26.50
N GLU E 187 -27.10 -27.14 -26.08
CA GLU E 187 -27.35 -28.56 -26.28
C GLU E 187 -28.63 -29.12 -25.66
N LYS E 188 -29.22 -28.38 -24.72
CA LYS E 188 -30.46 -28.84 -24.13
C LYS E 188 -31.70 -28.23 -24.78
N HIS E 189 -31.57 -27.84 -26.05
CA HIS E 189 -32.67 -27.25 -26.81
C HIS E 189 -32.54 -27.59 -28.29
N LYS E 190 -33.66 -27.87 -28.93
CA LYS E 190 -33.65 -28.25 -30.34
C LYS E 190 -33.99 -27.15 -31.32
N VAL E 191 -35.21 -26.61 -31.22
CA VAL E 191 -35.67 -25.56 -32.12
C VAL E 191 -35.18 -24.16 -31.74
N TYR E 192 -34.44 -23.51 -32.64
CA TYR E 192 -33.96 -22.17 -32.39
C TYR E 192 -34.67 -21.31 -33.40
N ALA E 193 -35.59 -20.49 -32.92
CA ALA E 193 -36.39 -19.64 -33.78
C ALA E 193 -36.12 -18.14 -33.68
N CYS E 194 -36.09 -17.50 -34.83
CA CYS E 194 -35.87 -16.07 -34.95
C CYS E 194 -37.13 -15.50 -35.60
N GLU E 195 -38.02 -14.95 -34.78
CA GLU E 195 -39.26 -14.39 -35.28
C GLU E 195 -39.10 -12.90 -35.56
N VAL E 196 -39.25 -12.54 -36.83
CA VAL E 196 -39.13 -11.17 -37.28
C VAL E 196 -40.49 -10.60 -37.67
N THR E 197 -40.83 -9.48 -37.05
CA THR E 197 -42.08 -8.80 -37.35
C THR E 197 -41.63 -7.46 -37.91
N HIS E 198 -42.11 -7.11 -39.10
CA HIS E 198 -41.74 -5.85 -39.73
C HIS E 198 -42.94 -5.26 -40.43
N GLN E 199 -43.02 -3.93 -40.44
CA GLN E 199 -44.15 -3.22 -41.06
C GLN E 199 -44.38 -3.55 -42.54
N GLY E 200 -43.50 -4.35 -43.13
CA GLY E 200 -43.65 -4.71 -44.53
C GLY E 200 -43.92 -6.19 -44.69
N LEU E 201 -44.29 -6.84 -43.58
CA LEU E 201 -44.59 -8.27 -43.56
C LEU E 201 -46.01 -8.40 -43.02
N SER E 202 -46.91 -8.96 -43.84
CA SER E 202 -48.30 -9.16 -43.44
C SER E 202 -48.33 -9.94 -42.12
N SER E 203 -47.44 -10.92 -42.01
CA SER E 203 -47.32 -11.72 -40.81
C SER E 203 -45.86 -11.99 -40.48
N PRO E 204 -45.54 -12.15 -39.19
CA PRO E 204 -44.19 -12.40 -38.65
C PRO E 204 -43.51 -13.59 -39.30
N VAL E 205 -42.41 -13.35 -40.01
CA VAL E 205 -41.67 -14.44 -40.63
C VAL E 205 -40.74 -15.02 -39.57
N THR E 206 -40.70 -16.34 -39.49
CA THR E 206 -39.85 -16.98 -38.51
C THR E 206 -38.84 -17.86 -39.25
N LYS E 207 -37.57 -17.68 -38.91
CA LYS E 207 -36.50 -18.47 -39.48
C LYS E 207 -35.98 -19.29 -38.33
N SER E 208 -35.89 -20.59 -38.53
CA SER E 208 -35.43 -21.46 -37.48
C SER E 208 -34.68 -22.67 -38.01
N PHE E 209 -34.14 -23.44 -37.07
CA PHE E 209 -33.42 -24.67 -37.38
C PHE E 209 -33.48 -25.54 -36.14
N ASN E 210 -33.34 -26.84 -36.34
CA ASN E 210 -33.36 -27.78 -35.23
C ASN E 210 -31.91 -28.15 -35.01
N ARG E 211 -31.47 -28.06 -33.76
CA ARG E 211 -30.10 -28.36 -33.42
C ARG E 211 -29.69 -29.73 -33.96
N GLY E 212 -28.71 -29.74 -34.85
CA GLY E 212 -28.23 -30.99 -35.40
C GLY E 212 -28.82 -31.44 -36.73
N GLU E 213 -29.65 -30.63 -37.36
CA GLU E 213 -30.19 -31.04 -38.66
C GLU E 213 -29.33 -30.55 -39.81
N CYS E 214 -28.40 -29.67 -39.48
CA CYS E 214 -27.48 -29.08 -40.44
C CYS E 214 -26.16 -29.82 -40.36
N GLN F 1 -7.74 27.69 -40.38
CA GLN F 1 -9.10 27.75 -39.76
C GLN F 1 -8.95 27.32 -38.31
N VAL F 2 -10.04 27.44 -37.55
CA VAL F 2 -10.02 27.04 -36.15
C VAL F 2 -9.90 25.52 -36.12
N GLN F 3 -8.85 25.05 -35.45
CA GLN F 3 -8.61 23.63 -35.34
C GLN F 3 -8.45 23.22 -33.89
N LEU F 4 -9.18 22.20 -33.50
CA LEU F 4 -9.14 21.67 -32.16
C LEU F 4 -8.82 20.20 -32.32
N VAL F 5 -7.80 19.72 -31.62
CA VAL F 5 -7.36 18.34 -31.72
C VAL F 5 -7.24 17.66 -30.35
N GLU F 6 -8.12 16.70 -30.08
CA GLU F 6 -8.11 15.96 -28.82
C GLU F 6 -7.10 14.84 -28.93
N SER F 7 -6.60 14.39 -27.79
CA SER F 7 -5.62 13.31 -27.75
C SER F 7 -5.56 12.79 -26.32
N GLY F 8 -5.01 11.58 -26.14
CA GLY F 8 -4.90 11.00 -24.82
C GLY F 8 -5.89 9.87 -24.60
N GLY F 9 -6.78 9.67 -25.55
CA GLY F 9 -7.75 8.61 -25.43
C GLY F 9 -7.08 7.26 -25.53
N GLY F 10 -7.68 6.25 -24.90
CA GLY F 10 -7.12 4.92 -24.96
C GLY F 10 -8.01 3.93 -24.24
N VAL F 11 -7.50 2.71 -24.09
CA VAL F 11 -8.23 1.65 -23.39
C VAL F 11 -7.67 1.66 -21.98
N VAL F 12 -8.55 1.65 -21.00
CA VAL F 12 -8.14 1.71 -19.61
C VAL F 12 -9.16 0.98 -18.73
N GLN F 13 -8.67 0.35 -17.67
CA GLN F 13 -9.53 -0.40 -16.76
C GLN F 13 -10.16 0.52 -15.74
N PRO F 14 -11.27 0.08 -15.15
CA PRO F 14 -11.95 0.90 -14.15
C PRO F 14 -10.99 1.24 -13.01
N GLY F 15 -11.21 2.38 -12.36
CA GLY F 15 -10.34 2.80 -11.28
C GLY F 15 -9.11 3.54 -11.76
N LYS F 16 -8.71 3.30 -13.00
CA LYS F 16 -7.54 3.96 -13.54
C LYS F 16 -7.76 5.41 -13.90
N SER F 17 -6.69 6.07 -14.33
CA SER F 17 -6.71 7.48 -14.69
C SER F 17 -6.23 7.70 -16.13
N LEU F 18 -6.65 8.82 -16.73
CA LEU F 18 -6.28 9.19 -18.09
C LEU F 18 -6.28 10.72 -18.16
N ARG F 19 -5.56 11.29 -19.12
CA ARG F 19 -5.53 12.74 -19.27
C ARG F 19 -5.54 13.15 -20.73
N LEU F 20 -6.61 13.81 -21.14
CA LEU F 20 -6.77 14.25 -22.51
C LEU F 20 -6.21 15.65 -22.74
N SER F 21 -5.83 15.90 -23.99
CA SER F 21 -5.31 17.19 -24.40
C SER F 21 -6.13 17.62 -25.59
N CYS F 22 -6.32 18.91 -25.72
CA CYS F 22 -7.07 19.47 -26.82
C CYS F 22 -6.20 20.65 -27.25
N ALA F 23 -5.52 20.45 -28.36
CA ALA F 23 -4.63 21.45 -28.92
C ALA F 23 -5.44 22.39 -29.78
N ALA F 24 -5.49 23.65 -29.40
CA ALA F 24 -6.24 24.65 -30.14
C ALA F 24 -5.32 25.40 -31.10
N SER F 25 -5.87 25.88 -32.20
CA SER F 25 -5.10 26.61 -33.19
C SER F 25 -6.07 27.35 -34.10
N GLY F 26 -5.62 28.47 -34.67
CA GLY F 26 -6.47 29.24 -35.57
C GLY F 26 -7.31 30.32 -34.91
N PHE F 27 -7.19 30.48 -33.60
CA PHE F 27 -7.94 31.49 -32.88
C PHE F 27 -7.21 31.81 -31.57
N THR F 28 -7.55 32.93 -30.96
CA THR F 28 -6.91 33.32 -29.71
C THR F 28 -7.48 32.48 -28.57
N PHE F 29 -6.91 31.29 -28.41
CA PHE F 29 -7.31 30.34 -27.39
C PHE F 29 -7.56 30.97 -26.04
N SER F 30 -6.64 31.84 -25.62
CA SER F 30 -6.74 32.52 -24.34
C SER F 30 -7.93 33.44 -24.13
N GLY F 31 -8.60 33.84 -25.20
CA GLY F 31 -9.74 34.73 -25.08
C GLY F 31 -11.09 34.06 -24.99
N TYR F 32 -11.10 32.74 -25.05
CA TYR F 32 -12.35 31.99 -25.03
C TYR F 32 -12.42 30.89 -24.00
N GLY F 33 -13.64 30.60 -23.58
CA GLY F 33 -13.84 29.54 -22.61
C GLY F 33 -13.87 28.24 -23.39
N MET F 34 -13.54 27.14 -22.75
CA MET F 34 -13.52 25.86 -23.44
C MET F 34 -14.39 24.88 -22.70
N HIS F 35 -14.98 23.95 -23.45
CA HIS F 35 -15.86 22.93 -22.90
C HIS F 35 -15.45 21.54 -23.32
N TRP F 36 -15.78 20.56 -22.48
CA TRP F 36 -15.53 19.17 -22.75
C TRP F 36 -16.91 18.50 -22.82
N VAL F 37 -17.24 17.89 -23.94
CA VAL F 37 -18.52 17.23 -24.13
C VAL F 37 -18.25 15.82 -24.61
N ARG F 38 -18.85 14.84 -23.95
CA ARG F 38 -18.66 13.45 -24.34
C ARG F 38 -19.89 12.86 -25.01
N GLN F 39 -19.67 11.81 -25.79
CA GLN F 39 -20.77 11.16 -26.47
C GLN F 39 -20.60 9.64 -26.36
N ALA F 40 -21.42 9.02 -25.51
CA ALA F 40 -21.37 7.58 -25.31
C ALA F 40 -21.64 6.88 -26.65
N PRO F 41 -21.10 5.66 -26.83
CA PRO F 41 -21.29 4.91 -28.07
C PRO F 41 -22.77 4.76 -28.38
N GLY F 42 -23.20 5.37 -29.48
CA GLY F 42 -24.60 5.27 -29.88
C GLY F 42 -25.60 6.01 -29.02
N LYS F 43 -25.13 7.02 -28.32
CA LYS F 43 -26.01 7.80 -27.47
C LYS F 43 -25.85 9.27 -27.76
N GLY F 44 -26.56 10.09 -27.00
CA GLY F 44 -26.49 11.53 -27.20
C GLY F 44 -25.27 12.18 -26.59
N LEU F 45 -25.17 13.49 -26.81
CA LEU F 45 -24.09 14.30 -26.31
C LEU F 45 -24.35 14.57 -24.83
N GLU F 46 -23.28 14.61 -24.05
CA GLU F 46 -23.35 14.87 -22.61
C GLU F 46 -22.27 15.88 -22.24
N TRP F 47 -22.67 16.95 -21.55
CA TRP F 47 -21.73 17.97 -21.15
C TRP F 47 -20.89 17.48 -19.98
N VAL F 48 -19.58 17.60 -20.11
CA VAL F 48 -18.68 17.16 -19.04
C VAL F 48 -18.16 18.31 -18.20
N ALA F 49 -17.63 19.35 -18.83
CA ALA F 49 -17.10 20.49 -18.06
C ALA F 49 -16.76 21.70 -18.89
N LEU F 50 -16.50 22.82 -18.20
CA LEU F 50 -16.10 24.07 -18.86
C LEU F 50 -15.09 24.83 -18.03
N ILE F 51 -14.33 25.69 -18.68
CA ILE F 51 -13.35 26.53 -18.00
C ILE F 51 -13.32 27.87 -18.71
N SER F 52 -13.38 28.95 -17.92
CA SER F 52 -13.36 30.31 -18.46
C SER F 52 -12.02 30.64 -19.08
N TYR F 53 -12.00 31.65 -19.94
CA TYR F 53 -10.77 32.06 -20.62
C TYR F 53 -9.67 32.38 -19.62
N ASP F 54 -10.04 33.02 -18.51
CA ASP F 54 -9.08 33.39 -17.47
C ASP F 54 -8.89 32.33 -16.38
N GLU F 55 -9.36 31.11 -16.65
CA GLU F 55 -9.24 29.99 -15.73
C GLU F 55 -9.93 30.15 -14.38
N SER F 56 -10.62 31.26 -14.16
CA SER F 56 -11.27 31.49 -12.88
C SER F 56 -12.43 30.52 -12.62
N ASN F 57 -13.37 30.48 -13.56
CA ASN F 57 -14.54 29.63 -13.44
C ASN F 57 -14.37 28.28 -14.08
N LYS F 58 -14.60 27.23 -13.31
CA LYS F 58 -14.49 25.87 -13.80
C LYS F 58 -15.70 25.10 -13.27
N TYR F 59 -16.55 24.61 -14.18
CA TYR F 59 -17.76 23.87 -13.79
C TYR F 59 -17.70 22.46 -14.34
N TYR F 60 -18.30 21.51 -13.63
CA TYR F 60 -18.30 20.12 -14.04
C TYR F 60 -19.69 19.47 -13.96
N ALA F 61 -19.91 18.42 -14.74
CA ALA F 61 -21.17 17.70 -14.71
C ALA F 61 -21.15 16.93 -13.39
N ASP F 62 -22.30 16.78 -12.76
CA ASP F 62 -22.39 16.08 -11.48
C ASP F 62 -21.77 14.68 -11.52
N SER F 63 -21.91 13.99 -12.64
CA SER F 63 -21.37 12.64 -12.77
C SER F 63 -19.84 12.58 -12.71
N VAL F 64 -19.17 13.66 -13.11
CA VAL F 64 -17.72 13.68 -13.11
C VAL F 64 -17.11 14.56 -12.02
N LYS F 65 -17.96 15.28 -11.30
CA LYS F 65 -17.52 16.16 -10.22
C LYS F 65 -16.64 15.40 -9.22
N GLY F 66 -15.40 15.85 -9.06
CA GLY F 66 -14.50 15.21 -8.12
C GLY F 66 -13.56 14.21 -8.75
N ARG F 67 -14.00 13.61 -9.86
CA ARG F 67 -13.20 12.62 -10.58
C ARG F 67 -12.42 13.32 -11.66
N PHE F 68 -13.13 14.06 -12.50
CA PHE F 68 -12.52 14.80 -13.59
C PHE F 68 -12.08 16.16 -13.06
N THR F 69 -11.20 16.81 -13.81
CA THR F 69 -10.67 18.09 -13.42
C THR F 69 -10.23 18.77 -14.72
N ILE F 70 -10.66 20.01 -14.92
CA ILE F 70 -10.33 20.73 -16.14
C ILE F 70 -9.29 21.84 -15.90
N SER F 71 -8.49 22.11 -16.92
CA SER F 71 -7.47 23.15 -16.84
C SER F 71 -6.98 23.47 -18.23
N ARG F 72 -6.25 24.57 -18.37
CA ARG F 72 -5.73 25.00 -19.66
C ARG F 72 -4.38 25.63 -19.48
N ASP F 73 -3.60 25.61 -20.55
CA ASP F 73 -2.27 26.21 -20.56
C ASP F 73 -2.33 27.23 -21.68
N ASN F 74 -2.75 28.44 -21.33
CA ASN F 74 -2.90 29.52 -22.29
C ASN F 74 -1.66 29.80 -23.14
N SER F 75 -0.48 29.45 -22.63
CA SER F 75 0.74 29.66 -23.38
C SER F 75 0.93 28.58 -24.44
N LYS F 76 0.53 27.36 -24.10
CA LYS F 76 0.64 26.21 -25.00
C LYS F 76 -0.60 26.05 -25.89
N ASN F 77 -1.62 26.87 -25.64
CA ASN F 77 -2.87 26.81 -26.40
C ASN F 77 -3.49 25.42 -26.32
N THR F 78 -3.44 24.83 -25.13
CA THR F 78 -3.96 23.50 -24.92
C THR F 78 -4.89 23.40 -23.74
N LEU F 79 -5.99 22.68 -23.92
CA LEU F 79 -6.99 22.45 -22.89
C LEU F 79 -6.77 21.03 -22.42
N TYR F 80 -6.96 20.78 -21.14
CA TYR F 80 -6.75 19.46 -20.55
C TYR F 80 -7.95 18.97 -19.75
N LEU F 81 -8.03 17.66 -19.58
CA LEU F 81 -9.09 17.06 -18.79
C LEU F 81 -8.46 15.89 -18.11
N GLN F 82 -8.38 15.96 -16.79
CA GLN F 82 -7.81 14.90 -16.00
C GLN F 82 -8.97 14.02 -15.60
N MET F 83 -8.90 12.74 -15.92
CA MET F 83 -9.95 11.80 -15.61
C MET F 83 -9.47 10.76 -14.64
N ASN F 84 -9.93 10.83 -13.40
CA ASN F 84 -9.54 9.86 -12.38
C ASN F 84 -10.75 8.99 -12.04
N SER F 85 -10.47 7.83 -11.44
CA SER F 85 -11.51 6.89 -11.03
C SER F 85 -12.45 6.59 -12.22
N LEU F 86 -11.86 6.31 -13.37
CA LEU F 86 -12.64 5.99 -14.55
C LEU F 86 -13.55 4.82 -14.28
N ARG F 87 -14.80 4.95 -14.69
CA ARG F 87 -15.80 3.91 -14.53
C ARG F 87 -16.14 3.51 -15.96
N ALA F 88 -16.79 2.36 -16.14
CA ALA F 88 -17.15 1.92 -17.48
C ALA F 88 -18.06 2.93 -18.13
N GLU F 89 -18.90 3.56 -17.32
CA GLU F 89 -19.86 4.57 -17.75
C GLU F 89 -19.21 5.72 -18.55
N ASP F 90 -17.92 5.96 -18.29
CA ASP F 90 -17.19 7.04 -18.96
C ASP F 90 -16.75 6.71 -20.37
N THR F 91 -17.02 5.50 -20.82
CA THR F 91 -16.62 5.12 -22.16
C THR F 91 -17.36 6.05 -23.12
N ALA F 92 -16.61 6.80 -23.93
CA ALA F 92 -17.23 7.72 -24.87
C ALA F 92 -16.19 8.46 -25.70
N VAL F 93 -16.67 9.15 -26.72
CA VAL F 93 -15.82 9.97 -27.56
C VAL F 93 -15.84 11.34 -26.85
N TYR F 94 -14.67 11.86 -26.52
CA TYR F 94 -14.62 13.15 -25.85
C TYR F 94 -14.22 14.25 -26.81
N TYR F 95 -15.06 15.28 -26.88
CA TYR F 95 -14.81 16.42 -27.74
C TYR F 95 -14.55 17.63 -26.89
N CYS F 96 -13.69 18.52 -27.37
CA CYS F 96 -13.44 19.76 -26.67
C CYS F 96 -14.10 20.77 -27.60
N ALA F 97 -14.83 21.71 -27.02
CA ALA F 97 -15.55 22.70 -27.79
C ALA F 97 -15.27 24.10 -27.32
N LYS F 98 -15.07 24.98 -28.28
CA LYS F 98 -14.80 26.39 -28.06
C LYS F 98 -16.15 27.11 -28.05
N VAL F 99 -16.25 28.19 -27.27
CA VAL F 99 -17.50 28.96 -27.21
C VAL F 99 -17.39 30.08 -28.24
N LYS F 100 -18.52 30.58 -28.72
CA LYS F 100 -18.54 31.63 -29.75
C LYS F 100 -18.13 33.02 -29.28
N PHE F 101 -18.49 33.36 -28.06
CA PHE F 101 -18.17 34.67 -27.55
C PHE F 101 -18.12 34.72 -26.04
N TYR F 102 -17.75 35.86 -25.50
CA TYR F 102 -17.64 36.01 -24.05
C TYR F 102 -19.01 36.20 -23.39
N ASP F 103 -19.73 35.10 -23.25
CA ASP F 103 -21.05 35.14 -22.61
C ASP F 103 -21.25 33.74 -22.07
N PRO F 104 -21.78 33.61 -20.84
CA PRO F 104 -22.04 32.33 -20.17
C PRO F 104 -22.93 31.39 -21.00
N THR F 105 -23.81 31.99 -21.80
CA THR F 105 -24.73 31.25 -22.64
C THR F 105 -24.18 31.03 -24.04
N ALA F 106 -22.93 31.42 -24.26
CA ALA F 106 -22.29 31.29 -25.56
C ALA F 106 -22.34 29.86 -26.09
N PRO F 107 -22.75 29.69 -27.35
CA PRO F 107 -22.83 28.37 -27.98
C PRO F 107 -21.46 27.85 -28.35
N ASN F 108 -21.34 26.52 -28.37
CA ASN F 108 -20.11 25.88 -28.73
C ASN F 108 -20.05 25.92 -30.24
N ASP F 109 -19.30 26.87 -30.77
CA ASP F 109 -19.19 27.05 -32.21
C ASP F 109 -18.22 26.14 -32.98
N TYR F 110 -17.17 25.68 -32.31
CA TYR F 110 -16.19 24.81 -32.96
C TYR F 110 -15.87 23.61 -32.07
N TRP F 111 -16.05 22.42 -32.62
CA TRP F 111 -15.79 21.18 -31.88
C TRP F 111 -14.60 20.45 -32.48
N GLY F 112 -13.94 19.65 -31.64
CA GLY F 112 -12.80 18.87 -32.09
C GLY F 112 -13.28 17.53 -32.64
N GLN F 113 -12.36 16.72 -33.15
CA GLN F 113 -12.73 15.43 -33.71
C GLN F 113 -13.07 14.39 -32.66
N GLY F 114 -12.47 14.52 -31.48
CA GLY F 114 -12.76 13.62 -30.39
C GLY F 114 -11.79 12.49 -30.16
N THR F 115 -11.71 12.05 -28.91
CA THR F 115 -10.85 10.95 -28.51
C THR F 115 -11.71 9.88 -27.87
N LEU F 116 -11.54 8.64 -28.31
CA LEU F 116 -12.31 7.54 -27.74
C LEU F 116 -11.61 7.14 -26.44
N VAL F 117 -12.39 7.04 -25.38
CA VAL F 117 -11.88 6.63 -24.08
C VAL F 117 -12.69 5.38 -23.77
N THR F 118 -12.08 4.22 -23.91
CA THR F 118 -12.78 2.96 -23.63
C THR F 118 -12.39 2.47 -22.25
N VAL F 119 -13.33 2.48 -21.31
CA VAL F 119 -13.07 2.00 -19.96
C VAL F 119 -13.67 0.62 -19.85
N SER F 120 -12.80 -0.38 -19.82
CA SER F 120 -13.20 -1.78 -19.78
C SER F 120 -12.35 -2.53 -18.78
N SER F 121 -12.92 -3.55 -18.15
CA SER F 121 -12.18 -4.38 -17.21
C SER F 121 -11.42 -5.47 -17.98
N GLY F 122 -11.76 -5.60 -19.26
CA GLY F 122 -11.10 -6.59 -20.10
C GLY F 122 -9.82 -6.04 -20.69
N SER F 123 -9.02 -6.93 -21.27
CA SER F 123 -7.75 -6.57 -21.88
C SER F 123 -7.88 -6.42 -23.40
N ALA F 124 -7.14 -5.49 -23.98
CA ALA F 124 -7.19 -5.30 -25.43
C ALA F 124 -6.74 -6.60 -26.06
N SER F 125 -7.49 -7.07 -27.04
CA SER F 125 -7.15 -8.30 -27.73
C SER F 125 -7.68 -8.34 -29.14
N ALA F 126 -7.10 -9.21 -29.96
CA ALA F 126 -7.51 -9.36 -31.34
C ALA F 126 -8.74 -10.25 -31.34
N PRO F 127 -9.61 -10.08 -32.35
CA PRO F 127 -10.83 -10.87 -32.47
C PRO F 127 -10.64 -12.37 -32.69
N THR F 128 -11.60 -13.18 -32.26
CA THR F 128 -11.59 -14.62 -32.47
C THR F 128 -12.65 -14.84 -33.54
N LEU F 129 -12.21 -15.20 -34.74
CA LEU F 129 -13.10 -15.43 -35.86
C LEU F 129 -13.79 -16.77 -35.82
N PHE F 130 -15.05 -16.79 -36.27
CA PHE F 130 -15.86 -17.98 -36.34
C PHE F 130 -16.69 -17.87 -37.62
N PRO F 131 -16.77 -18.95 -38.41
CA PRO F 131 -17.56 -18.89 -39.64
C PRO F 131 -19.05 -19.10 -39.38
N LEU F 132 -19.87 -18.41 -40.15
CA LEU F 132 -21.32 -18.53 -40.01
C LEU F 132 -21.87 -19.09 -41.31
N VAL F 133 -22.33 -20.34 -41.28
CA VAL F 133 -22.88 -20.97 -42.47
C VAL F 133 -24.35 -21.22 -42.24
N SER F 134 -25.17 -20.88 -43.24
CA SER F 134 -26.61 -21.07 -43.16
C SER F 134 -26.95 -22.56 -43.03
N CYS F 135 -27.85 -22.87 -42.11
CA CYS F 135 -28.27 -24.26 -41.87
C CYS F 135 -28.87 -24.86 -43.14
N GLU F 136 -28.21 -25.90 -43.66
CA GLU F 136 -28.63 -26.59 -44.88
C GLU F 136 -28.44 -25.72 -46.14
N ASN F 137 -27.71 -24.61 -45.97
CA ASN F 137 -27.43 -23.65 -47.05
C ASN F 137 -28.67 -22.91 -47.54
N SER F 138 -28.47 -21.73 -48.13
CA SER F 138 -29.59 -20.93 -48.62
C SER F 138 -29.96 -21.32 -50.05
N ASN F 139 -30.75 -22.39 -50.17
CA ASN F 139 -31.20 -22.87 -51.48
C ASN F 139 -32.40 -22.12 -52.09
N PRO F 140 -33.37 -21.65 -51.27
CA PRO F 140 -34.50 -20.93 -51.84
C PRO F 140 -34.25 -19.44 -52.01
N SER F 141 -33.07 -19.10 -52.55
CA SER F 141 -32.69 -17.71 -52.77
C SER F 141 -31.63 -17.66 -53.87
N SER F 142 -31.64 -16.58 -54.63
CA SER F 142 -30.70 -16.38 -55.73
C SER F 142 -29.28 -16.11 -55.21
N THR F 143 -29.16 -15.98 -53.89
CA THR F 143 -27.88 -15.71 -53.27
C THR F 143 -27.68 -16.43 -51.93
N VAL F 144 -26.67 -17.30 -51.88
CA VAL F 144 -26.35 -18.03 -50.67
C VAL F 144 -25.62 -17.04 -49.76
N ALA F 145 -26.01 -16.99 -48.49
CA ALA F 145 -25.39 -16.07 -47.56
C ALA F 145 -24.50 -16.78 -46.55
N VAL F 146 -23.23 -16.43 -46.56
CA VAL F 146 -22.26 -16.98 -45.61
C VAL F 146 -21.83 -15.78 -44.78
N GLY F 147 -21.45 -16.02 -43.53
CA GLY F 147 -21.07 -14.91 -42.69
C GLY F 147 -19.81 -15.16 -41.90
N CYS F 148 -19.40 -14.15 -41.15
CA CYS F 148 -18.21 -14.26 -40.35
C CYS F 148 -18.48 -13.55 -39.06
N LEU F 149 -18.15 -14.21 -37.95
CA LEU F 149 -18.37 -13.64 -36.65
C LEU F 149 -17.05 -13.39 -35.96
N ALA F 150 -16.76 -12.12 -35.70
CA ALA F 150 -15.52 -11.75 -35.01
C ALA F 150 -15.96 -11.38 -33.61
N GLN F 151 -15.35 -11.99 -32.60
CA GLN F 151 -15.72 -11.65 -31.22
C GLN F 151 -14.54 -11.53 -30.26
N ASP F 152 -14.86 -11.22 -29.01
CA ASP F 152 -13.87 -11.04 -27.95
C ASP F 152 -12.72 -10.10 -28.30
N PHE F 153 -13.01 -9.00 -28.98
CA PHE F 153 -11.97 -8.04 -29.33
C PHE F 153 -12.17 -6.70 -28.61
N LEU F 154 -11.07 -5.98 -28.47
CA LEU F 154 -11.05 -4.68 -27.81
C LEU F 154 -9.75 -4.04 -28.27
N PRO F 155 -9.79 -2.75 -28.63
CA PRO F 155 -10.95 -1.85 -28.64
C PRO F 155 -11.82 -2.09 -29.87
N ASP F 156 -12.91 -1.33 -29.98
CA ASP F 156 -13.82 -1.46 -31.11
C ASP F 156 -13.21 -0.82 -32.36
N SER F 157 -12.28 -1.53 -32.99
CA SER F 157 -11.64 -1.05 -34.20
C SER F 157 -11.25 -2.24 -35.06
N ILE F 158 -12.23 -2.74 -35.80
CA ILE F 158 -12.06 -3.89 -36.68
C ILE F 158 -12.56 -3.57 -38.08
N THR F 159 -11.94 -4.15 -39.09
CA THR F 159 -12.33 -3.92 -40.46
C THR F 159 -12.37 -5.25 -41.20
N PHE F 160 -13.56 -5.64 -41.61
CA PHE F 160 -13.75 -6.90 -42.32
C PHE F 160 -13.34 -6.77 -43.77
N SER F 161 -12.83 -7.86 -44.32
CA SER F 161 -12.39 -7.93 -45.71
C SER F 161 -12.68 -9.35 -46.18
N TRP F 162 -13.15 -9.50 -47.41
CA TRP F 162 -13.47 -10.82 -47.93
C TRP F 162 -12.77 -11.07 -49.26
N LYS F 163 -12.21 -12.27 -49.40
CA LYS F 163 -11.52 -12.67 -50.60
C LYS F 163 -12.05 -14.03 -51.02
N TYR F 164 -12.28 -14.22 -52.32
CA TYR F 164 -12.78 -15.51 -52.81
C TYR F 164 -11.63 -16.51 -52.67
N LYS F 165 -11.91 -17.79 -52.93
CA LYS F 165 -10.89 -18.82 -52.83
C LYS F 165 -9.70 -18.48 -53.73
N ASN F 166 -9.98 -17.92 -54.90
CA ASN F 166 -8.92 -17.53 -55.84
C ASN F 166 -8.25 -16.21 -55.45
N ASN F 167 -8.38 -15.86 -54.17
CA ASN F 167 -7.81 -14.65 -53.57
C ASN F 167 -8.03 -13.32 -54.29
N SER F 168 -9.28 -12.92 -54.38
CA SER F 168 -9.67 -11.66 -54.99
C SER F 168 -10.80 -11.13 -54.14
N ASP F 169 -10.94 -9.81 -54.06
CA ASP F 169 -11.99 -9.22 -53.22
C ASP F 169 -13.44 -9.49 -53.62
N ILE F 170 -14.26 -9.68 -52.59
CA ILE F 170 -15.69 -9.92 -52.78
C ILE F 170 -16.40 -8.59 -52.57
N SER F 171 -17.27 -8.23 -53.49
CA SER F 171 -18.00 -6.98 -53.42
C SER F 171 -19.21 -7.06 -52.50
N SER F 172 -19.99 -8.13 -52.65
CA SER F 172 -21.21 -8.33 -51.87
C SER F 172 -20.94 -8.62 -50.39
N THR F 173 -20.52 -7.59 -49.66
CA THR F 173 -20.23 -7.73 -48.25
C THR F 173 -21.09 -6.78 -47.43
N ARG F 174 -21.50 -7.23 -46.25
CA ARG F 174 -22.33 -6.45 -45.35
C ARG F 174 -21.61 -6.34 -44.02
N GLY F 175 -21.36 -5.11 -43.57
CA GLY F 175 -20.67 -4.91 -42.31
C GLY F 175 -21.61 -4.37 -41.25
N PHE F 176 -21.65 -5.04 -40.12
CA PHE F 176 -22.53 -4.62 -39.03
C PHE F 176 -21.73 -4.02 -37.87
N PRO F 177 -22.32 -3.04 -37.18
CA PRO F 177 -21.74 -2.34 -36.03
C PRO F 177 -21.42 -3.34 -34.92
N SER F 178 -20.41 -3.03 -34.12
CA SER F 178 -20.02 -3.92 -33.03
C SER F 178 -20.91 -3.82 -31.79
N VAL F 179 -21.24 -4.96 -31.21
CA VAL F 179 -22.05 -5.01 -30.01
C VAL F 179 -21.14 -5.28 -28.83
N LEU F 180 -21.46 -4.70 -27.68
CA LEU F 180 -20.65 -4.87 -26.49
C LEU F 180 -21.06 -6.09 -25.70
N ARG F 181 -20.29 -7.16 -25.86
CA ARG F 181 -20.57 -8.40 -25.17
C ARG F 181 -19.68 -8.44 -23.92
N GLY F 182 -20.19 -7.85 -22.84
CA GLY F 182 -19.46 -7.85 -21.58
C GLY F 182 -17.99 -7.46 -21.64
N GLY F 183 -17.72 -6.16 -21.71
CA GLY F 183 -16.35 -5.68 -21.75
C GLY F 183 -15.67 -5.76 -23.11
N LYS F 184 -15.98 -6.80 -23.88
CA LYS F 184 -15.39 -6.97 -25.21
C LYS F 184 -16.42 -6.75 -26.29
N TYR F 185 -15.96 -6.53 -27.50
CA TYR F 185 -16.88 -6.30 -28.60
C TYR F 185 -16.99 -7.52 -29.49
N ALA F 186 -18.07 -7.56 -30.25
CA ALA F 186 -18.34 -8.65 -31.19
C ALA F 186 -18.95 -7.99 -32.42
N ALA F 187 -18.57 -8.44 -33.61
CA ALA F 187 -19.09 -7.86 -34.83
C ALA F 187 -19.32 -8.94 -35.87
N THR F 188 -20.23 -8.66 -36.79
CA THR F 188 -20.64 -9.58 -37.84
C THR F 188 -20.39 -9.00 -39.24
N SER F 189 -20.16 -9.88 -40.20
CA SER F 189 -19.96 -9.49 -41.58
C SER F 189 -20.69 -10.58 -42.36
N GLN F 190 -21.20 -10.22 -43.53
CA GLN F 190 -21.96 -11.15 -44.33
C GLN F 190 -21.71 -10.96 -45.82
N VAL F 191 -21.66 -12.07 -46.55
CA VAL F 191 -21.44 -12.00 -47.99
C VAL F 191 -22.56 -12.72 -48.71
N LEU F 192 -23.04 -12.10 -49.78
CA LEU F 192 -24.13 -12.63 -50.58
C LEU F 192 -23.60 -13.11 -51.93
N LEU F 193 -23.50 -14.42 -52.11
CA LEU F 193 -23.00 -14.97 -53.37
C LEU F 193 -24.12 -15.56 -54.21
N PRO F 194 -24.12 -15.28 -55.52
CA PRO F 194 -25.15 -15.79 -56.44
C PRO F 194 -25.27 -17.32 -56.46
N SER F 195 -26.34 -17.82 -55.85
CA SER F 195 -26.62 -19.24 -55.76
C SER F 195 -26.82 -19.87 -57.14
N LYS F 196 -27.19 -19.05 -58.12
CA LYS F 196 -27.44 -19.48 -59.49
C LYS F 196 -26.27 -20.29 -60.07
N ASP F 197 -26.20 -21.58 -59.71
CA ASP F 197 -25.16 -22.49 -60.19
C ASP F 197 -23.77 -22.18 -59.60
N VAL F 198 -23.39 -20.91 -59.66
CA VAL F 198 -22.09 -20.47 -59.17
C VAL F 198 -22.05 -20.32 -57.65
N ALA F 199 -22.89 -21.10 -56.96
CA ALA F 199 -22.96 -21.07 -55.51
C ALA F 199 -21.70 -21.67 -54.88
N GLN F 200 -21.00 -22.52 -55.63
CA GLN F 200 -19.77 -23.17 -55.15
C GLN F 200 -18.96 -23.74 -56.32
N GLY F 201 -19.28 -24.98 -56.71
CA GLY F 201 -18.58 -25.62 -57.81
C GLY F 201 -17.13 -25.90 -57.48
N THR F 202 -16.26 -24.96 -57.82
CA THR F 202 -14.83 -25.09 -57.56
C THR F 202 -14.43 -24.38 -56.27
N ASN F 203 -15.02 -23.22 -56.02
CA ASN F 203 -14.72 -22.46 -54.82
C ASN F 203 -15.34 -23.14 -53.60
N GLU F 204 -14.55 -23.98 -52.94
CA GLU F 204 -15.03 -24.70 -51.76
C GLU F 204 -15.23 -23.79 -50.54
N HIS F 205 -14.77 -22.55 -50.65
CA HIS F 205 -14.91 -21.59 -49.54
C HIS F 205 -14.42 -20.20 -49.91
N VAL F 206 -14.63 -19.26 -48.98
CA VAL F 206 -14.19 -17.88 -49.13
C VAL F 206 -13.38 -17.54 -47.88
N VAL F 207 -12.69 -16.40 -47.90
CA VAL F 207 -11.88 -16.00 -46.76
C VAL F 207 -12.33 -14.69 -46.15
N CYS F 208 -12.50 -14.73 -44.84
CA CYS F 208 -12.93 -13.59 -44.04
C CYS F 208 -11.69 -13.07 -43.30
N LYS F 209 -11.35 -11.81 -43.53
CA LYS F 209 -10.19 -11.19 -42.88
C LYS F 209 -10.64 -10.02 -42.04
N VAL F 210 -9.94 -9.80 -40.92
CA VAL F 210 -10.27 -8.68 -40.05
C VAL F 210 -9.02 -7.95 -39.62
N GLN F 211 -9.09 -6.62 -39.69
CA GLN F 211 -8.01 -5.75 -39.29
C GLN F 211 -8.25 -5.37 -37.84
N HIS F 212 -7.19 -5.28 -37.06
CA HIS F 212 -7.31 -4.90 -35.66
C HIS F 212 -5.94 -4.53 -35.15
N PRO F 213 -5.84 -3.45 -34.36
CA PRO F 213 -4.56 -3.00 -33.81
C PRO F 213 -3.80 -4.09 -33.06
N ASN F 214 -4.56 -4.96 -32.37
CA ASN F 214 -3.95 -6.05 -31.61
C ASN F 214 -3.74 -7.33 -32.41
N GLY F 215 -3.90 -7.24 -33.73
CA GLY F 215 -3.70 -8.42 -34.57
C GLY F 215 -4.75 -8.66 -35.63
N ASN F 216 -4.27 -8.81 -36.87
CA ASN F 216 -5.15 -9.07 -38.01
C ASN F 216 -5.30 -10.58 -38.06
N LYS F 217 -6.53 -11.06 -38.27
CA LYS F 217 -6.78 -12.50 -38.34
C LYS F 217 -7.70 -12.84 -39.50
N GLU F 218 -7.69 -14.10 -39.91
CA GLU F 218 -8.55 -14.54 -41.00
C GLU F 218 -9.06 -15.96 -40.78
N LYS F 219 -10.11 -16.31 -41.50
CA LYS F 219 -10.71 -17.64 -41.40
C LYS F 219 -11.37 -17.99 -42.73
N ASP F 220 -11.54 -19.29 -42.96
CA ASP F 220 -12.17 -19.77 -44.18
C ASP F 220 -13.63 -20.04 -43.88
N VAL F 221 -14.51 -19.53 -44.72
CA VAL F 221 -15.93 -19.76 -44.54
C VAL F 221 -16.36 -20.71 -45.67
N PRO F 222 -16.75 -21.94 -45.32
CA PRO F 222 -17.19 -22.94 -46.30
C PRO F 222 -18.46 -22.53 -47.05
N LEU F 223 -18.56 -22.95 -48.30
CA LEU F 223 -19.72 -22.63 -49.13
C LEU F 223 -20.64 -23.84 -49.24
N ASP G 4 7.65 29.50 5.45
CA ASP G 4 8.54 28.87 4.41
C ASP G 4 8.01 27.55 3.87
N GLN G 5 7.41 26.72 4.72
CA GLN G 5 6.88 25.43 4.29
C GLN G 5 5.85 25.60 3.17
N GLN G 6 4.78 26.32 3.46
CA GLN G 6 3.71 26.52 2.48
C GLN G 6 4.20 27.21 1.22
N SER G 7 5.29 27.95 1.32
CA SER G 7 5.85 28.64 0.16
C SER G 7 6.63 27.61 -0.67
N ALA G 8 7.34 26.73 0.02
CA ALA G 8 8.14 25.67 -0.61
C ALA G 8 7.21 24.72 -1.37
N PHE G 9 6.16 24.29 -0.68
CA PHE G 9 5.17 23.39 -1.27
C PHE G 9 4.71 23.82 -2.66
N TYR G 10 4.47 25.11 -2.86
CA TYR G 10 4.02 25.59 -4.16
C TYR G 10 5.12 25.70 -5.20
N GLU G 11 6.28 26.18 -4.78
CA GLU G 11 7.43 26.32 -5.68
C GLU G 11 7.77 24.96 -6.29
N ILE G 12 7.83 23.95 -5.42
CA ILE G 12 8.14 22.58 -5.81
C ILE G 12 7.02 21.95 -6.62
N LEU G 13 5.78 22.22 -6.21
CA LEU G 13 4.59 21.70 -6.88
C LEU G 13 4.59 22.11 -8.35
N ASN G 14 5.15 23.29 -8.63
CA ASN G 14 5.18 23.82 -9.99
C ASN G 14 6.47 23.64 -10.78
N MET G 15 7.51 23.09 -10.15
CA MET G 15 8.78 22.87 -10.84
C MET G 15 8.50 21.97 -12.04
N PRO G 16 8.78 22.48 -13.25
CA PRO G 16 8.60 21.83 -14.56
C PRO G 16 9.63 20.80 -15.01
N ASN G 17 10.66 20.58 -14.22
CA ASN G 17 11.69 19.63 -14.61
C ASN G 17 11.78 18.42 -13.70
N LEU G 18 11.10 18.46 -12.56
CA LEU G 18 11.10 17.33 -11.64
C LEU G 18 9.97 16.44 -12.10
N ASN G 19 10.15 15.13 -12.02
CA ASN G 19 9.08 14.23 -12.42
C ASN G 19 8.23 13.95 -11.18
N GLU G 20 7.00 13.50 -11.38
CA GLU G 20 6.09 13.21 -10.29
C GLU G 20 6.74 12.48 -9.12
N ALA G 21 7.57 11.51 -9.43
CA ALA G 21 8.26 10.74 -8.39
C ALA G 21 9.12 11.65 -7.51
N GLN G 22 9.92 12.50 -8.14
CA GLN G 22 10.79 13.42 -7.41
C GLN G 22 9.97 14.47 -6.68
N ARG G 23 9.01 15.06 -7.38
CA ARG G 23 8.11 16.09 -6.82
C ARG G 23 7.45 15.58 -5.54
N ASN G 24 6.91 14.37 -5.60
CA ASN G 24 6.25 13.77 -4.45
C ASN G 24 7.22 13.54 -3.31
N GLY G 25 8.44 13.17 -3.67
CA GLY G 25 9.46 12.92 -2.68
C GLY G 25 9.79 14.15 -1.88
N PHE G 26 10.21 15.21 -2.58
CA PHE G 26 10.55 16.47 -1.92
C PHE G 26 9.38 16.99 -1.11
N ILE G 27 8.17 16.86 -1.64
CA ILE G 27 6.98 17.33 -0.93
C ILE G 27 6.72 16.54 0.35
N GLN G 28 6.93 15.23 0.31
CA GLN G 28 6.77 14.39 1.50
C GLN G 28 7.70 14.91 2.58
N SER G 29 8.93 15.30 2.20
CA SER G 29 9.92 15.81 3.15
C SER G 29 9.49 17.09 3.84
N LEU G 30 8.84 17.98 3.10
CA LEU G 30 8.38 19.24 3.69
C LEU G 30 7.40 18.92 4.82
N LYS G 31 6.75 17.78 4.71
CA LYS G 31 5.81 17.35 5.73
C LYS G 31 6.54 16.58 6.81
N ASP G 32 7.44 15.70 6.38
CA ASP G 32 8.24 14.86 7.26
C ASP G 32 9.04 15.71 8.22
N ASP G 33 9.64 16.77 7.70
CA ASP G 33 10.44 17.68 8.51
C ASP G 33 10.39 19.09 7.89
N PRO G 34 9.38 19.87 8.28
CA PRO G 34 9.20 21.24 7.78
C PRO G 34 10.41 22.17 8.00
N SER G 35 11.13 21.96 9.10
CA SER G 35 12.29 22.77 9.42
C SER G 35 13.27 22.79 8.24
N GLN G 36 13.34 21.68 7.53
CA GLN G 36 14.24 21.55 6.39
C GLN G 36 13.63 22.06 5.11
N SER G 37 12.53 22.80 5.18
CA SER G 37 11.90 23.31 3.98
C SER G 37 12.86 24.05 3.08
N THR G 38 13.66 24.94 3.66
CA THR G 38 14.62 25.73 2.89
C THR G 38 15.69 24.85 2.22
N ASN G 39 16.24 23.88 2.96
CA ASN G 39 17.24 22.97 2.42
C ASN G 39 16.61 22.11 1.32
N VAL G 40 15.46 21.51 1.64
CA VAL G 40 14.71 20.67 0.71
C VAL G 40 14.43 21.42 -0.59
N LEU G 41 13.93 22.64 -0.46
CA LEU G 41 13.63 23.47 -1.63
C LEU G 41 14.92 23.65 -2.42
N GLY G 42 16.01 23.89 -1.71
CA GLY G 42 17.31 24.07 -2.33
C GLY G 42 17.60 22.87 -3.21
N GLU G 43 17.61 21.68 -2.61
CA GLU G 43 17.88 20.46 -3.36
C GLU G 43 16.89 20.23 -4.49
N ALA G 44 15.66 20.69 -4.28
CA ALA G 44 14.60 20.55 -5.26
C ALA G 44 14.91 21.34 -6.52
N LYS G 45 15.24 22.62 -6.36
CA LYS G 45 15.55 23.47 -7.50
C LYS G 45 16.89 23.13 -8.13
N LYS G 46 17.84 22.68 -7.32
CA LYS G 46 19.17 22.27 -7.78
C LYS G 46 19.00 21.07 -8.71
N LEU G 47 18.04 20.20 -8.38
CA LEU G 47 17.76 19.03 -9.18
C LEU G 47 16.98 19.48 -10.41
N ASN G 48 16.00 20.36 -10.21
CA ASN G 48 15.20 20.86 -11.31
C ASN G 48 16.05 21.52 -12.40
N GLU G 49 17.10 22.23 -12.01
CA GLU G 49 17.97 22.90 -12.98
C GLU G 49 18.91 21.96 -13.75
N SER G 50 19.31 20.86 -13.12
CA SER G 50 20.20 19.91 -13.77
C SER G 50 19.48 19.10 -14.87
N GLN G 51 18.15 19.08 -14.80
CA GLN G 51 17.34 18.36 -15.80
C GLN G 51 16.59 19.38 -16.66
N ALA G 52 17.18 20.56 -16.84
CA ALA G 52 16.58 21.64 -17.62
C ALA G 52 16.83 21.57 -19.12
N PRO G 53 15.83 22.00 -19.93
CA PRO G 53 15.88 22.03 -21.39
C PRO G 53 16.57 23.30 -21.92
N LYS G 54 16.52 23.49 -23.24
CA LYS G 54 17.12 24.65 -23.88
C LYS G 54 16.50 24.83 -25.27
N PHE H 1 -1.33 29.23 0.28
CA PHE H 1 -2.81 29.35 0.43
C PHE H 1 -3.42 27.96 0.43
N ASN H 2 -4.73 27.90 0.20
CA ASN H 2 -5.50 26.66 0.15
C ASN H 2 -4.96 25.51 0.96
N LYS H 3 -5.10 25.59 2.28
CA LYS H 3 -4.66 24.52 3.16
C LYS H 3 -5.35 23.25 2.67
N ASP H 4 -6.48 23.42 1.99
CA ASP H 4 -7.25 22.32 1.43
C ASP H 4 -6.40 21.58 0.40
N GLN H 5 -5.73 22.33 -0.46
CA GLN H 5 -4.91 21.75 -1.52
C GLN H 5 -3.75 20.93 -0.98
N GLN H 6 -2.92 21.53 -0.12
CA GLN H 6 -1.79 20.77 0.41
C GLN H 6 -2.16 19.67 1.41
N SER H 7 -3.28 19.81 2.11
CA SER H 7 -3.68 18.77 3.06
C SER H 7 -4.26 17.60 2.27
N ALA H 8 -4.96 17.91 1.20
CA ALA H 8 -5.53 16.88 0.35
C ALA H 8 -4.34 16.16 -0.27
N PHE H 9 -3.35 16.95 -0.68
CA PHE H 9 -2.13 16.43 -1.30
C PHE H 9 -1.43 15.43 -0.38
N TYR H 10 -1.13 15.86 0.86
CA TYR H 10 -0.46 14.97 1.79
C TYR H 10 -1.30 13.76 2.17
N GLU H 11 -2.61 13.87 1.99
CA GLU H 11 -3.51 12.78 2.32
C GLU H 11 -3.42 11.75 1.19
N ILE H 12 -3.61 12.21 -0.04
CA ILE H 12 -3.53 11.35 -1.22
C ILE H 12 -2.15 10.70 -1.32
N LEU H 13 -1.11 11.50 -1.09
CA LEU H 13 0.26 11.02 -1.13
C LEU H 13 0.44 9.93 -0.07
N ASN H 14 -0.46 9.92 0.91
CA ASN H 14 -0.38 8.94 2.00
C ASN H 14 -1.41 7.82 1.88
N MET H 15 -2.00 7.66 0.70
CA MET H 15 -2.97 6.59 0.53
C MET H 15 -2.32 5.30 0.05
N PRO H 16 -2.43 4.25 0.87
CA PRO H 16 -1.90 2.90 0.69
C PRO H 16 -2.41 2.03 -0.46
N ASN H 17 -3.72 2.00 -0.64
CA ASN H 17 -4.34 1.17 -1.67
C ASN H 17 -4.36 1.74 -3.09
N LEU H 18 -4.07 3.03 -3.23
CA LEU H 18 -4.03 3.63 -4.56
C LEU H 18 -2.69 3.25 -5.16
N ASN H 19 -2.66 3.04 -6.48
CA ASN H 19 -1.40 2.70 -7.13
C ASN H 19 -0.76 4.04 -7.52
N GLU H 20 0.55 4.04 -7.76
CA GLU H 20 1.25 5.25 -8.13
C GLU H 20 0.56 6.08 -9.19
N ALA H 21 0.08 5.42 -10.25
CA ALA H 21 -0.61 6.12 -11.33
C ALA H 21 -1.88 6.84 -10.88
N GLN H 22 -2.59 6.25 -9.93
CA GLN H 22 -3.82 6.85 -9.43
C GLN H 22 -3.49 8.01 -8.51
N ARG H 23 -2.44 7.85 -7.72
CA ARG H 23 -2.00 8.86 -6.77
C ARG H 23 -1.59 10.14 -7.48
N ASN H 24 -0.85 10.01 -8.57
CA ASN H 24 -0.40 11.17 -9.34
C ASN H 24 -1.54 11.74 -10.18
N GLY H 25 -2.52 10.90 -10.48
CA GLY H 25 -3.68 11.33 -11.25
C GLY H 25 -4.49 12.27 -10.38
N PHE H 26 -4.81 11.82 -9.16
CA PHE H 26 -5.57 12.63 -8.21
C PHE H 26 -4.81 13.90 -7.83
N ILE H 27 -3.48 13.83 -7.90
CA ILE H 27 -2.65 14.98 -7.59
C ILE H 27 -2.64 15.95 -8.77
N GLN H 28 -2.75 15.42 -9.98
CA GLN H 28 -2.80 16.28 -11.15
C GLN H 28 -4.06 17.16 -11.01
N SER H 29 -5.14 16.58 -10.52
CA SER H 29 -6.40 17.29 -10.33
C SER H 29 -6.27 18.38 -9.27
N LEU H 30 -5.66 18.06 -8.14
CA LEU H 30 -5.46 19.05 -7.08
C LEU H 30 -4.66 20.24 -7.62
N LYS H 31 -3.78 19.96 -8.58
CA LYS H 31 -2.97 21.00 -9.20
C LYS H 31 -3.84 21.73 -10.21
N ASP H 32 -4.63 20.98 -10.97
CA ASP H 32 -5.52 21.50 -12.02
C ASP H 32 -6.63 22.45 -11.55
N ASP H 33 -7.21 22.16 -10.39
CA ASP H 33 -8.31 22.96 -9.86
C ASP H 33 -8.40 22.77 -8.35
N PRO H 34 -7.47 23.38 -7.59
CA PRO H 34 -7.42 23.28 -6.13
C PRO H 34 -8.71 23.60 -5.39
N SER H 35 -9.62 24.30 -6.04
CA SER H 35 -10.91 24.65 -5.43
C SER H 35 -11.67 23.36 -5.11
N GLN H 36 -11.39 22.33 -5.90
CA GLN H 36 -12.00 21.02 -5.76
C GLN H 36 -11.28 20.06 -4.84
N SER H 37 -10.25 20.53 -4.14
CA SER H 37 -9.48 19.67 -3.24
C SER H 37 -10.29 18.68 -2.41
N THR H 38 -11.41 19.14 -1.86
CA THR H 38 -12.28 18.30 -1.04
C THR H 38 -12.93 17.16 -1.83
N ASN H 39 -13.54 17.49 -2.96
CA ASN H 39 -14.20 16.50 -3.80
C ASN H 39 -13.20 15.58 -4.46
N VAL H 40 -12.04 16.11 -4.82
CA VAL H 40 -11.01 15.31 -5.45
C VAL H 40 -10.48 14.36 -4.39
N LEU H 41 -10.34 14.85 -3.17
CA LEU H 41 -9.87 14.02 -2.08
C LEU H 41 -10.88 12.90 -1.86
N GLY H 42 -12.16 13.26 -1.87
CA GLY H 42 -13.21 12.29 -1.68
C GLY H 42 -13.16 11.13 -2.65
N GLU H 43 -13.10 11.40 -3.95
CA GLU H 43 -13.06 10.33 -4.95
C GLU H 43 -11.86 9.41 -4.74
N ALA H 44 -10.72 9.99 -4.39
CA ALA H 44 -9.51 9.24 -4.12
C ALA H 44 -9.75 8.38 -2.90
N LYS H 45 -10.37 8.96 -1.89
CA LYS H 45 -10.68 8.27 -0.66
C LYS H 45 -11.69 7.14 -0.92
N LYS H 46 -12.65 7.42 -1.80
CA LYS H 46 -13.69 6.46 -2.17
C LYS H 46 -13.05 5.33 -2.98
N LEU H 47 -11.93 5.63 -3.64
CA LEU H 47 -11.21 4.64 -4.43
C LEU H 47 -10.26 3.81 -3.56
N ASN H 48 -9.53 4.48 -2.68
CA ASN H 48 -8.61 3.80 -1.78
C ASN H 48 -9.43 2.83 -0.95
N GLU H 49 -10.62 3.28 -0.56
CA GLU H 49 -11.57 2.51 0.21
C GLU H 49 -11.82 1.15 -0.41
N SER H 50 -12.21 1.14 -1.68
CA SER H 50 -12.54 -0.08 -2.39
C SER H 50 -11.37 -1.01 -2.65
N GLN H 51 -10.23 -0.45 -3.04
CA GLN H 51 -9.06 -1.26 -3.33
C GLN H 51 -8.36 -1.78 -2.07
N ALA H 52 -8.89 -1.45 -0.90
CA ALA H 52 -8.31 -1.90 0.36
C ALA H 52 -8.61 -3.39 0.52
N PRO H 53 -7.56 -4.23 0.52
CA PRO H 53 -7.69 -5.69 0.65
C PRO H 53 -8.16 -6.21 2.03
N LYS H 54 -7.51 -5.73 3.10
CA LYS H 54 -7.78 -6.11 4.50
C LYS H 54 -7.04 -7.39 4.92
#